data_9GMW
#
_entry.id   9GMW
#
_cell.length_a   1.00
_cell.length_b   1.00
_cell.length_c   1.00
_cell.angle_alpha   90.00
_cell.angle_beta   90.00
_cell.angle_gamma   90.00
#
_symmetry.space_group_name_H-M   'P 1'
#
loop_
_entity.id
_entity.type
_entity.pdbx_description
1 polymer 'Schlafen family member 11'
2 polymer 'RNA (86-MER)'
3 non-polymer 'ZINC ION'
4 non-polymer 'MANGANESE (II) ION'
5 non-polymer 'MAGNESIUM ION'
#
loop_
_entity_poly.entity_id
_entity_poly.type
_entity_poly.pdbx_seq_one_letter_code
_entity_poly.pdbx_strand_id
1 'polypeptide(L)'
;MADYKDDDDKGTDYKDDDDKLEVLFQGPMEANQCPLVVEPSYPDLVINVGEVTLGEENRKKLQKIQRDQEKERVMRAACA
LLNSGGGVIRMAKKVEHPVEMGLDLEQSLRELIQSSDLQAFFETKQQGRCFYIFVKSWSSGPFPEDRSVKPRLCSLSSSL
YRRSETSVRSMDSREAFCFLKTKRKPKILEEGPFHKIHKGVYQELPNSDPADPNSDPADLIFQKDYLEYGEILPFPESQL
VEFKQFSTKHFQEYVKRTIPEYVPAFANTGGGYLFIGVDDKSREVLGCAKENVDPDSLRRKIEQAIYKLPCVHFCQPQRP
ITFTLKIVNVLKRGELYGYACMIRVNPFCCAVFSEAPNSWIVEDKYVCSLTTEKWVGMMTDTDPDLLQLSEDFECQLSLS
SGPPLSRPVYSKKGLEHKKELQQLLFSVPPGYLRYTPESLWRDLISEHRGLEELINKQMQPFFRGILIFSRSWAVDLNLQ
EKPGVICDALLIAQNSTPILYTILREQDAEGQDYCTRTAFTLKQKLVNMGGYTGKVCVRAKVLCLSPESSAEALEAAVSP
MDYPASYSLAGTQHMEALLQSLVIVLLGFRSLLSDQLGCEVLNLLTAQQYEIFSRSLRKNRELFVHGLPGSGKTIMAMKI
MEKIRNVFHCEAHRILYVCENQPLRNFISDRNICRAETRKTFLRENFEHIQHIVIDEAQNFRTEDGDWYGKAKSITRRAK
GGPGILWIFLDYFQTSHLDCSGLPPLSDQYPREELTRIVRNADPIAKYLQKEMQVIRSNPSFNIPTGCLEVFPEAEWSQG
VQGTLRIKKYLTVEQIMTCVADTCRRFFDRGYSPKDVAVLVSTAKEVEHYKYELLKAMRKKRVVQLSDACDMLGDHIVLD
SVRRFSGLERSIVFGIHPRTADPAILPNVLICLASRAKQHLYIFPWGGH
;
A,B
2 'polyribonucleotide'
;ACCAGGAUGGCCGAGUGGUUAAGGCGUUGGACUUAAGAUCCAAUGGACAUAUGUCCGCGUGGGUUCGAACCCCACUCCUG
GUACCA
;
T
#
loop_
_chem_comp.id
_chem_comp.type
_chem_comp.name
_chem_comp.formula
A RNA linking ADENOSINE-5'-MONOPHOSPHATE 'C10 H14 N5 O7 P'
C RNA linking CYTIDINE-5'-MONOPHOSPHATE 'C9 H14 N3 O8 P'
G RNA linking GUANOSINE-5'-MONOPHOSPHATE 'C10 H14 N5 O8 P'
MG non-polymer 'MAGNESIUM ION' 'Mg 2'
MN non-polymer 'MANGANESE (II) ION' 'Mn 2'
U RNA linking URIDINE-5'-MONOPHOSPHATE 'C9 H13 N2 O9 P'
ZN non-polymer 'ZINC ION' 'Zn 2'
#
# COMPACT_ATOMS: atom_id res chain seq x y z
N PRO A 35 -37.00 -23.87 6.31
CA PRO A 35 -35.71 -23.22 6.57
C PRO A 35 -34.51 -24.15 6.33
N LEU A 36 -33.32 -23.56 6.30
CA LEU A 36 -32.08 -24.28 6.07
C LEU A 36 -31.32 -24.38 7.38
N VAL A 37 -30.75 -25.55 7.65
CA VAL A 37 -30.06 -25.82 8.90
C VAL A 37 -28.74 -26.53 8.60
N VAL A 38 -27.70 -26.17 9.35
CA VAL A 38 -26.40 -26.80 9.17
C VAL A 38 -26.42 -28.18 9.81
N GLU A 39 -26.00 -29.18 9.05
CA GLU A 39 -25.96 -30.54 9.57
C GLU A 39 -24.88 -30.65 10.65
N PRO A 40 -25.13 -31.36 11.75
CA PRO A 40 -24.24 -31.26 12.92
C PRO A 40 -23.08 -32.23 12.93
N SER A 41 -23.11 -33.29 12.13
CA SER A 41 -22.19 -34.40 12.27
C SER A 41 -20.96 -34.28 11.36
N TYR A 42 -20.58 -33.07 10.96
CA TYR A 42 -19.50 -32.94 9.99
C TYR A 42 -18.43 -31.98 10.50
N PRO A 43 -17.19 -32.14 10.04
CA PRO A 43 -16.12 -31.21 10.44
C PRO A 43 -16.11 -29.94 9.62
N ASP A 44 -17.20 -29.67 8.91
CA ASP A 44 -17.30 -28.49 8.06
C ASP A 44 -18.74 -28.02 8.08
N LEU A 45 -18.96 -26.83 7.53
CA LEU A 45 -20.31 -26.30 7.37
C LEU A 45 -20.98 -27.02 6.22
N VAL A 46 -22.00 -27.81 6.52
CA VAL A 46 -22.75 -28.56 5.52
C VAL A 46 -24.20 -28.14 5.62
N ILE A 47 -24.79 -27.73 4.49
CA ILE A 47 -26.18 -27.32 4.42
C ILE A 47 -26.90 -28.30 3.50
N ASN A 48 -27.98 -28.88 4.02
CA ASN A 48 -28.77 -29.85 3.26
C ASN A 48 -29.99 -29.12 2.70
N VAL A 49 -30.01 -28.95 1.37
CA VAL A 49 -31.09 -28.19 0.72
C VAL A 49 -32.12 -29.16 0.15
N GLY A 50 -32.02 -30.43 0.50
CA GLY A 50 -33.04 -31.37 0.09
C GLY A 50 -32.92 -31.75 -1.38
N GLU A 51 -34.06 -32.06 -1.98
CA GLU A 51 -34.07 -32.49 -3.37
C GLU A 51 -34.11 -31.30 -4.31
N VAL A 52 -33.29 -31.36 -5.35
CA VAL A 52 -33.19 -30.31 -6.36
C VAL A 52 -33.13 -30.98 -7.72
N THR A 53 -33.87 -30.42 -8.68
CA THR A 53 -33.85 -30.93 -10.05
C THR A 53 -32.61 -30.41 -10.75
N LEU A 54 -31.76 -31.32 -11.22
CA LEU A 54 -30.50 -30.97 -11.84
C LEU A 54 -30.49 -31.42 -13.29
N GLY A 55 -29.67 -30.74 -14.10
CA GLY A 55 -29.68 -30.94 -15.53
C GLY A 55 -30.49 -29.87 -16.23
N GLU A 56 -29.95 -29.30 -17.30
CA GLU A 56 -30.68 -28.24 -17.99
C GLU A 56 -31.99 -28.76 -18.58
N GLU A 57 -31.95 -29.94 -19.18
CA GLU A 57 -33.16 -30.51 -19.77
C GLU A 57 -34.21 -30.85 -18.71
N ASN A 58 -33.79 -31.33 -17.55
CA ASN A 58 -34.73 -31.59 -16.46
C ASN A 58 -35.31 -30.30 -15.90
N ARG A 59 -34.48 -29.27 -15.73
CA ARG A 59 -34.97 -28.02 -15.16
C ARG A 59 -35.82 -27.24 -16.16
N LYS A 60 -35.67 -27.48 -17.46
CA LYS A 60 -36.54 -26.81 -18.43
C LYS A 60 -37.94 -27.41 -18.44
N LYS A 61 -38.12 -28.61 -17.90
CA LYS A 61 -39.43 -29.23 -17.86
C LYS A 61 -40.24 -28.82 -16.63
N LEU A 62 -39.64 -28.13 -15.68
CA LEU A 62 -40.35 -27.73 -14.48
C LEU A 62 -41.24 -26.54 -14.76
N GLN A 63 -42.15 -26.27 -13.82
CA GLN A 63 -42.82 -24.99 -13.78
C GLN A 63 -41.86 -23.94 -13.25
N LYS A 64 -42.01 -22.71 -13.75
CA LYS A 64 -41.09 -21.66 -13.35
C LYS A 64 -41.09 -21.46 -11.85
N ILE A 65 -42.23 -21.65 -11.18
CA ILE A 65 -42.29 -21.43 -9.74
C ILE A 65 -41.37 -22.42 -9.02
N GLN A 66 -41.46 -23.70 -9.36
CA GLN A 66 -40.60 -24.69 -8.70
C GLN A 66 -39.15 -24.47 -9.08
N ARG A 67 -38.88 -24.16 -10.34
CA ARG A 67 -37.51 -23.88 -10.78
C ARG A 67 -36.91 -22.75 -9.95
N ASP A 68 -37.67 -21.67 -9.77
CA ASP A 68 -37.18 -20.52 -9.03
C ASP A 68 -37.03 -20.82 -7.54
N GLN A 69 -37.93 -21.63 -6.98
CA GLN A 69 -37.80 -21.98 -5.56
C GLN A 69 -36.55 -22.82 -5.32
N GLU A 70 -36.29 -23.80 -6.17
CA GLU A 70 -35.07 -24.59 -6.04
C GLU A 70 -33.84 -23.71 -6.20
N LYS A 71 -33.87 -22.81 -7.18
CA LYS A 71 -32.75 -21.91 -7.40
C LYS A 71 -32.53 -21.03 -6.16
N GLU A 72 -33.61 -20.54 -5.57
CA GLU A 72 -33.50 -19.70 -4.38
C GLU A 72 -32.89 -20.48 -3.22
N ARG A 73 -33.30 -21.72 -3.03
CA ARG A 73 -32.71 -22.53 -1.97
C ARG A 73 -31.22 -22.71 -2.17
N VAL A 74 -30.82 -23.11 -3.38
CA VAL A 74 -29.40 -23.35 -3.63
C VAL A 74 -28.60 -22.07 -3.47
N MET A 75 -29.15 -20.95 -3.94
CA MET A 75 -28.42 -19.68 -3.84
C MET A 75 -28.33 -19.21 -2.41
N ARG A 76 -29.37 -19.44 -1.61
CA ARG A 76 -29.29 -19.13 -0.18
C ARG A 76 -28.15 -19.91 0.46
N ALA A 77 -28.09 -21.21 0.19
CA ALA A 77 -27.03 -22.02 0.76
C ALA A 77 -25.66 -21.53 0.31
N ALA A 78 -25.51 -21.23 -0.98
CA ALA A 78 -24.21 -20.80 -1.50
C ALA A 78 -23.80 -19.47 -0.90
N CYS A 79 -24.72 -18.52 -0.77
CA CYS A 79 -24.40 -17.23 -0.18
C CYS A 79 -24.02 -17.38 1.28
N ALA A 80 -24.75 -18.21 2.03
CA ALA A 80 -24.43 -18.42 3.42
C ALA A 80 -23.03 -19.02 3.57
N LEU A 81 -22.69 -20.01 2.73
CA LEU A 81 -21.38 -20.62 2.83
C LEU A 81 -20.28 -19.65 2.41
N LEU A 82 -20.54 -18.81 1.41
CA LEU A 82 -19.56 -17.82 1.01
C LEU A 82 -19.30 -16.83 2.14
N ASN A 83 -20.34 -16.43 2.85
CA ASN A 83 -20.20 -15.45 3.92
C ASN A 83 -19.75 -16.07 5.24
N SER A 84 -19.79 -17.39 5.38
CA SER A 84 -19.53 -18.05 6.65
C SER A 84 -18.24 -18.88 6.65
N GLY A 85 -17.37 -18.69 5.66
CA GLY A 85 -16.11 -19.39 5.64
C GLY A 85 -16.04 -20.60 4.74
N GLY A 86 -17.08 -20.88 3.97
CA GLY A 86 -17.07 -22.01 3.06
C GLY A 86 -17.76 -23.22 3.67
N GLY A 87 -17.91 -24.24 2.84
CA GLY A 87 -18.58 -25.45 3.27
C GLY A 87 -18.99 -26.32 2.10
N VAL A 88 -20.09 -27.04 2.28
CA VAL A 88 -20.64 -27.93 1.27
C VAL A 88 -22.14 -27.79 1.26
N ILE A 89 -22.73 -27.79 0.07
CA ILE A 89 -24.17 -27.81 -0.12
C ILE A 89 -24.55 -29.22 -0.56
N ARG A 90 -25.43 -29.87 0.19
CA ARG A 90 -25.89 -31.21 -0.13
C ARG A 90 -27.30 -31.13 -0.68
N MET A 91 -27.49 -31.68 -1.88
CA MET A 91 -28.80 -31.78 -2.49
C MET A 91 -28.98 -33.16 -3.09
N ALA A 92 -30.09 -33.81 -2.74
CA ALA A 92 -30.41 -35.09 -3.34
C ALA A 92 -30.93 -34.88 -4.76
N LYS A 93 -30.40 -35.66 -5.69
CA LYS A 93 -30.78 -35.54 -7.09
C LYS A 93 -31.65 -36.73 -7.49
N LYS A 94 -32.61 -36.45 -8.36
CA LYS A 94 -33.72 -37.36 -8.63
C LYS A 94 -33.35 -38.47 -9.60
N VAL A 95 -32.16 -38.45 -10.17
CA VAL A 95 -31.73 -39.44 -11.15
C VAL A 95 -30.39 -40.00 -10.72
N GLU A 96 -30.05 -41.17 -11.26
CA GLU A 96 -28.83 -41.87 -10.85
C GLU A 96 -27.62 -41.41 -11.64
N HIS A 97 -27.79 -41.06 -12.91
CA HIS A 97 -26.66 -40.78 -13.77
C HIS A 97 -26.15 -39.36 -13.58
N PRO A 98 -24.87 -39.11 -13.86
CA PRO A 98 -24.31 -37.76 -13.69
C PRO A 98 -25.04 -36.75 -14.55
N VAL A 99 -25.26 -35.56 -14.00
CA VAL A 99 -25.97 -34.49 -14.69
C VAL A 99 -25.23 -33.19 -14.46
N GLU A 100 -25.25 -32.33 -15.48
CA GLU A 100 -24.72 -30.98 -15.32
C GLU A 100 -25.59 -30.20 -14.33
N MET A 101 -24.98 -29.19 -13.71
CA MET A 101 -25.69 -28.44 -12.69
C MET A 101 -26.90 -27.71 -13.26
N GLY A 102 -26.76 -27.10 -14.42
CA GLY A 102 -27.83 -26.33 -15.02
C GLY A 102 -27.42 -24.89 -15.26
N LEU A 103 -27.85 -24.34 -16.39
CA LEU A 103 -27.42 -23.00 -16.78
C LEU A 103 -27.98 -21.92 -15.88
N ASP A 104 -29.22 -22.04 -15.41
CA ASP A 104 -29.76 -21.04 -14.49
C ASP A 104 -28.99 -21.01 -13.18
N LEU A 105 -28.68 -22.17 -12.63
CA LEU A 105 -27.88 -22.23 -11.41
C LEU A 105 -26.48 -21.66 -11.66
N GLU A 106 -25.87 -22.01 -12.79
CA GLU A 106 -24.56 -21.47 -13.14
C GLU A 106 -24.60 -19.95 -13.19
N GLN A 107 -25.62 -19.39 -13.84
CA GLN A 107 -25.70 -17.94 -13.98
C GLN A 107 -25.93 -17.27 -12.63
N SER A 108 -26.74 -17.89 -11.78
CA SER A 108 -26.94 -17.33 -10.45
C SER A 108 -25.64 -17.33 -9.66
N LEU A 109 -24.84 -18.39 -9.77
CA LEU A 109 -23.55 -18.41 -9.08
C LEU A 109 -22.60 -17.35 -9.65
N ARG A 110 -22.62 -17.18 -10.98
CA ARG A 110 -21.78 -16.14 -11.58
C ARG A 110 -22.18 -14.76 -11.10
N GLU A 111 -23.48 -14.49 -11.01
CA GLU A 111 -23.92 -13.24 -10.43
C GLU A 111 -23.48 -13.13 -8.98
N LEU A 112 -23.53 -14.24 -8.24
CA LEU A 112 -23.19 -14.23 -6.83
C LEU A 112 -21.75 -13.81 -6.59
N ILE A 113 -20.81 -14.36 -7.38
CA ILE A 113 -19.40 -14.03 -7.22
C ILE A 113 -18.95 -12.89 -8.13
N GLN A 114 -19.85 -12.31 -8.92
CA GLN A 114 -19.50 -11.25 -9.86
C GLN A 114 -18.31 -11.62 -10.72
N SER A 115 -18.33 -12.84 -11.26
CA SER A 115 -17.23 -13.30 -12.11
C SER A 115 -17.67 -14.57 -12.81
N SER A 116 -17.08 -14.80 -13.98
CA SER A 116 -17.27 -16.06 -14.69
C SER A 116 -16.34 -17.15 -14.17
N ASP A 117 -15.45 -16.83 -13.24
CA ASP A 117 -14.52 -17.80 -12.67
C ASP A 117 -15.18 -18.55 -11.52
N LEU A 118 -16.06 -19.48 -11.89
CA LEU A 118 -16.76 -20.27 -10.89
C LEU A 118 -15.80 -21.23 -10.20
N GLN A 119 -14.84 -21.77 -10.94
CA GLN A 119 -13.92 -22.77 -10.37
C GLN A 119 -13.18 -22.22 -9.16
N ALA A 120 -13.01 -20.90 -9.07
CA ALA A 120 -12.29 -20.31 -7.97
C ALA A 120 -12.99 -20.53 -6.63
N PHE A 121 -14.31 -20.68 -6.64
CA PHE A 121 -15.08 -20.81 -5.41
C PHE A 121 -15.89 -22.09 -5.34
N PHE A 122 -16.49 -22.51 -6.44
CA PHE A 122 -17.44 -23.62 -6.44
C PHE A 122 -16.83 -24.81 -7.16
N GLU A 123 -16.91 -25.98 -6.52
CA GLU A 123 -16.58 -27.25 -7.12
C GLU A 123 -17.68 -28.24 -6.77
N THR A 124 -18.03 -29.08 -7.73
CA THR A 124 -19.17 -29.98 -7.60
C THR A 124 -18.72 -31.42 -7.71
N LYS A 125 -19.24 -32.26 -6.81
CA LYS A 125 -19.07 -33.70 -6.89
C LYS A 125 -20.44 -34.36 -6.69
N GLN A 126 -20.61 -35.51 -7.32
CA GLN A 126 -21.87 -36.24 -7.24
C GLN A 126 -21.60 -37.72 -7.21
N GLN A 127 -22.35 -38.44 -6.38
CA GLN A 127 -22.25 -39.88 -6.29
C GLN A 127 -23.64 -40.43 -5.98
N GLY A 128 -24.06 -41.45 -6.72
CA GLY A 128 -25.37 -42.01 -6.49
C GLY A 128 -26.44 -40.96 -6.66
N ARG A 129 -27.30 -40.82 -5.65
CA ARG A 129 -28.38 -39.84 -5.65
C ARG A 129 -28.05 -38.60 -4.84
N CYS A 130 -26.77 -38.23 -4.77
CA CYS A 130 -26.34 -37.07 -3.99
C CYS A 130 -25.47 -36.17 -4.85
N PHE A 131 -25.65 -34.86 -4.72
CA PHE A 131 -24.91 -33.86 -5.46
C PHE A 131 -24.38 -32.83 -4.48
N TYR A 132 -23.07 -32.60 -4.51
CA TYR A 132 -22.41 -31.68 -3.59
C TYR A 132 -21.83 -30.50 -4.34
N ILE A 133 -21.98 -29.31 -3.76
CA ILE A 133 -21.29 -28.11 -4.22
C ILE A 133 -20.38 -27.66 -3.08
N PHE A 134 -19.07 -27.73 -3.30
CA PHE A 134 -18.12 -27.27 -2.30
C PHE A 134 -17.83 -25.79 -2.52
N VAL A 135 -18.09 -24.98 -1.51
CA VAL A 135 -18.02 -23.53 -1.61
C VAL A 135 -16.80 -23.06 -0.85
N LYS A 136 -15.98 -22.23 -1.51
CA LYS A 136 -14.87 -21.57 -0.84
C LYS A 136 -15.33 -20.26 -0.23
N SER A 137 -14.62 -19.81 0.80
CA SER A 137 -14.96 -18.56 1.44
C SER A 137 -14.74 -17.39 0.49
N TRP A 138 -15.60 -16.38 0.62
CA TRP A 138 -15.42 -15.16 -0.16
C TRP A 138 -14.30 -14.31 0.42
N SER A 139 -14.46 -13.86 1.65
CA SER A 139 -13.44 -13.12 2.36
C SER A 139 -13.05 -13.89 3.60
N SER A 140 -11.75 -13.91 3.88
CA SER A 140 -11.21 -14.67 5.00
C SER A 140 -10.27 -13.80 5.81
N GLY A 141 -10.26 -14.03 7.11
CA GLY A 141 -9.36 -13.33 8.00
C GLY A 141 -9.96 -12.05 8.52
N PRO A 142 -9.41 -11.53 9.62
CA PRO A 142 -9.93 -10.27 10.17
C PRO A 142 -9.48 -9.05 9.37
N PHE A 143 -8.28 -9.08 8.79
CA PHE A 143 -7.74 -7.97 8.01
C PHE A 143 -7.29 -8.51 6.66
N PRO A 144 -8.21 -8.67 5.71
CA PRO A 144 -7.82 -9.12 4.37
C PRO A 144 -6.91 -8.13 3.68
N GLU A 145 -6.17 -8.64 2.69
CA GLU A 145 -5.32 -7.76 1.89
C GLU A 145 -6.16 -6.91 0.94
N ASP A 146 -7.30 -7.44 0.49
CA ASP A 146 -8.24 -6.70 -0.34
C ASP A 146 -9.29 -5.96 0.48
N ARG A 147 -8.95 -5.62 1.73
CA ARG A 147 -9.95 -5.15 2.68
C ARG A 147 -10.72 -3.93 2.14
N SER A 148 -10.03 -3.00 1.50
CA SER A 148 -10.66 -1.81 0.94
C SER A 148 -10.97 -1.93 -0.54
N VAL A 149 -10.69 -3.07 -1.15
CA VAL A 149 -10.88 -3.25 -2.59
C VAL A 149 -12.19 -3.99 -2.89
N LYS A 150 -12.47 -5.05 -2.15
CA LYS A 150 -13.63 -5.90 -2.40
C LYS A 150 -14.53 -5.93 -1.18
N PRO A 151 -15.84 -6.13 -1.37
CA PRO A 151 -16.75 -6.18 -0.22
C PRO A 151 -16.54 -7.44 0.61
N ARG A 152 -16.95 -7.48 1.85
CA ARG A 152 -16.75 -8.69 2.61
C ARG A 152 -17.83 -9.68 2.43
N LEU A 153 -18.97 -9.24 1.92
CA LEU A 153 -20.09 -10.14 1.81
C LEU A 153 -20.45 -10.38 0.34
N CYS A 154 -20.91 -11.60 0.06
CA CYS A 154 -21.65 -11.88 -1.15
C CYS A 154 -23.15 -11.80 -0.86
N SER A 155 -23.91 -11.32 -1.84
CA SER A 155 -25.34 -11.14 -1.67
C SER A 155 -26.07 -11.69 -2.87
N LEU A 156 -27.32 -12.11 -2.64
CA LEU A 156 -28.22 -12.40 -3.75
C LEU A 156 -28.71 -11.11 -4.39
N SER A 157 -28.98 -10.10 -3.57
CA SER A 157 -29.31 -8.77 -4.07
C SER A 157 -29.05 -7.78 -2.94
N SER A 158 -28.41 -6.66 -3.29
CA SER A 158 -28.11 -5.64 -2.30
C SER A 158 -29.31 -4.76 -1.99
N SER A 159 -30.37 -4.85 -2.79
CA SER A 159 -31.56 -4.02 -2.63
C SER A 159 -31.25 -2.53 -2.71
N LEU A 160 -30.11 -2.18 -3.32
CA LEU A 160 -29.74 -0.80 -3.56
C LEU A 160 -29.91 -0.49 -5.04
N TYR A 161 -30.63 0.58 -5.34
CA TYR A 161 -30.93 0.99 -6.70
C TYR A 161 -30.48 2.42 -6.90
N ARG A 162 -30.05 2.73 -8.12
CA ARG A 162 -29.77 4.11 -8.49
C ARG A 162 -30.28 4.36 -9.91
N ARG A 163 -30.58 5.63 -10.15
CA ARG A 163 -31.00 6.08 -11.47
C ARG A 163 -29.79 6.16 -12.39
N SER A 164 -29.90 5.58 -13.58
CA SER A 164 -28.87 5.66 -14.61
C SER A 164 -29.51 6.26 -15.85
N GLU A 165 -29.45 7.59 -15.96
CA GLU A 165 -30.15 8.29 -17.02
C GLU A 165 -31.65 7.99 -16.95
N THR A 166 -32.16 7.16 -17.85
CA THR A 166 -33.61 6.95 -17.91
C THR A 166 -34.06 5.66 -17.22
N SER A 167 -33.14 4.86 -16.68
CA SER A 167 -33.49 3.57 -16.11
C SER A 167 -32.97 3.47 -14.69
N VAL A 168 -33.53 2.51 -13.96
CA VAL A 168 -33.16 2.23 -12.58
C VAL A 168 -32.48 0.87 -12.52
N ARG A 169 -31.23 0.86 -12.06
CA ARG A 169 -30.43 -0.35 -12.01
C ARG A 169 -30.08 -0.66 -10.55
N SER A 170 -29.93 -1.95 -10.26
CA SER A 170 -29.53 -2.37 -8.93
C SER A 170 -28.01 -2.48 -8.84
N MET A 171 -27.46 -2.03 -7.72
CA MET A 171 -26.02 -2.11 -7.50
C MET A 171 -25.63 -3.50 -7.03
N ASP A 172 -24.65 -4.09 -7.71
CA ASP A 172 -24.13 -5.37 -7.28
C ASP A 172 -23.28 -5.19 -6.02
N SER A 173 -22.60 -6.26 -5.60
CA SER A 173 -21.81 -6.17 -4.38
C SER A 173 -20.76 -5.07 -4.47
N ARG A 174 -20.00 -5.05 -5.57
CA ARG A 174 -18.92 -4.07 -5.72
C ARG A 174 -19.47 -2.65 -5.84
N GLU A 175 -20.52 -2.47 -6.65
CA GLU A 175 -21.11 -1.15 -6.80
C GLU A 175 -21.65 -0.63 -5.47
N ALA A 176 -22.33 -1.49 -4.72
CA ALA A 176 -22.88 -1.07 -3.43
C ALA A 176 -21.78 -0.79 -2.43
N PHE A 177 -20.70 -1.57 -2.46
CA PHE A 177 -19.57 -1.31 -1.59
C PHE A 177 -18.99 0.07 -1.85
N CYS A 178 -18.71 0.38 -3.12
CA CYS A 178 -18.19 1.70 -3.46
C CYS A 178 -19.18 2.80 -3.12
N PHE A 179 -20.47 2.58 -3.37
CA PHE A 179 -21.48 3.58 -3.08
C PHE A 179 -21.55 3.88 -1.58
N LEU A 180 -21.53 2.83 -0.76
CA LEU A 180 -21.58 3.04 0.68
C LEU A 180 -20.32 3.72 1.17
N LYS A 181 -19.17 3.38 0.60
CA LYS A 181 -17.93 4.08 0.95
C LYS A 181 -18.06 5.57 0.65
N THR A 182 -18.54 5.90 -0.54
CA THR A 182 -18.70 7.30 -0.92
C THR A 182 -19.67 8.01 0.00
N LYS A 183 -20.79 7.36 0.34
CA LYS A 183 -21.77 7.96 1.21
C LYS A 183 -21.30 8.05 2.67
N ARG A 184 -20.31 7.25 3.05
CA ARG A 184 -19.85 7.23 4.43
C ARG A 184 -18.71 8.20 4.69
N LYS A 185 -17.80 8.36 3.74
CA LYS A 185 -16.66 9.25 3.98
C LYS A 185 -17.17 10.67 4.25
N PRO A 186 -16.67 11.33 5.31
CA PRO A 186 -17.20 12.66 5.66
C PRO A 186 -16.80 13.75 4.66
N ASP A 216 -34.32 23.30 -13.99
CA ASP A 216 -34.88 22.30 -14.89
C ASP A 216 -36.25 22.72 -15.39
N PRO A 217 -36.68 22.15 -16.52
CA PRO A 217 -38.06 22.38 -16.96
C PRO A 217 -39.07 21.52 -16.22
N ALA A 218 -38.65 20.39 -15.64
CA ALA A 218 -39.58 19.55 -14.90
C ALA A 218 -40.13 20.27 -13.69
N ASP A 219 -39.35 21.18 -13.11
CA ASP A 219 -39.85 21.95 -11.98
C ASP A 219 -41.00 22.86 -12.40
N LEU A 220 -40.99 23.35 -13.64
CA LEU A 220 -42.06 24.22 -14.10
C LEU A 220 -43.37 23.46 -14.31
N ILE A 221 -43.30 22.15 -14.54
CA ILE A 221 -44.51 21.34 -14.55
C ILE A 221 -44.92 20.98 -13.13
N PHE A 222 -43.93 20.70 -12.27
CA PHE A 222 -44.26 20.39 -10.88
C PHE A 222 -44.88 21.58 -10.18
N GLN A 223 -44.63 22.80 -10.65
CA GLN A 223 -45.14 23.99 -9.99
C GLN A 223 -46.62 24.21 -10.27
N LYS A 224 -47.18 23.59 -11.30
CA LYS A 224 -48.57 23.81 -11.63
C LYS A 224 -49.48 23.08 -10.65
N ASP A 225 -50.74 23.53 -10.59
CA ASP A 225 -51.74 22.95 -9.72
C ASP A 225 -52.80 22.16 -10.49
N TYR A 226 -52.68 22.07 -11.82
CA TYR A 226 -53.61 21.31 -12.63
C TYR A 226 -52.95 21.02 -13.97
N LEU A 227 -53.47 20.01 -14.66
CA LEU A 227 -52.94 19.62 -15.95
C LEU A 227 -54.09 19.34 -16.91
N GLU A 228 -53.82 19.52 -18.20
CA GLU A 228 -54.81 19.31 -19.24
C GLU A 228 -54.62 17.93 -19.84
N TYR A 229 -55.71 17.17 -19.94
CA TYR A 229 -55.64 15.83 -20.51
C TYR A 229 -55.05 15.88 -21.90
N GLY A 230 -54.10 15.00 -22.18
CA GLY A 230 -53.47 14.93 -23.48
C GLY A 230 -52.36 15.94 -23.70
N GLU A 231 -51.98 16.70 -22.67
CA GLU A 231 -50.89 17.67 -22.82
C GLU A 231 -49.57 16.95 -23.02
N ILE A 232 -48.81 17.37 -24.03
CA ILE A 232 -47.51 16.79 -24.31
C ILE A 232 -46.47 17.55 -23.48
N LEU A 233 -45.87 16.89 -22.50
CA LEU A 233 -44.86 17.55 -21.69
C LEU A 233 -43.62 17.85 -22.54
N PRO A 234 -42.95 18.98 -22.31
CA PRO A 234 -41.90 19.42 -23.23
C PRO A 234 -40.52 18.83 -22.98
N PHE A 235 -40.39 17.80 -22.16
CA PHE A 235 -39.09 17.23 -21.85
C PHE A 235 -39.18 15.71 -21.83
N PRO A 236 -38.07 15.03 -22.08
CA PRO A 236 -38.08 13.56 -22.05
C PRO A 236 -37.71 13.02 -20.67
N GLU A 237 -37.82 11.71 -20.53
CA GLU A 237 -37.27 11.05 -19.36
C GLU A 237 -35.75 11.18 -19.36
N SER A 238 -35.19 11.44 -18.18
CA SER A 238 -33.76 11.67 -18.06
C SER A 238 -33.32 11.23 -16.67
N GLN A 239 -32.10 11.64 -16.32
CA GLN A 239 -31.55 11.28 -15.01
C GLN A 239 -32.44 11.76 -13.88
N LEU A 240 -33.24 12.79 -14.12
CA LEU A 240 -34.03 13.44 -13.08
C LEU A 240 -35.53 13.28 -13.26
N VAL A 241 -35.98 12.67 -14.36
CA VAL A 241 -37.40 12.60 -14.69
C VAL A 241 -37.77 11.17 -15.06
N GLU A 242 -38.90 10.71 -14.56
CA GLU A 242 -39.48 9.42 -14.91
C GLU A 242 -40.97 9.58 -15.13
N PHE A 243 -41.48 8.95 -16.20
CA PHE A 243 -42.89 8.99 -16.55
C PHE A 243 -43.51 7.61 -16.35
N LYS A 244 -44.64 7.56 -15.65
CA LYS A 244 -45.36 6.32 -15.41
C LYS A 244 -46.85 6.53 -15.65
N GLN A 245 -47.47 5.53 -16.26
CA GLN A 245 -48.92 5.50 -16.35
C GLN A 245 -49.53 4.80 -15.15
N PHE A 246 -50.82 5.01 -14.95
CA PHE A 246 -51.56 4.28 -13.93
C PHE A 246 -52.02 2.93 -14.46
N SER A 247 -51.94 1.92 -13.61
CA SER A 247 -52.50 0.62 -13.96
C SER A 247 -54.01 0.74 -14.10
N THR A 248 -54.59 -0.14 -14.91
CA THR A 248 -56.03 -0.07 -15.19
C THR A 248 -56.88 -0.91 -14.25
N LYS A 249 -56.28 -1.70 -13.37
CA LYS A 249 -57.03 -2.64 -12.53
C LYS A 249 -56.97 -2.30 -11.05
N HIS A 250 -55.78 -2.21 -10.47
CA HIS A 250 -55.59 -1.97 -9.05
C HIS A 250 -54.67 -0.77 -8.88
N PHE A 251 -55.27 0.41 -8.75
CA PHE A 251 -54.50 1.65 -8.84
C PHE A 251 -53.69 1.89 -7.57
N GLN A 252 -54.33 1.78 -6.41
CA GLN A 252 -53.61 1.99 -5.16
C GLN A 252 -52.52 0.93 -4.98
N GLU A 253 -52.84 -0.33 -5.25
CA GLU A 253 -51.83 -1.37 -5.15
C GLU A 253 -50.69 -1.15 -6.13
N TYR A 254 -51.01 -0.66 -7.34
CA TYR A 254 -49.96 -0.36 -8.30
C TYR A 254 -49.04 0.73 -7.79
N VAL A 255 -49.60 1.79 -7.20
CA VAL A 255 -48.77 2.87 -6.67
C VAL A 255 -47.88 2.34 -5.56
N LYS A 256 -48.43 1.48 -4.70
CA LYS A 256 -47.63 0.90 -3.63
C LYS A 256 -46.49 0.07 -4.21
N ARG A 257 -46.78 -0.68 -5.27
CA ARG A 257 -45.74 -1.48 -5.93
C ARG A 257 -44.65 -0.60 -6.51
N THR A 258 -45.01 0.52 -7.14
CA THR A 258 -44.03 1.29 -7.89
C THR A 258 -43.21 2.23 -7.04
N ILE A 259 -43.76 2.75 -5.93
CA ILE A 259 -42.99 3.70 -5.12
C ILE A 259 -41.63 3.13 -4.72
N PRO A 260 -41.53 1.92 -4.18
CA PRO A 260 -40.20 1.37 -3.86
C PRO A 260 -39.31 1.19 -5.07
N GLU A 261 -39.88 1.07 -6.28
CA GLU A 261 -39.05 0.84 -7.45
C GLU A 261 -38.25 2.07 -7.85
N TYR A 262 -38.81 3.25 -7.65
CA TYR A 262 -38.25 4.48 -8.20
C TYR A 262 -37.85 5.51 -7.16
N VAL A 263 -38.50 5.57 -6.02
CA VAL A 263 -38.13 6.58 -5.02
C VAL A 263 -36.70 6.31 -4.52
N PRO A 264 -36.35 5.08 -4.14
CA PRO A 264 -34.97 4.84 -3.69
C PRO A 264 -33.92 5.20 -4.73
N ALA A 265 -34.18 4.94 -6.01
CA ALA A 265 -33.20 5.23 -7.04
C ALA A 265 -32.96 6.74 -7.16
N PHE A 266 -34.02 7.53 -7.12
CA PHE A 266 -33.85 8.97 -7.12
C PHE A 266 -33.12 9.43 -5.86
N ALA A 267 -33.52 8.90 -4.71
CA ALA A 267 -32.93 9.37 -3.45
C ALA A 267 -31.44 9.07 -3.39
N ASN A 268 -31.02 7.90 -3.86
CA ASN A 268 -29.62 7.51 -3.76
C ASN A 268 -28.73 8.39 -4.61
N THR A 269 -29.23 8.88 -5.76
CA THR A 269 -28.40 9.65 -6.70
C THR A 269 -29.18 10.86 -7.23
N GLY A 270 -29.02 11.99 -6.53
CA GLY A 270 -29.43 13.27 -7.05
C GLY A 270 -30.91 13.56 -7.01
N GLY A 271 -31.73 12.64 -6.51
CA GLY A 271 -33.15 12.90 -6.49
C GLY A 271 -33.75 12.93 -7.89
N GLY A 272 -34.92 13.53 -7.97
CA GLY A 272 -35.58 13.71 -9.25
C GLY A 272 -37.08 13.76 -9.10
N TYR A 273 -37.76 13.68 -10.24
CA TYR A 273 -39.21 13.73 -10.32
C TYR A 273 -39.75 12.40 -10.83
N LEU A 274 -40.86 11.96 -10.24
CA LEU A 274 -41.59 10.78 -10.70
C LEU A 274 -43.01 11.20 -11.01
N PHE A 275 -43.38 11.17 -12.29
CA PHE A 275 -44.72 11.54 -12.74
C PHE A 275 -45.52 10.27 -12.97
N ILE A 276 -46.58 10.09 -12.20
CA ILE A 276 -47.51 8.98 -12.36
C ILE A 276 -48.77 9.53 -13.01
N GLY A 277 -49.10 9.00 -14.17
CA GLY A 277 -50.16 9.53 -14.99
C GLY A 277 -49.71 10.18 -16.27
N VAL A 278 -48.51 9.88 -16.75
CA VAL A 278 -47.94 10.45 -17.95
C VAL A 278 -47.46 9.32 -18.85
N ASP A 279 -47.90 9.33 -20.10
CA ASP A 279 -47.52 8.28 -21.03
C ASP A 279 -46.00 8.27 -21.21
N ASP A 280 -45.42 7.08 -21.15
CA ASP A 280 -43.97 6.96 -21.21
C ASP A 280 -43.45 7.22 -22.62
N LYS A 281 -44.29 7.04 -23.64
CA LYS A 281 -43.87 7.13 -25.03
C LYS A 281 -44.22 8.49 -25.65
N SER A 282 -45.48 8.87 -25.61
CA SER A 282 -45.92 10.13 -26.19
C SER A 282 -45.74 11.31 -25.25
N ARG A 283 -45.38 11.07 -23.99
CA ARG A 283 -45.22 12.13 -23.00
C ARG A 283 -46.53 12.87 -22.73
N GLU A 284 -47.66 12.26 -23.09
CA GLU A 284 -48.96 12.87 -22.85
C GLU A 284 -49.34 12.73 -21.38
N VAL A 285 -50.08 13.72 -20.87
CA VAL A 285 -50.67 13.60 -19.55
C VAL A 285 -52.00 12.86 -19.67
N LEU A 286 -52.12 11.75 -18.94
CA LEU A 286 -53.33 10.94 -18.94
C LEU A 286 -54.02 10.89 -17.59
N GLY A 287 -53.28 10.73 -16.50
CA GLY A 287 -53.89 10.69 -15.20
C GLY A 287 -54.67 9.40 -14.99
N CYS A 288 -55.50 9.42 -13.95
CA CYS A 288 -56.38 8.31 -13.61
C CYS A 288 -57.76 8.86 -13.33
N ALA A 289 -58.78 8.18 -13.86
CA ALA A 289 -60.14 8.69 -13.81
C ALA A 289 -60.58 8.92 -12.37
N LYS A 290 -61.32 10.00 -12.15
CA LYS A 290 -61.78 10.35 -10.81
C LYS A 290 -62.62 9.24 -10.17
N GLU A 291 -63.29 8.43 -10.98
CA GLU A 291 -64.11 7.35 -10.44
C GLU A 291 -63.28 6.16 -10.00
N ASN A 292 -61.97 6.16 -10.28
CA ASN A 292 -61.13 5.00 -10.01
C ASN A 292 -60.32 5.12 -8.73
N VAL A 293 -59.98 6.33 -8.30
CA VAL A 293 -59.10 6.51 -7.15
C VAL A 293 -59.57 7.71 -6.33
N ASP A 294 -59.22 7.70 -5.04
CA ASP A 294 -59.47 8.82 -4.15
C ASP A 294 -58.15 9.56 -3.95
N PRO A 295 -58.05 10.85 -4.29
CA PRO A 295 -56.74 11.52 -4.20
C PRO A 295 -56.16 11.54 -2.79
N ASP A 296 -56.96 11.80 -1.77
CA ASP A 296 -56.42 11.88 -0.41
C ASP A 296 -55.96 10.51 0.09
N SER A 297 -56.74 9.46 -0.19
CA SER A 297 -56.31 8.12 0.16
C SER A 297 -55.02 7.77 -0.57
N LEU A 298 -54.92 8.14 -1.84
CA LEU A 298 -53.71 7.90 -2.61
C LEU A 298 -52.52 8.59 -1.98
N ARG A 299 -52.71 9.85 -1.56
CA ARG A 299 -51.63 10.58 -0.90
C ARG A 299 -51.19 9.89 0.38
N ARG A 300 -52.16 9.45 1.20
CA ARG A 300 -51.80 8.79 2.46
C ARG A 300 -51.02 7.52 2.18
N LYS A 301 -51.47 6.72 1.22
CA LYS A 301 -50.80 5.47 0.90
C LYS A 301 -49.40 5.74 0.37
N ILE A 302 -49.24 6.77 -0.46
CA ILE A 302 -47.93 7.06 -1.02
C ILE A 302 -46.97 7.49 0.08
N GLU A 303 -47.44 8.34 0.99
CA GLU A 303 -46.58 8.78 2.09
C GLU A 303 -46.17 7.61 2.96
N GLN A 304 -47.11 6.69 3.24
CA GLN A 304 -46.76 5.50 4.00
C GLN A 304 -45.73 4.66 3.26
N ALA A 305 -45.90 4.49 1.95
CA ALA A 305 -44.95 3.70 1.18
C ALA A 305 -43.56 4.33 1.19
N ILE A 306 -43.47 5.65 1.06
CA ILE A 306 -42.18 6.30 1.08
C ILE A 306 -41.52 6.17 2.45
N TYR A 307 -42.29 6.44 3.52
CA TYR A 307 -41.71 6.35 4.85
C TYR A 307 -41.44 4.91 5.28
N LYS A 308 -41.97 3.93 4.55
CA LYS A 308 -41.68 2.53 4.86
C LYS A 308 -40.32 2.09 4.34
N LEU A 309 -39.69 2.89 3.49
CA LEU A 309 -38.44 2.48 2.86
C LEU A 309 -37.33 2.36 3.90
N PRO A 310 -36.60 1.25 3.94
CA PRO A 310 -35.44 1.17 4.84
C PRO A 310 -34.40 2.21 4.49
N CYS A 311 -33.76 2.75 5.51
CA CYS A 311 -32.68 3.72 5.34
C CYS A 311 -31.58 3.43 6.34
N VAL A 312 -30.36 3.82 5.98
CA VAL A 312 -29.20 3.68 6.84
C VAL A 312 -28.41 4.97 6.77
N HIS A 313 -27.92 5.45 7.91
CA HIS A 313 -27.28 6.74 8.02
C HIS A 313 -25.83 6.60 8.44
N PHE A 314 -25.01 7.53 7.96
CA PHE A 314 -23.62 7.67 8.39
C PHE A 314 -23.37 9.09 8.91
N CYS A 315 -24.40 9.70 9.52
CA CYS A 315 -24.34 11.12 9.84
C CYS A 315 -25.35 11.43 10.94
N GLN A 316 -25.30 12.69 11.40
CA GLN A 316 -26.33 13.26 12.23
C GLN A 316 -26.65 14.66 11.70
N PRO A 317 -27.93 15.07 11.71
CA PRO A 317 -29.11 14.37 12.20
C PRO A 317 -29.50 13.21 11.29
N GLN A 318 -30.18 12.20 11.84
CA GLN A 318 -30.62 11.07 11.03
C GLN A 318 -32.05 11.34 10.57
N ARG A 319 -32.19 12.07 9.47
CA ARG A 319 -33.48 12.58 9.06
C ARG A 319 -34.16 11.61 8.09
N PRO A 320 -35.48 11.63 8.00
CA PRO A 320 -36.17 10.77 7.04
C PRO A 320 -35.94 11.25 5.62
N ILE A 321 -36.52 10.51 4.67
CA ILE A 321 -36.48 10.92 3.27
C ILE A 321 -37.30 12.18 3.11
N THR A 322 -36.74 13.18 2.45
CA THR A 322 -37.42 14.44 2.18
C THR A 322 -37.96 14.43 0.75
N PHE A 323 -39.25 14.69 0.61
CA PHE A 323 -39.89 14.61 -0.70
C PHE A 323 -41.07 15.58 -0.72
N THR A 324 -41.47 15.94 -1.93
CA THR A 324 -42.68 16.73 -2.16
C THR A 324 -43.63 15.91 -3.01
N LEU A 325 -44.86 15.75 -2.53
CA LEU A 325 -45.89 14.97 -3.20
C LEU A 325 -47.06 15.87 -3.54
N LYS A 326 -47.43 15.89 -4.82
CA LYS A 326 -48.56 16.70 -5.28
C LYS A 326 -49.53 15.81 -6.05
N ILE A 327 -50.80 15.88 -5.69
CA ILE A 327 -51.89 15.28 -6.46
C ILE A 327 -52.64 16.42 -7.13
N VAL A 328 -52.55 16.47 -8.46
CA VAL A 328 -53.05 17.59 -9.23
C VAL A 328 -54.20 17.12 -10.12
N ASN A 329 -55.24 17.94 -10.19
CA ASN A 329 -56.41 17.61 -11.00
C ASN A 329 -56.03 17.54 -12.47
N VAL A 330 -56.55 16.54 -13.17
CA VAL A 330 -56.42 16.46 -14.62
C VAL A 330 -57.75 16.90 -15.22
N LEU A 331 -57.71 17.97 -16.02
CA LEU A 331 -58.90 18.56 -16.58
C LEU A 331 -59.04 18.18 -18.05
N LYS A 332 -60.24 17.77 -18.44
CA LYS A 332 -60.56 17.44 -19.82
C LYS A 332 -61.68 18.36 -20.29
N ARG A 333 -61.37 19.25 -21.21
CA ARG A 333 -62.32 20.26 -21.66
C ARG A 333 -62.83 21.10 -20.49
N GLY A 334 -61.94 21.35 -19.54
CA GLY A 334 -62.28 22.13 -18.35
C GLY A 334 -62.89 21.34 -17.23
N GLU A 335 -63.57 20.23 -17.52
CA GLU A 335 -64.18 19.43 -16.46
C GLU A 335 -63.17 18.45 -15.88
N LEU A 336 -63.32 18.19 -14.59
CA LEU A 336 -62.40 17.31 -13.87
C LEU A 336 -62.53 15.89 -14.39
N TYR A 337 -61.48 15.40 -15.06
CA TYR A 337 -61.47 14.05 -15.59
C TYR A 337 -60.85 13.06 -14.61
N GLY A 338 -59.77 13.45 -13.94
CA GLY A 338 -59.06 12.52 -13.09
C GLY A 338 -57.94 13.22 -12.34
N TYR A 339 -57.01 12.42 -11.83
CA TYR A 339 -55.93 12.91 -10.99
C TYR A 339 -54.59 12.43 -11.54
N ALA A 340 -53.58 13.29 -11.43
CA ALA A 340 -52.21 12.97 -11.77
C ALA A 340 -51.34 13.17 -10.54
N CYS A 341 -50.40 12.26 -10.33
CA CYS A 341 -49.58 12.22 -9.13
C CYS A 341 -48.13 12.54 -9.47
N MET A 342 -47.55 13.48 -8.75
CA MET A 342 -46.17 13.91 -8.96
C MET A 342 -45.43 13.87 -7.63
N ILE A 343 -44.28 13.20 -7.62
CA ILE A 343 -43.42 13.12 -6.44
C ILE A 343 -42.07 13.70 -6.82
N ARG A 344 -41.61 14.70 -6.06
CA ARG A 344 -40.26 15.22 -6.19
C ARG A 344 -39.42 14.65 -5.07
N VAL A 345 -38.38 13.91 -5.42
CA VAL A 345 -37.54 13.20 -4.45
C VAL A 345 -36.25 13.98 -4.29
N ASN A 346 -36.05 14.57 -3.12
CA ASN A 346 -34.79 15.25 -2.85
C ASN A 346 -33.68 14.23 -2.64
N PRO A 347 -32.44 14.59 -2.95
CA PRO A 347 -31.33 13.65 -2.69
C PRO A 347 -31.24 13.30 -1.21
N PHE A 348 -30.93 12.04 -0.93
CA PHE A 348 -30.87 11.56 0.44
C PHE A 348 -29.43 11.53 0.91
N CYS A 349 -29.21 11.95 2.16
CA CYS A 349 -27.85 12.09 2.67
C CYS A 349 -27.10 10.76 2.68
N CYS A 350 -27.82 9.64 2.70
CA CYS A 350 -27.21 8.33 2.88
C CYS A 350 -27.88 7.31 1.98
N ALA A 351 -27.69 6.02 2.27
CA ALA A 351 -28.22 4.93 1.45
C ALA A 351 -29.68 4.70 1.76
N VAL A 352 -30.47 4.41 0.72
CA VAL A 352 -31.87 4.02 0.84
C VAL A 352 -32.03 2.67 0.18
N PHE A 353 -32.67 1.74 0.88
CA PHE A 353 -32.96 0.42 0.32
C PHE A 353 -34.42 0.32 -0.06
N SER A 354 -34.68 -0.44 -1.12
CA SER A 354 -36.05 -0.79 -1.46
C SER A 354 -36.62 -1.81 -0.48
N GLU A 355 -35.75 -2.61 0.13
CA GLU A 355 -36.13 -3.58 1.14
C GLU A 355 -34.85 -4.06 1.81
N ALA A 356 -34.99 -5.07 2.67
CA ALA A 356 -33.81 -5.60 3.35
C ALA A 356 -32.87 -6.24 2.32
N PRO A 357 -31.56 -6.10 2.50
CA PRO A 357 -30.63 -6.79 1.59
C PRO A 357 -30.81 -8.29 1.65
N ASN A 358 -30.61 -8.94 0.50
CA ASN A 358 -30.81 -10.38 0.40
C ASN A 358 -29.47 -11.10 0.55
N SER A 359 -28.94 -11.03 1.77
CA SER A 359 -27.67 -11.65 2.11
C SER A 359 -27.88 -12.59 3.29
N TRP A 360 -27.17 -13.72 3.27
CA TRP A 360 -27.40 -14.80 4.23
C TRP A 360 -26.07 -15.22 4.84
N ILE A 361 -26.15 -15.74 6.07
CA ILE A 361 -24.97 -16.16 6.82
C ILE A 361 -25.38 -17.25 7.78
N VAL A 362 -24.41 -18.09 8.15
CA VAL A 362 -24.64 -19.15 9.13
C VAL A 362 -24.41 -18.59 10.53
N GLU A 363 -25.46 -18.59 11.33
CA GLU A 363 -25.39 -18.13 12.72
C GLU A 363 -25.55 -19.33 13.64
N ASP A 364 -24.49 -19.65 14.38
CA ASP A 364 -24.52 -20.82 15.26
C ASP A 364 -24.86 -21.87 14.20
N LYS A 365 -26.02 -22.50 14.30
CA LYS A 365 -26.37 -23.58 13.36
C LYS A 365 -27.58 -23.33 12.45
N TYR A 366 -28.00 -22.07 12.30
CA TYR A 366 -29.10 -21.72 11.43
C TYR A 366 -28.58 -20.83 10.31
N VAL A 367 -29.01 -21.11 9.08
CA VAL A 367 -28.73 -20.21 7.96
C VAL A 367 -29.67 -19.02 8.09
N CYS A 368 -29.14 -17.87 8.46
CA CYS A 368 -29.94 -16.69 8.78
C CYS A 368 -29.68 -15.58 7.79
N SER A 369 -30.65 -14.68 7.69
CA SER A 369 -30.52 -13.51 6.82
C SER A 369 -29.98 -12.33 7.61
N LEU A 370 -29.13 -11.54 6.95
CA LEU A 370 -28.59 -10.35 7.59
C LEU A 370 -29.57 -9.20 7.48
N THR A 371 -29.74 -8.46 8.57
CA THR A 371 -30.62 -7.31 8.57
C THR A 371 -30.00 -6.17 7.76
N THR A 372 -30.76 -5.09 7.58
CA THR A 372 -30.28 -3.97 6.80
C THR A 372 -29.06 -3.34 7.44
N GLU A 373 -29.15 -2.99 8.73
CA GLU A 373 -28.04 -2.32 9.39
C GLU A 373 -26.86 -3.27 9.59
N LYS A 374 -27.12 -4.54 9.88
CA LYS A 374 -26.03 -5.51 10.01
C LYS A 374 -25.30 -5.68 8.70
N TRP A 375 -26.05 -5.78 7.59
CA TRP A 375 -25.43 -5.92 6.28
C TRP A 375 -24.60 -4.69 5.93
N VAL A 376 -25.12 -3.50 6.22
CA VAL A 376 -24.36 -2.29 5.95
C VAL A 376 -23.11 -2.24 6.81
N GLY A 377 -23.22 -2.67 8.06
CA GLY A 377 -22.05 -2.68 8.93
C GLY A 377 -20.97 -3.62 8.44
N MET A 378 -21.36 -4.80 7.95
CA MET A 378 -20.36 -5.72 7.40
C MET A 378 -19.78 -5.18 6.10
N MET A 379 -20.59 -4.47 5.30
CA MET A 379 -20.11 -4.00 4.01
C MET A 379 -19.19 -2.79 4.14
N THR A 380 -19.45 -1.93 5.12
CA THR A 380 -18.59 -0.76 5.33
C THR A 380 -17.32 -1.09 6.09
N ASP A 381 -17.17 -2.32 6.58
CA ASP A 381 -16.01 -2.70 7.35
C ASP A 381 -15.71 -4.20 7.16
N VAL A 409 -7.95 -13.90 19.88
CA VAL A 409 -7.41 -12.55 19.81
C VAL A 409 -6.72 -12.33 18.46
N TYR A 410 -7.16 -11.30 17.73
CA TYR A 410 -6.62 -11.00 16.41
C TYR A 410 -5.28 -10.29 16.57
N SER A 411 -4.23 -11.08 16.64
CA SER A 411 -2.88 -10.54 16.78
C SER A 411 -2.42 -9.92 15.46
N LYS A 412 -1.65 -8.83 15.56
CA LYS A 412 -1.12 -8.16 14.38
C LYS A 412 0.32 -8.55 14.08
N LYS A 413 1.14 -8.71 15.11
CA LYS A 413 2.53 -9.09 14.89
C LYS A 413 2.63 -10.50 14.31
N GLY A 414 1.74 -11.40 14.72
CA GLY A 414 1.71 -12.71 14.10
C GLY A 414 1.42 -12.64 12.61
N LEU A 415 0.45 -11.82 12.22
CA LEU A 415 0.18 -11.64 10.80
C LEU A 415 1.37 -11.03 10.08
N GLU A 416 2.03 -10.06 10.71
CA GLU A 416 3.17 -9.39 10.09
C GLU A 416 4.30 -10.38 9.82
N HIS A 417 4.62 -11.23 10.81
CA HIS A 417 5.78 -12.10 10.74
C HIS A 417 5.44 -13.53 10.34
N LYS A 418 4.20 -13.80 9.94
CA LYS A 418 3.78 -15.17 9.65
C LYS A 418 4.82 -15.96 8.86
N LYS A 419 5.43 -15.35 7.84
CA LYS A 419 6.37 -16.08 7.01
C LYS A 419 7.56 -16.56 7.82
N GLU A 420 8.21 -15.65 8.56
CA GLU A 420 9.39 -16.01 9.33
C GLU A 420 9.03 -16.95 10.47
N LEU A 421 7.89 -16.72 11.13
CA LEU A 421 7.48 -17.60 12.21
C LEU A 421 7.23 -19.02 11.70
N GLN A 422 6.59 -19.14 10.54
CA GLN A 422 6.37 -20.46 9.96
C GLN A 422 7.69 -21.12 9.61
N GLN A 423 8.61 -20.38 8.99
CA GLN A 423 9.91 -20.96 8.67
C GLN A 423 10.69 -21.34 9.92
N LEU A 424 10.42 -20.68 11.05
CA LEU A 424 11.12 -20.98 12.28
C LEU A 424 10.59 -22.23 12.96
N LEU A 425 9.27 -22.30 13.18
CA LEU A 425 8.68 -23.42 13.91
C LEU A 425 8.19 -24.52 12.97
N PHE A 426 7.34 -24.17 12.02
CA PHE A 426 6.66 -25.14 11.17
C PHE A 426 7.34 -25.28 9.82
N SER A 427 8.67 -25.19 9.77
CA SER A 427 9.38 -25.42 8.53
C SER A 427 8.97 -26.76 7.93
N VAL A 428 8.49 -26.72 6.69
CA VAL A 428 8.02 -27.92 5.99
C VAL A 428 9.23 -28.55 5.31
N PRO A 429 9.62 -29.77 5.67
CA PRO A 429 10.89 -30.31 5.18
C PRO A 429 10.71 -31.01 3.85
N PRO A 430 11.81 -31.25 3.12
CA PRO A 430 11.73 -32.02 1.88
C PRO A 430 11.93 -33.51 2.16
N GLY A 431 10.99 -34.32 1.68
CA GLY A 431 11.21 -35.75 1.58
C GLY A 431 11.08 -36.54 2.86
N TYR A 432 10.53 -35.96 3.94
CA TYR A 432 10.24 -36.76 5.12
C TYR A 432 9.21 -36.03 5.97
N LEU A 433 8.55 -36.81 6.84
CA LEU A 433 7.49 -36.31 7.69
C LEU A 433 8.06 -35.98 9.07
N ARG A 434 7.72 -34.81 9.59
CA ARG A 434 8.33 -34.27 10.79
C ARG A 434 7.32 -34.20 11.94
N TYR A 435 7.72 -34.71 13.10
CA TYR A 435 6.90 -34.69 14.31
C TYR A 435 7.31 -33.52 15.20
N THR A 436 6.35 -32.68 15.54
CA THR A 436 6.62 -31.55 16.42
C THR A 436 5.46 -31.37 17.40
N PRO A 437 5.74 -30.85 18.60
CA PRO A 437 7.06 -30.62 19.20
C PRO A 437 7.69 -31.92 19.69
N GLU A 438 9.02 -32.04 19.54
CA GLU A 438 9.69 -33.30 19.83
C GLU A 438 9.66 -33.64 21.31
N SER A 439 9.75 -32.64 22.18
CA SER A 439 9.67 -32.92 23.61
C SER A 439 8.35 -33.59 23.96
N LEU A 440 7.24 -33.03 23.48
CA LEU A 440 5.92 -33.59 23.78
C LEU A 440 5.76 -34.95 23.10
N TRP A 441 6.26 -35.11 21.89
CA TRP A 441 6.20 -36.40 21.21
C TRP A 441 6.90 -37.48 22.03
N ARG A 442 8.11 -37.17 22.51
CA ARG A 442 8.83 -38.13 23.33
C ARG A 442 8.10 -38.42 24.63
N ASP A 443 7.57 -37.38 25.27
CA ASP A 443 6.84 -37.59 26.52
C ASP A 443 5.65 -38.51 26.30
N LEU A 444 4.92 -38.31 25.20
CA LEU A 444 3.75 -39.13 24.92
C LEU A 444 4.15 -40.58 24.68
N ILE A 445 5.12 -40.80 23.78
CA ILE A 445 5.50 -42.18 23.46
C ILE A 445 6.20 -42.87 24.62
N SER A 446 6.69 -42.12 25.61
CA SER A 446 7.19 -42.74 26.82
C SER A 446 6.08 -43.07 27.80
N GLU A 447 5.07 -42.20 27.89
CA GLU A 447 3.97 -42.45 28.82
C GLU A 447 3.03 -43.54 28.34
N HIS A 448 2.94 -43.76 27.02
CA HIS A 448 1.97 -44.69 26.46
C HIS A 448 2.67 -45.71 25.59
N ARG A 449 2.38 -46.99 25.83
CA ARG A 449 3.03 -48.07 25.10
C ARG A 449 2.28 -48.37 23.81
N GLY A 450 3.02 -48.42 22.70
CA GLY A 450 2.43 -48.69 21.40
C GLY A 450 1.92 -47.47 20.66
N LEU A 451 1.95 -46.28 21.27
CA LEU A 451 1.54 -45.08 20.58
C LEU A 451 2.44 -44.79 19.39
N GLU A 452 3.75 -45.04 19.53
CA GLU A 452 4.65 -44.88 18.40
C GLU A 452 4.24 -45.76 17.24
N GLU A 453 3.91 -47.02 17.53
CA GLU A 453 3.46 -47.93 16.47
C GLU A 453 2.16 -47.43 15.85
N LEU A 454 1.19 -47.02 16.67
CA LEU A 454 -0.07 -46.51 16.13
C LEU A 454 0.18 -45.37 15.16
N ILE A 455 0.94 -44.36 15.59
CA ILE A 455 1.16 -43.19 14.75
C ILE A 455 1.93 -43.54 13.50
N ASN A 456 3.02 -44.30 13.64
CA ASN A 456 3.84 -44.62 12.47
C ASN A 456 3.07 -45.44 11.45
N LYS A 457 2.25 -46.39 11.90
CA LYS A 457 1.48 -47.20 10.97
C LYS A 457 0.34 -46.41 10.36
N GLN A 458 -0.18 -45.40 11.06
CA GLN A 458 -1.18 -44.55 10.45
C GLN A 458 -0.58 -43.57 9.46
N MET A 459 0.69 -43.22 9.61
CA MET A 459 1.34 -42.20 8.80
C MET A 459 2.19 -42.78 7.68
N GLN A 460 2.01 -44.05 7.34
CA GLN A 460 2.74 -44.62 6.22
C GLN A 460 2.53 -43.88 4.91
N PRO A 461 1.30 -43.57 4.49
CA PRO A 461 1.12 -42.98 3.15
C PRO A 461 1.82 -41.65 2.97
N PHE A 462 1.94 -40.85 4.01
CA PHE A 462 2.39 -39.46 3.90
C PHE A 462 3.91 -39.44 3.86
N PHE A 463 4.45 -39.05 2.71
CA PHE A 463 5.90 -39.07 2.51
C PHE A 463 6.55 -37.75 2.91
N ARG A 464 5.78 -36.69 3.09
CA ARG A 464 6.33 -35.38 3.41
C ARG A 464 5.26 -34.55 4.10
N GLY A 465 5.69 -33.73 5.04
CA GLY A 465 4.78 -32.84 5.75
C GLY A 465 5.24 -32.63 7.18
N ILE A 466 4.30 -32.18 8.00
CA ILE A 466 4.54 -31.92 9.42
C ILE A 466 3.34 -32.42 10.21
N LEU A 467 3.61 -33.13 11.30
CA LEU A 467 2.57 -33.69 12.17
C LEU A 467 2.70 -33.02 13.53
N ILE A 468 1.75 -32.14 13.85
CA ILE A 468 1.85 -31.26 15.01
C ILE A 468 1.05 -31.89 16.15
N PHE A 469 1.73 -32.18 17.25
CA PHE A 469 1.11 -32.87 18.37
C PHE A 469 0.68 -31.90 19.45
N SER A 470 -0.28 -32.33 20.26
CA SER A 470 -0.73 -31.57 21.41
C SER A 470 -1.43 -32.52 22.37
N ARG A 471 -1.44 -32.16 23.65
CA ARG A 471 -2.20 -32.96 24.62
C ARG A 471 -3.68 -32.97 24.26
N SER A 472 -4.22 -31.81 23.90
CA SER A 472 -5.58 -31.75 23.38
C SER A 472 -5.71 -30.46 22.57
N TRP A 473 -5.77 -30.60 21.25
CA TRP A 473 -6.05 -29.45 20.40
C TRP A 473 -7.34 -28.76 20.80
N ALA A 474 -8.29 -29.50 21.37
CA ALA A 474 -9.54 -28.90 21.83
C ALA A 474 -9.27 -27.81 22.86
N VAL A 475 -8.46 -28.12 23.87
CA VAL A 475 -8.11 -27.11 24.87
C VAL A 475 -7.22 -26.04 24.25
N ASP A 476 -6.34 -26.45 23.34
CA ASP A 476 -5.53 -25.45 22.64
C ASP A 476 -6.40 -24.41 21.95
N LEU A 477 -7.61 -24.79 21.52
CA LEU A 477 -8.52 -23.89 20.81
C LEU A 477 -9.61 -23.32 21.70
N ASN A 478 -9.44 -23.40 23.03
CA ASN A 478 -10.42 -22.91 24.00
C ASN A 478 -11.73 -23.68 23.98
N LEU A 479 -11.67 -24.98 23.67
CA LEU A 479 -12.84 -25.83 23.84
C LEU A 479 -12.75 -26.55 25.17
N GLN A 480 -13.75 -27.41 25.44
CA GLN A 480 -13.75 -28.18 26.66
C GLN A 480 -12.94 -29.47 26.48
N GLU A 481 -12.16 -29.81 27.49
CA GLU A 481 -11.33 -31.00 27.44
C GLU A 481 -12.18 -32.25 27.57
N LYS A 482 -11.66 -33.37 27.07
CA LYS A 482 -12.30 -34.66 27.17
C LYS A 482 -11.38 -35.65 27.87
N PRO A 483 -11.71 -36.15 29.05
CA PRO A 483 -10.88 -37.18 29.67
C PRO A 483 -10.84 -38.43 28.80
N GLY A 484 -9.70 -39.12 28.82
CA GLY A 484 -9.49 -40.28 27.98
C GLY A 484 -8.83 -39.98 26.66
N VAL A 485 -8.63 -38.71 26.32
CA VAL A 485 -7.90 -38.36 25.11
C VAL A 485 -6.41 -38.38 25.40
N ILE A 486 -5.66 -39.17 24.64
CA ILE A 486 -4.22 -39.23 24.82
C ILE A 486 -3.55 -38.00 24.23
N CYS A 487 -3.69 -37.81 22.92
CA CYS A 487 -3.10 -36.67 22.24
C CYS A 487 -3.89 -36.43 20.96
N ASP A 488 -3.75 -35.21 20.44
CA ASP A 488 -4.30 -34.83 19.14
C ASP A 488 -3.16 -34.39 18.25
N ALA A 489 -3.14 -34.92 17.02
CA ALA A 489 -2.12 -34.58 16.04
C ALA A 489 -2.80 -33.94 14.84
N LEU A 490 -2.22 -32.86 14.34
CA LEU A 490 -2.71 -32.18 13.15
C LEU A 490 -1.73 -32.42 12.02
N LEU A 491 -2.14 -33.22 11.03
CA LEU A 491 -1.28 -33.57 9.91
C LEU A 491 -1.47 -32.56 8.78
N ILE A 492 -0.36 -32.05 8.27
CA ILE A 492 -0.34 -31.16 7.11
C ILE A 492 0.73 -31.72 6.18
N ALA A 493 0.31 -32.53 5.22
CA ALA A 493 1.23 -33.29 4.38
C ALA A 493 0.95 -33.02 2.92
N GLN A 494 1.90 -33.43 2.08
CA GLN A 494 1.77 -33.24 0.64
C GLN A 494 0.78 -34.24 0.06
N ASN A 495 0.05 -33.79 -0.96
CA ASN A 495 -0.93 -34.62 -1.65
C ASN A 495 -1.97 -35.17 -0.69
N SER A 496 -2.35 -34.39 0.31
CA SER A 496 -3.34 -34.81 1.29
C SER A 496 -3.95 -33.58 1.95
N THR A 497 -5.25 -33.66 2.21
CA THR A 497 -5.92 -32.61 2.96
C THR A 497 -5.44 -32.64 4.41
N PRO A 498 -5.56 -31.53 5.13
CA PRO A 498 -5.28 -31.57 6.56
C PRO A 498 -6.15 -32.59 7.27
N ILE A 499 -5.55 -33.31 8.21
CA ILE A 499 -6.24 -34.32 9.01
C ILE A 499 -5.95 -34.04 10.47
N LEU A 500 -6.99 -34.01 11.29
CA LEU A 500 -6.85 -33.91 12.74
C LEU A 500 -7.07 -35.29 13.33
N TYR A 501 -6.04 -35.85 13.93
CA TYR A 501 -6.11 -37.16 14.56
C TYR A 501 -6.38 -36.99 16.04
N THR A 502 -7.30 -37.79 16.58
CA THR A 502 -7.56 -37.85 18.01
C THR A 502 -7.29 -39.26 18.49
N ILE A 503 -6.45 -39.39 19.51
CA ILE A 503 -6.06 -40.68 20.06
C ILE A 503 -6.77 -40.88 21.38
N LEU A 504 -7.41 -42.02 21.55
CA LEU A 504 -8.10 -42.37 22.78
C LEU A 504 -7.42 -43.64 23.28
N ARG A 505 -7.41 -43.83 24.58
CA ARG A 505 -6.90 -45.11 25.05
C ARG A 505 -7.89 -46.19 24.78
N GLU A 506 -9.16 -45.90 25.05
CA GLU A 506 -10.20 -46.90 24.91
C GLU A 506 -11.24 -46.42 23.91
N GLN A 507 -11.84 -47.37 23.19
CA GLN A 507 -12.86 -47.01 22.22
C GLN A 507 -14.00 -46.28 22.90
N ASP A 508 -14.53 -45.27 22.23
CA ASP A 508 -15.55 -44.41 22.82
C ASP A 508 -16.47 -43.90 21.73
N ALA A 509 -17.76 -43.72 22.08
CA ALA A 509 -18.73 -43.21 21.12
C ALA A 509 -18.63 -41.70 20.97
N GLU A 510 -18.26 -40.99 22.04
CA GLU A 510 -18.13 -39.54 22.00
C GLU A 510 -16.81 -39.09 21.36
N GLY A 511 -15.91 -40.03 21.07
CA GLY A 511 -14.63 -39.65 20.51
C GLY A 511 -14.76 -39.01 19.15
N GLN A 512 -15.60 -39.59 18.28
CA GLN A 512 -15.79 -39.02 16.96
C GLN A 512 -16.41 -37.64 17.03
N ASP A 513 -17.38 -37.44 17.92
CA ASP A 513 -17.97 -36.11 18.07
C ASP A 513 -16.94 -35.10 18.56
N TYR A 514 -16.12 -35.47 19.53
CA TYR A 514 -15.08 -34.57 20.02
C TYR A 514 -14.12 -34.20 18.90
N CYS A 515 -13.64 -35.20 18.15
CA CYS A 515 -12.69 -34.93 17.08
C CYS A 515 -13.33 -34.08 15.99
N THR A 516 -14.58 -34.35 15.64
CA THR A 516 -15.25 -33.58 14.60
C THR A 516 -15.44 -32.14 15.03
N ARG A 517 -15.84 -31.90 16.28
CA ARG A 517 -15.97 -30.54 16.75
C ARG A 517 -14.63 -29.82 16.73
N THR A 518 -13.56 -30.50 17.16
CA THR A 518 -12.25 -29.87 17.15
C THR A 518 -11.82 -29.52 15.73
N ALA A 519 -12.02 -30.44 14.78
CA ALA A 519 -11.61 -30.19 13.40
C ALA A 519 -12.43 -29.06 12.78
N PHE A 520 -13.74 -29.02 13.05
CA PHE A 520 -14.56 -27.94 12.55
C PHE A 520 -14.09 -26.60 13.09
N THR A 521 -13.82 -26.54 14.40
CA THR A 521 -13.32 -25.30 14.98
C THR A 521 -11.98 -24.92 14.37
N LEU A 522 -11.10 -25.89 14.17
CA LEU A 522 -9.78 -25.60 13.60
C LEU A 522 -9.90 -25.04 12.19
N LYS A 523 -10.78 -25.61 11.37
CA LYS A 523 -10.94 -25.13 10.01
C LYS A 523 -11.56 -23.73 9.99
N GLN A 524 -12.63 -23.53 10.77
CA GLN A 524 -13.23 -22.22 10.83
C GLN A 524 -12.24 -21.18 11.32
N LYS A 525 -11.33 -21.56 12.23
CA LYS A 525 -10.31 -20.63 12.69
C LYS A 525 -9.29 -20.36 11.59
N LEU A 526 -8.82 -21.42 10.92
CA LEU A 526 -7.86 -21.23 9.84
C LEU A 526 -8.38 -20.25 8.81
N VAL A 527 -9.68 -20.25 8.56
CA VAL A 527 -10.23 -19.35 7.56
C VAL A 527 -10.52 -17.97 8.16
N ASN A 528 -11.43 -17.91 9.14
CA ASN A 528 -11.95 -16.64 9.63
C ASN A 528 -10.97 -15.89 10.53
N MET A 529 -9.91 -16.54 11.00
CA MET A 529 -8.98 -15.93 11.94
C MET A 529 -7.57 -15.94 11.38
N GLY A 530 -7.19 -17.04 10.72
CA GLY A 530 -5.89 -17.12 10.09
C GLY A 530 -5.83 -16.51 8.70
N GLY A 531 -6.98 -16.17 8.13
CA GLY A 531 -6.99 -15.51 6.85
C GLY A 531 -6.59 -16.38 5.67
N TYR A 532 -6.75 -17.69 5.78
CA TYR A 532 -6.43 -18.56 4.65
C TYR A 532 -7.41 -18.30 3.52
N THR A 533 -6.88 -18.05 2.32
CA THR A 533 -7.70 -17.72 1.16
C THR A 533 -7.85 -18.87 0.17
N GLY A 534 -7.21 -20.01 0.42
CA GLY A 534 -7.34 -21.16 -0.44
C GLY A 534 -8.50 -22.04 -0.02
N LYS A 535 -8.57 -23.21 -0.66
CA LYS A 535 -9.58 -24.20 -0.34
C LYS A 535 -9.06 -25.13 0.75
N VAL A 536 -9.74 -25.15 1.88
CA VAL A 536 -9.25 -25.84 3.08
C VAL A 536 -10.34 -26.75 3.62
N CYS A 537 -9.93 -27.93 4.08
CA CYS A 537 -10.79 -28.84 4.81
C CYS A 537 -9.94 -29.63 5.79
N VAL A 538 -10.48 -29.86 6.98
CA VAL A 538 -9.78 -30.59 8.03
C VAL A 538 -10.57 -31.86 8.30
N ARG A 539 -10.06 -32.99 7.80
CA ARG A 539 -10.71 -34.28 8.04
C ARG A 539 -10.49 -34.70 9.49
N ALA A 540 -11.55 -35.17 10.13
CA ALA A 540 -11.48 -35.62 11.52
C ALA A 540 -11.37 -37.13 11.54
N LYS A 541 -10.30 -37.63 12.17
CA LYS A 541 -10.09 -39.08 12.29
C LYS A 541 -9.81 -39.39 13.75
N VAL A 542 -10.37 -40.51 14.23
CA VAL A 542 -10.23 -40.94 15.61
C VAL A 542 -9.48 -42.26 15.64
N LEU A 543 -8.59 -42.41 16.62
CA LEU A 543 -7.79 -43.61 16.77
C LEU A 543 -7.85 -44.06 18.22
N CYS A 544 -7.47 -45.32 18.44
CA CYS A 544 -7.47 -45.90 19.78
C CYS A 544 -6.27 -46.84 19.92
N LEU A 545 -5.67 -46.84 21.11
CA LEU A 545 -4.57 -47.77 21.39
C LEU A 545 -5.10 -49.20 21.53
N SER A 546 -5.97 -49.43 22.51
CA SER A 546 -6.53 -50.74 22.75
C SER A 546 -7.50 -51.13 21.64
N PRO A 547 -7.75 -52.44 21.46
CA PRO A 547 -8.72 -52.87 20.45
C PRO A 547 -10.17 -52.51 20.82
N VAL A 558 -21.85 -42.38 9.40
CA VAL A 558 -21.56 -41.23 8.56
C VAL A 558 -20.18 -41.38 7.94
N SER A 559 -20.14 -41.55 6.63
CA SER A 559 -18.87 -41.65 5.92
C SER A 559 -18.30 -40.26 5.68
N PRO A 560 -16.97 -40.13 5.60
CA PRO A 560 -16.37 -38.81 5.37
C PRO A 560 -16.60 -38.34 3.95
N MET A 561 -16.92 -37.05 3.81
CA MET A 561 -17.09 -36.47 2.49
C MET A 561 -15.80 -36.56 1.69
N ASP A 562 -15.92 -36.93 0.42
CA ASP A 562 -14.78 -36.98 -0.50
C ASP A 562 -14.65 -35.60 -1.13
N TYR A 563 -13.67 -34.83 -0.68
CA TYR A 563 -13.50 -33.48 -1.17
C TYR A 563 -12.85 -33.50 -2.56
N PRO A 564 -13.00 -32.41 -3.32
CA PRO A 564 -12.34 -32.33 -4.63
C PRO A 564 -10.84 -32.49 -4.52
N ALA A 565 -10.15 -32.64 -5.66
CA ALA A 565 -8.70 -32.77 -5.64
C ALA A 565 -8.02 -31.44 -5.33
N SER A 566 -8.73 -30.32 -5.45
CA SER A 566 -8.12 -29.03 -5.18
C SER A 566 -7.95 -28.76 -3.69
N TYR A 567 -8.58 -29.55 -2.83
CA TYR A 567 -8.44 -29.36 -1.39
C TYR A 567 -7.21 -30.05 -0.83
N SER A 568 -6.55 -30.91 -1.61
CA SER A 568 -5.30 -31.50 -1.19
C SER A 568 -4.17 -30.47 -1.31
N LEU A 569 -3.25 -30.51 -0.35
CA LEU A 569 -2.11 -29.60 -0.37
C LEU A 569 -1.10 -30.11 -1.40
N ALA A 570 -0.99 -29.39 -2.52
CA ALA A 570 -0.25 -29.90 -3.67
C ALA A 570 1.26 -29.81 -3.49
N GLY A 571 1.75 -28.97 -2.60
CA GLY A 571 3.19 -28.88 -2.42
C GLY A 571 3.58 -27.77 -1.47
N THR A 572 4.84 -27.35 -1.60
CA THR A 572 5.44 -26.43 -0.64
C THR A 572 4.63 -25.15 -0.51
N GLN A 573 4.13 -24.62 -1.62
CA GLN A 573 3.42 -23.34 -1.56
C GLN A 573 2.18 -23.44 -0.71
N HIS A 574 1.32 -24.45 -0.98
CA HIS A 574 0.11 -24.61 -0.20
C HIS A 574 0.42 -24.94 1.26
N MET A 575 1.39 -25.82 1.49
CA MET A 575 1.73 -26.17 2.86
C MET A 575 2.21 -24.96 3.64
N GLU A 576 3.05 -24.13 3.01
CA GLU A 576 3.55 -22.92 3.66
C GLU A 576 2.42 -21.94 3.93
N ALA A 577 1.51 -21.75 2.98
CA ALA A 577 0.40 -20.83 3.20
C ALA A 577 -0.47 -21.30 4.36
N LEU A 578 -0.80 -22.59 4.39
CA LEU A 578 -1.65 -23.11 5.45
C LEU A 578 -0.96 -23.02 6.80
N LEU A 579 0.35 -23.31 6.85
CA LEU A 579 1.06 -23.23 8.11
C LEU A 579 1.24 -21.79 8.57
N GLN A 580 1.38 -20.86 7.64
CA GLN A 580 1.44 -19.45 8.02
C GLN A 580 0.11 -18.97 8.57
N SER A 581 -1.00 -19.51 8.05
CA SER A 581 -2.30 -19.22 8.67
C SER A 581 -2.45 -19.88 10.03
N LEU A 582 -1.95 -21.11 10.18
CA LEU A 582 -1.97 -21.78 11.47
C LEU A 582 -1.17 -21.01 12.50
N VAL A 583 -0.10 -20.35 12.08
CA VAL A 583 0.68 -19.53 13.00
C VAL A 583 -0.19 -18.43 13.59
N ILE A 584 -0.95 -17.74 12.74
CA ILE A 584 -1.81 -16.67 13.22
C ILE A 584 -2.92 -17.24 14.10
N VAL A 585 -3.43 -18.42 13.75
CA VAL A 585 -4.46 -19.05 14.57
C VAL A 585 -3.92 -19.34 15.96
N LEU A 586 -2.72 -19.94 16.02
CA LEU A 586 -2.14 -20.32 17.30
C LEU A 586 -1.80 -19.11 18.15
N LEU A 587 -1.30 -18.05 17.53
CA LEU A 587 -0.86 -16.90 18.31
C LEU A 587 -2.02 -16.21 19.04
N GLY A 588 -3.27 -16.52 18.69
CA GLY A 588 -4.40 -15.98 19.39
C GLY A 588 -4.94 -16.82 20.52
N PHE A 589 -4.28 -17.92 20.85
CA PHE A 589 -4.69 -18.81 21.92
C PHE A 589 -3.49 -19.09 22.84
N ARG A 590 -3.80 -19.51 24.06
CA ARG A 590 -2.78 -19.89 25.02
C ARG A 590 -2.48 -21.37 24.87
N SER A 591 -1.24 -21.69 24.49
CA SER A 591 -0.83 -23.08 24.34
C SER A 591 0.69 -23.13 24.22
N LEU A 592 1.22 -24.35 24.15
CA LEU A 592 2.66 -24.52 24.08
C LEU A 592 3.22 -23.91 22.79
N LEU A 593 2.64 -24.27 21.65
CA LEU A 593 3.11 -23.72 20.39
C LEU A 593 2.84 -22.23 20.30
N SER A 594 1.73 -21.76 20.88
CA SER A 594 1.48 -20.32 20.92
C SER A 594 2.58 -19.60 21.69
N ASP A 595 3.02 -20.17 22.82
CA ASP A 595 4.08 -19.55 23.59
C ASP A 595 5.41 -19.59 22.85
N GLN A 596 5.70 -20.70 22.16
CA GLN A 596 6.92 -20.75 21.35
C GLN A 596 6.89 -19.70 20.26
N LEU A 597 5.75 -19.52 19.61
CA LEU A 597 5.63 -18.50 18.58
C LEU A 597 5.77 -17.11 19.18
N GLY A 598 5.25 -16.89 20.39
CA GLY A 598 5.45 -15.62 21.06
C GLY A 598 6.92 -15.34 21.36
N CYS A 599 7.65 -16.38 21.80
CA CYS A 599 9.08 -16.22 22.02
C CYS A 599 9.77 -15.80 20.72
N GLU A 600 9.46 -16.48 19.62
CA GLU A 600 10.09 -16.13 18.36
C GLU A 600 9.67 -14.74 17.88
N VAL A 601 8.44 -14.32 18.19
CA VAL A 601 8.01 -12.96 17.85
C VAL A 601 8.84 -11.94 18.62
N LEU A 602 9.08 -12.20 19.90
CA LEU A 602 9.94 -11.32 20.67
C LEU A 602 11.35 -11.28 20.09
N ASN A 603 11.87 -12.43 19.68
CA ASN A 603 13.19 -12.47 19.06
C ASN A 603 13.23 -11.63 17.79
N LEU A 604 12.18 -11.71 16.97
CA LEU A 604 12.13 -10.93 15.74
C LEU A 604 12.03 -9.44 16.02
N LEU A 605 11.25 -9.05 17.03
CA LEU A 605 11.19 -7.65 17.44
C LEU A 605 12.57 -7.16 17.87
N THR A 606 13.28 -7.96 18.66
CA THR A 606 14.61 -7.58 19.09
C THR A 606 15.56 -7.49 17.90
N ALA A 607 15.40 -8.37 16.92
CA ALA A 607 16.23 -8.28 15.71
C ALA A 607 15.97 -6.98 14.96
N GLN A 608 14.71 -6.55 14.88
CA GLN A 608 14.41 -5.27 14.25
C GLN A 608 15.08 -4.12 15.00
N GLN A 609 14.93 -4.10 16.33
CA GLN A 609 15.56 -3.04 17.11
C GLN A 609 17.07 -3.06 16.96
N TYR A 610 17.68 -4.25 16.88
CA TYR A 610 19.12 -4.32 16.67
C TYR A 610 19.50 -3.83 15.29
N GLU A 611 18.68 -4.10 14.27
CA GLU A 611 18.97 -3.55 12.96
C GLU A 611 18.99 -2.03 12.98
N ILE A 612 18.06 -1.43 13.73
CA ILE A 612 18.09 0.02 13.91
C ILE A 612 19.36 0.43 14.66
N PHE A 613 19.71 -0.32 15.70
CA PHE A 613 20.75 0.11 16.63
C PHE A 613 22.16 -0.06 16.07
N SER A 614 22.37 -1.07 15.23
CA SER A 614 23.71 -1.48 14.83
C SER A 614 24.47 -0.62 13.84
N ARG A 615 23.85 0.25 13.13
CA ARG A 615 24.54 1.13 12.26
C ARG A 615 25.38 2.16 13.01
N SER A 616 25.16 2.30 14.31
CA SER A 616 25.88 3.26 15.13
C SER A 616 27.32 2.76 15.25
N LEU A 617 27.59 1.51 14.88
CA LEU A 617 28.96 1.01 15.01
C LEU A 617 29.92 1.77 14.11
N ARG A 618 29.50 2.11 12.90
CA ARG A 618 30.34 2.89 12.00
C ARG A 618 30.56 4.31 12.50
N LYS A 619 29.72 4.80 13.41
CA LYS A 619 29.69 6.21 13.75
C LYS A 619 30.23 6.53 15.15
N ASN A 620 30.59 5.53 15.94
CA ASN A 620 31.06 5.75 17.30
C ASN A 620 32.24 4.85 17.60
N ARG A 621 33.09 5.31 18.51
CA ARG A 621 34.13 4.47 19.12
C ARG A 621 33.82 4.28 20.60
N GLU A 622 33.68 5.36 21.35
CA GLU A 622 33.16 5.29 22.71
C GLU A 622 31.67 5.61 22.69
N LEU A 623 30.88 4.79 23.37
CA LEU A 623 29.43 4.96 23.38
C LEU A 623 28.87 4.42 24.68
N PHE A 624 27.88 5.13 25.22
CA PHE A 624 27.15 4.71 26.40
C PHE A 624 25.73 4.36 25.98
N VAL A 625 25.33 3.12 26.21
CA VAL A 625 24.04 2.60 25.79
C VAL A 625 23.16 2.53 27.03
N HIS A 626 22.22 3.46 27.15
CA HIS A 626 21.30 3.51 28.29
C HIS A 626 20.02 2.76 27.92
N GLY A 627 19.93 1.51 28.37
CA GLY A 627 18.73 0.73 28.10
C GLY A 627 17.74 0.79 29.25
N LEU A 628 16.49 0.53 28.92
CA LEU A 628 15.42 0.39 29.91
C LEU A 628 15.18 -1.08 30.20
N PRO A 629 14.45 -1.40 31.26
CA PRO A 629 14.18 -2.80 31.57
C PRO A 629 13.51 -3.51 30.40
N GLY A 630 14.01 -4.69 30.06
CA GLY A 630 13.44 -5.45 28.97
C GLY A 630 13.64 -4.85 27.59
N SER A 631 14.62 -3.96 27.43
CA SER A 631 14.87 -3.32 26.15
C SER A 631 15.87 -4.10 25.29
N GLY A 632 16.32 -5.26 25.74
CA GLY A 632 17.22 -6.08 24.96
C GLY A 632 18.68 -5.70 25.02
N LYS A 633 19.06 -4.85 25.98
CA LYS A 633 20.43 -4.37 26.13
C LYS A 633 21.48 -5.46 25.95
N THR A 634 21.34 -6.57 26.68
CA THR A 634 22.30 -7.66 26.57
C THR A 634 22.31 -8.29 25.19
N ILE A 635 21.15 -8.49 24.58
CA ILE A 635 21.11 -9.06 23.24
C ILE A 635 21.80 -8.13 22.26
N MET A 636 21.58 -6.82 22.39
CA MET A 636 22.29 -5.85 21.57
C MET A 636 23.79 -5.97 21.77
N ALA A 637 24.23 -6.15 23.02
CA ALA A 637 25.66 -6.29 23.28
C ALA A 637 26.23 -7.49 22.55
N MET A 638 25.59 -8.65 22.66
CA MET A 638 26.07 -9.85 21.98
C MET A 638 26.11 -9.64 20.46
N LYS A 639 25.03 -9.12 19.90
CA LYS A 639 24.97 -8.98 18.45
C LYS A 639 25.97 -7.93 17.96
N ILE A 640 26.23 -6.91 18.77
CA ILE A 640 27.22 -5.90 18.38
C ILE A 640 28.62 -6.47 18.47
N MET A 641 28.87 -7.40 19.39
CA MET A 641 30.16 -8.10 19.34
C MET A 641 30.29 -8.88 18.05
N GLU A 642 29.23 -9.58 17.65
CA GLU A 642 29.27 -10.29 16.38
C GLU A 642 29.57 -9.34 15.22
N LYS A 643 28.91 -8.18 15.21
CA LYS A 643 29.12 -7.23 14.12
C LYS A 643 30.51 -6.61 14.18
N ILE A 644 31.05 -6.39 15.38
CA ILE A 644 32.42 -5.89 15.50
C ILE A 644 33.38 -6.89 14.87
N ARG A 645 33.24 -8.17 15.22
CA ARG A 645 34.05 -9.19 14.57
C ARG A 645 33.91 -9.09 13.06
N ASN A 646 32.67 -9.06 12.56
CA ASN A 646 32.44 -9.06 11.12
C ASN A 646 33.08 -7.87 10.43
N VAL A 647 32.90 -6.66 10.96
CA VAL A 647 33.25 -5.47 10.20
C VAL A 647 34.71 -5.07 10.43
N PHE A 648 35.30 -5.40 11.57
CA PHE A 648 36.72 -5.14 11.80
C PHE A 648 37.61 -6.31 11.43
N HIS A 649 37.03 -7.47 11.08
CA HIS A 649 37.79 -8.62 10.60
C HIS A 649 38.79 -9.11 11.65
N CYS A 650 38.53 -8.85 12.92
CA CYS A 650 39.40 -9.34 13.98
C CYS A 650 38.88 -10.67 14.52
N GLU A 651 39.80 -11.48 15.03
CA GLU A 651 39.44 -12.77 15.60
C GLU A 651 38.61 -12.56 16.87
N ALA A 652 37.75 -13.54 17.14
CA ALA A 652 36.77 -13.38 18.23
C ALA A 652 37.46 -13.14 19.57
N HIS A 653 38.62 -13.74 19.80
CA HIS A 653 39.30 -13.58 21.08
C HIS A 653 39.85 -12.17 21.28
N ARG A 654 39.90 -11.36 20.23
CA ARG A 654 40.38 -9.98 20.36
C ARG A 654 39.33 -9.04 20.95
N ILE A 655 38.09 -9.51 21.10
CA ILE A 655 36.99 -8.71 21.64
C ILE A 655 36.74 -9.16 23.07
N LEU A 656 36.59 -8.20 23.97
CA LEU A 656 36.43 -8.49 25.39
C LEU A 656 35.05 -8.05 25.87
N TYR A 657 34.40 -8.92 26.64
CA TYR A 657 33.15 -8.59 27.32
C TYR A 657 33.38 -8.64 28.83
N VAL A 658 32.97 -7.57 29.52
CA VAL A 658 33.15 -7.45 30.96
C VAL A 658 31.77 -7.24 31.58
N CYS A 659 31.46 -8.05 32.58
CA CYS A 659 30.19 -7.96 33.30
C CYS A 659 30.47 -8.02 34.79
N GLU A 660 29.39 -7.91 35.57
CA GLU A 660 29.50 -7.86 37.03
C GLU A 660 29.15 -9.18 37.70
N ASN A 661 28.50 -10.11 37.00
CA ASN A 661 27.96 -11.31 37.61
C ASN A 661 28.46 -12.55 36.88
N GLN A 662 28.85 -13.56 37.65
CA GLN A 662 29.41 -14.81 37.13
C GLN A 662 28.43 -15.57 36.25
N PRO A 663 27.16 -15.69 36.64
CA PRO A 663 26.20 -16.38 35.76
C PRO A 663 26.11 -15.73 34.38
N LEU A 664 26.02 -14.40 34.33
CA LEU A 664 25.99 -13.70 33.04
C LEU A 664 27.30 -13.92 32.30
N ARG A 665 28.42 -13.84 33.02
CA ARG A 665 29.72 -14.07 32.39
C ARG A 665 29.73 -15.42 31.69
N ASN A 666 29.26 -16.47 32.37
CA ASN A 666 29.28 -17.81 31.79
C ASN A 666 28.33 -17.90 30.62
N PHE A 667 27.13 -17.34 30.76
CA PHE A 667 26.13 -17.40 29.70
C PHE A 667 26.65 -16.71 28.44
N ILE A 668 27.53 -15.73 28.61
CA ILE A 668 28.14 -15.10 27.44
C ILE A 668 29.33 -15.91 26.95
N SER A 669 30.08 -16.52 27.87
CA SER A 669 31.30 -17.23 27.51
C SER A 669 31.00 -18.43 26.64
N ASP A 670 29.95 -19.19 26.97
CA ASP A 670 29.70 -20.44 26.26
C ASP A 670 29.41 -20.23 24.78
N ARG A 671 29.11 -19.01 24.36
CA ARG A 671 28.76 -18.74 22.97
C ARG A 671 29.96 -18.41 22.09
N ASN A 672 31.13 -18.19 22.67
CA ASN A 672 32.38 -18.02 21.92
C ASN A 672 32.37 -16.79 21.02
N ILE A 673 31.43 -15.87 21.21
CA ILE A 673 31.45 -14.65 20.41
C ILE A 673 32.54 -13.69 20.85
N CYS A 674 33.16 -13.93 22.00
CA CYS A 674 34.20 -13.05 22.51
C CYS A 674 34.87 -13.71 23.70
N ARG A 675 35.76 -12.96 24.34
CA ARG A 675 36.22 -13.31 25.67
C ARG A 675 35.38 -12.56 26.70
N ALA A 676 34.78 -13.30 27.62
CA ALA A 676 33.93 -12.72 28.66
C ALA A 676 34.64 -12.84 30.00
N GLU A 677 34.56 -11.79 30.81
CA GLU A 677 35.23 -11.75 32.09
C GLU A 677 34.42 -10.90 33.07
N THR A 678 34.76 -11.03 34.34
CA THR A 678 34.13 -10.21 35.37
C THR A 678 34.96 -8.95 35.61
N ARG A 679 34.36 -7.97 36.28
CA ARG A 679 35.10 -6.77 36.65
C ARG A 679 36.30 -7.13 37.52
N LYS A 680 36.10 -8.03 38.47
CA LYS A 680 37.15 -8.40 39.41
C LYS A 680 38.30 -9.14 38.73
N THR A 681 38.05 -9.84 37.62
CA THR A 681 39.11 -10.45 36.83
C THR A 681 39.69 -9.45 35.82
N PHE A 682 38.84 -8.58 35.28
CA PHE A 682 39.31 -7.56 34.34
C PHE A 682 40.33 -6.64 34.99
N LEU A 683 40.05 -6.22 36.23
CA LEU A 683 40.93 -5.27 36.90
C LEU A 683 42.26 -5.88 37.31
N ARG A 684 42.44 -7.19 37.19
CA ARG A 684 43.66 -7.85 37.63
C ARG A 684 44.47 -8.43 36.47
N GLU A 685 43.82 -9.15 35.54
CA GLU A 685 44.58 -9.96 34.61
C GLU A 685 45.05 -9.12 33.42
N ASN A 686 45.92 -9.71 32.60
CA ASN A 686 46.56 -8.97 31.51
C ASN A 686 45.71 -9.01 30.24
N PHE A 687 45.35 -7.84 29.72
CA PHE A 687 44.47 -7.75 28.56
C PHE A 687 45.04 -6.86 27.47
N GLU A 688 46.37 -6.79 27.34
CA GLU A 688 46.95 -5.98 26.28
C GLU A 688 46.62 -6.52 24.89
N HIS A 689 46.41 -7.83 24.77
CA HIS A 689 46.06 -8.40 23.47
C HIS A 689 44.68 -7.96 22.99
N ILE A 690 43.88 -7.34 23.85
CA ILE A 690 42.51 -7.00 23.50
C ILE A 690 42.50 -5.71 22.69
N GLN A 691 41.60 -5.65 21.69
CA GLN A 691 41.36 -4.44 20.91
C GLN A 691 40.10 -3.71 21.33
N HIS A 692 38.99 -4.42 21.47
CA HIS A 692 37.68 -3.81 21.68
C HIS A 692 37.05 -4.35 22.96
N ILE A 693 36.31 -3.50 23.65
CA ILE A 693 35.72 -3.85 24.94
C ILE A 693 34.25 -3.49 24.90
N VAL A 694 33.40 -4.43 25.30
CA VAL A 694 31.98 -4.17 25.54
C VAL A 694 31.71 -4.44 27.02
N ILE A 695 31.11 -3.46 27.69
CA ILE A 695 30.85 -3.54 29.12
C ILE A 695 29.34 -3.52 29.34
N ASP A 696 28.85 -4.48 30.12
CA ASP A 696 27.43 -4.64 30.35
C ASP A 696 27.12 -4.55 31.84
N GLU A 697 25.90 -4.10 32.13
CA GLU A 697 25.46 -3.93 33.52
C GLU A 697 26.44 -3.07 34.30
N ALA A 698 26.97 -2.03 33.65
CA ALA A 698 27.99 -1.20 34.28
C ALA A 698 27.47 -0.53 35.54
N GLN A 699 26.16 -0.30 35.65
CA GLN A 699 25.63 0.37 36.84
C GLN A 699 25.85 -0.44 38.10
N ASN A 700 26.15 -1.73 37.98
CA ASN A 700 26.39 -2.60 39.12
C ASN A 700 27.86 -2.77 39.45
N PHE A 701 28.76 -2.15 38.69
CA PHE A 701 30.18 -2.27 38.95
C PHE A 701 30.55 -1.55 40.25
N ARG A 702 31.82 -1.63 40.62
CA ARG A 702 32.30 -1.05 41.86
C ARG A 702 33.73 -0.55 41.71
N THR A 703 34.09 0.43 42.53
CA THR A 703 35.41 1.04 42.50
C THR A 703 36.37 0.47 43.52
N GLU A 704 35.92 -0.46 44.38
CA GLU A 704 36.78 -0.95 45.45
C GLU A 704 38.02 -1.66 44.92
N ASP A 705 37.90 -2.31 43.76
CA ASP A 705 39.00 -3.07 43.19
C ASP A 705 39.91 -2.23 42.31
N GLY A 706 39.39 -1.17 41.69
CA GLY A 706 40.22 -0.32 40.84
C GLY A 706 39.40 0.60 39.96
N ASP A 707 40.06 1.22 38.98
CA ASP A 707 39.40 2.12 38.04
C ASP A 707 39.15 1.36 36.75
N TRP A 708 38.03 0.61 36.72
CA TRP A 708 37.73 -0.22 35.56
C TRP A 708 37.53 0.64 34.32
N TYR A 709 36.85 1.78 34.44
CA TYR A 709 36.65 2.63 33.29
C TYR A 709 37.95 3.18 32.76
N GLY A 710 38.83 3.62 33.65
CA GLY A 710 40.13 4.12 33.21
C GLY A 710 40.92 3.04 32.50
N LYS A 711 40.93 1.82 33.06
CA LYS A 711 41.63 0.73 32.41
C LYS A 711 41.04 0.44 31.04
N ALA A 712 39.70 0.43 30.93
CA ALA A 712 39.06 0.16 29.65
C ALA A 712 39.43 1.22 28.61
N LYS A 713 39.37 2.49 28.99
CA LYS A 713 39.77 3.55 28.08
C LYS A 713 41.20 3.36 27.62
N SER A 714 42.10 3.09 28.58
CA SER A 714 43.51 2.95 28.23
C SER A 714 43.74 1.80 27.27
N ILE A 715 43.12 0.64 27.54
CA ILE A 715 43.29 -0.51 26.66
C ILE A 715 42.74 -0.20 25.28
N THR A 716 41.57 0.43 25.21
CA THR A 716 40.88 0.57 23.92
C THR A 716 41.55 1.62 23.05
N ARG A 717 41.91 2.78 23.61
CA ARG A 717 42.41 3.86 22.76
C ARG A 717 43.88 3.70 22.41
N ARG A 718 44.55 2.69 22.94
CA ARG A 718 45.91 2.35 22.54
C ARG A 718 45.93 1.27 21.45
N ALA A 719 44.77 0.71 21.13
CA ALA A 719 44.70 -0.45 20.23
C ALA A 719 45.55 -0.23 18.98
N LYS A 720 46.00 -1.36 18.42
CA LYS A 720 46.98 -1.32 17.33
C LYS A 720 46.39 -0.84 16.02
N GLY A 721 45.09 -1.00 15.82
CA GLY A 721 44.45 -0.57 14.59
C GLY A 721 43.74 0.76 14.74
N GLY A 722 44.32 1.65 15.54
CA GLY A 722 43.67 2.88 15.91
C GLY A 722 42.78 2.65 17.11
N PRO A 723 42.19 3.71 17.66
CA PRO A 723 41.32 3.54 18.83
C PRO A 723 40.21 2.55 18.53
N GLY A 724 39.99 1.63 19.49
CA GLY A 724 39.02 0.59 19.31
C GLY A 724 37.67 0.92 19.94
N ILE A 725 36.73 0.01 19.74
CA ILE A 725 35.38 0.18 20.28
C ILE A 725 35.43 0.08 21.80
N LEU A 726 34.72 1.00 22.46
CA LEU A 726 34.50 0.92 23.91
C LEU A 726 33.05 1.30 24.15
N TRP A 727 32.17 0.31 24.16
CA TRP A 727 30.74 0.53 24.38
C TRP A 727 30.37 0.00 25.76
N ILE A 728 29.67 0.81 26.53
CA ILE A 728 29.35 0.54 27.92
C ILE A 728 27.84 0.47 28.03
N PHE A 729 27.30 -0.75 28.06
CA PHE A 729 25.88 -0.96 28.26
C PHE A 729 25.54 -0.86 29.74
N LEU A 730 24.48 -0.12 30.06
CA LEU A 730 24.11 0.08 31.45
C LEU A 730 22.63 0.41 31.53
N ASP A 731 22.05 0.24 32.71
CA ASP A 731 20.63 0.47 32.93
C ASP A 731 20.47 0.84 34.40
N TYR A 732 20.12 2.10 34.67
CA TYR A 732 20.06 2.57 36.04
C TYR A 732 18.83 2.09 36.78
N PHE A 733 17.73 1.79 36.08
CA PHE A 733 16.59 1.19 36.76
C PHE A 733 16.97 -0.14 37.41
N GLN A 734 17.97 -0.82 36.89
CA GLN A 734 18.42 -2.12 37.41
C GLN A 734 19.65 -2.00 38.29
N THR A 735 19.78 -0.91 39.05
CA THR A 735 20.88 -0.76 39.99
C THR A 735 20.73 -1.76 41.13
N SER A 736 21.83 -2.39 41.52
CA SER A 736 21.82 -3.43 42.54
C SER A 736 22.48 -3.00 43.84
N HIS A 737 23.11 -1.84 43.90
CA HIS A 737 23.73 -1.35 45.11
C HIS A 737 23.71 0.17 45.14
N LEU A 738 23.86 0.72 46.33
CA LEU A 738 23.72 2.15 46.58
C LEU A 738 25.06 2.88 46.60
N ASP A 739 26.14 2.25 46.15
CA ASP A 739 27.46 2.87 46.15
C ASP A 739 27.78 3.42 44.77
N CYS A 740 28.94 4.06 44.65
CA CYS A 740 29.39 4.56 43.37
C CYS A 740 29.93 3.43 42.51
N SER A 741 29.51 3.41 41.24
CA SER A 741 29.89 2.34 40.32
C SER A 741 31.15 2.63 39.52
N GLY A 742 31.71 3.82 39.64
CA GLY A 742 32.89 4.19 38.88
C GLY A 742 32.61 4.73 37.49
N LEU A 743 31.34 4.85 37.10
CA LEU A 743 31.03 5.41 35.80
C LEU A 743 31.33 6.91 35.78
N PRO A 744 31.71 7.46 34.64
CA PRO A 744 31.91 8.90 34.55
C PRO A 744 30.62 9.64 34.77
N PRO A 745 30.67 10.90 35.20
CA PRO A 745 29.43 11.63 35.47
C PRO A 745 28.46 11.54 34.32
N LEU A 746 27.17 11.76 34.63
CA LEU A 746 26.15 11.70 33.59
C LEU A 746 26.44 12.71 32.48
N SER A 747 26.92 13.89 32.84
CA SER A 747 27.24 14.90 31.83
C SER A 747 28.36 14.44 30.90
N ASP A 748 29.21 13.52 31.34
CA ASP A 748 30.35 13.07 30.56
C ASP A 748 30.09 11.77 29.81
N GLN A 749 28.90 11.18 29.94
CA GLN A 749 28.59 9.91 29.28
C GLN A 749 28.07 10.15 27.87
N TYR A 750 28.94 10.57 26.96
CA TYR A 750 28.58 10.84 25.57
C TYR A 750 29.67 10.31 24.65
N PRO A 751 29.31 9.92 23.42
CA PRO A 751 27.97 9.90 22.81
C PRO A 751 27.05 8.89 23.49
N ARG A 752 25.74 9.04 23.36
CA ARG A 752 24.81 8.25 24.12
C ARG A 752 23.74 7.65 23.21
N GLU A 753 23.43 6.37 23.45
CA GLU A 753 22.35 5.68 22.78
C GLU A 753 21.34 5.23 23.83
N GLU A 754 20.07 5.17 23.44
CA GLU A 754 19.00 4.78 24.34
C GLU A 754 18.15 3.70 23.69
N LEU A 755 17.86 2.65 24.44
CA LEU A 755 17.00 1.54 24.02
C LEU A 755 15.74 1.61 24.86
N THR A 756 14.71 2.30 24.35
CA THR A 756 13.50 2.57 25.11
C THR A 756 12.36 1.61 24.80
N ARG A 757 12.47 0.82 23.74
CA ARG A 757 11.39 -0.09 23.33
C ARG A 757 11.56 -1.42 24.04
N ILE A 758 10.55 -1.81 24.82
CA ILE A 758 10.60 -3.09 25.53
C ILE A 758 10.22 -4.20 24.56
N VAL A 759 11.16 -5.11 24.30
CA VAL A 759 10.99 -6.12 23.27
C VAL A 759 11.33 -7.52 23.78
N ARG A 760 11.58 -7.64 25.08
CA ARG A 760 12.01 -8.91 25.65
C ARG A 760 10.97 -9.53 26.58
N ASN A 761 9.86 -8.85 26.86
CA ASN A 761 8.84 -9.36 27.76
C ASN A 761 7.47 -9.24 27.10
N ALA A 762 6.59 -10.21 27.39
CA ALA A 762 5.25 -10.19 26.86
C ALA A 762 4.52 -8.93 27.32
N ASP A 763 3.34 -8.72 26.74
CA ASP A 763 2.61 -7.47 27.00
C ASP A 763 2.28 -7.24 28.47
N PRO A 764 1.74 -8.21 29.20
CA PRO A 764 1.46 -7.95 30.63
C PRO A 764 2.69 -7.61 31.44
N ILE A 765 3.79 -8.37 31.24
CA ILE A 765 5.02 -8.08 31.95
C ILE A 765 5.53 -6.69 31.58
N ALA A 766 5.40 -6.32 30.30
CA ALA A 766 5.85 -5.01 29.87
C ALA A 766 5.05 -3.91 30.54
N LYS A 767 3.74 -4.07 30.64
CA LYS A 767 2.91 -3.07 31.32
C LYS A 767 3.27 -2.98 32.80
N TYR A 768 3.53 -4.13 33.42
CA TYR A 768 3.96 -4.12 34.82
C TYR A 768 5.28 -3.37 34.98
N LEU A 769 6.24 -3.64 34.10
CA LEU A 769 7.51 -2.91 34.15
C LEU A 769 7.29 -1.42 33.99
N GLN A 770 6.47 -1.04 33.02
CA GLN A 770 6.22 0.38 32.77
C GLN A 770 5.62 1.05 34.00
N LYS A 771 4.67 0.38 34.66
CA LYS A 771 4.06 0.97 35.84
C LYS A 771 5.05 1.07 37.00
N GLU A 772 5.92 0.07 37.16
CA GLU A 772 6.86 0.10 38.28
C GLU A 772 7.93 1.17 38.04
N MET A 773 8.28 1.42 36.78
CA MET A 773 9.21 2.51 36.52
C MET A 773 8.72 3.84 37.08
N GLN A 774 7.40 4.04 37.14
CA GLN A 774 6.89 5.26 37.76
C GLN A 774 7.21 5.36 39.25
N VAL A 775 7.10 4.26 39.99
CA VAL A 775 7.53 4.25 41.39
C VAL A 775 9.01 4.56 41.48
N ILE A 776 9.82 3.93 40.62
CA ILE A 776 11.26 4.19 40.65
C ILE A 776 11.51 5.68 40.48
N ARG A 777 10.87 6.30 39.49
CA ARG A 777 11.04 7.72 39.26
C ARG A 777 10.56 8.54 40.45
N SER A 778 9.48 8.10 41.10
CA SER A 778 8.99 8.79 42.28
C SER A 778 10.02 8.80 43.40
N ASN A 779 10.72 7.68 43.62
CA ASN A 779 11.73 7.60 44.68
C ASN A 779 13.03 7.07 44.09
N PRO A 780 13.82 7.94 43.48
CA PRO A 780 15.11 7.51 42.93
C PRO A 780 16.14 7.30 44.03
N SER A 781 17.16 6.51 43.71
CA SER A 781 18.25 6.28 44.65
C SER A 781 19.17 7.49 44.72
N PHE A 782 19.82 7.66 45.87
CA PHE A 782 20.68 8.82 46.06
C PHE A 782 22.02 8.69 45.34
N ASN A 783 22.48 7.46 45.07
CA ASN A 783 23.75 7.20 44.41
C ASN A 783 23.66 7.29 42.89
N ILE A 784 22.52 7.75 42.38
CA ILE A 784 22.23 7.80 40.96
C ILE A 784 22.10 9.28 40.59
N PRO A 785 22.64 9.72 39.42
CA PRO A 785 22.52 11.13 39.00
C PRO A 785 21.07 11.58 38.90
N THR A 786 20.82 12.89 38.74
CA THR A 786 19.43 13.33 38.73
C THR A 786 18.73 13.07 37.40
N GLY A 787 19.48 12.95 36.30
CA GLY A 787 18.88 13.00 34.98
C GLY A 787 18.58 11.66 34.33
N CYS A 788 19.29 10.59 34.68
CA CYS A 788 19.21 9.38 33.86
C CYS A 788 17.80 8.81 33.88
N LEU A 789 17.19 8.75 35.06
CA LEU A 789 15.87 8.14 35.18
C LEU A 789 14.79 8.93 34.46
N GLU A 790 15.14 10.04 33.81
CA GLU A 790 14.19 10.78 33.00
C GLU A 790 14.12 10.25 31.57
N VAL A 791 14.72 9.09 31.30
CA VAL A 791 14.52 8.40 30.04
C VAL A 791 13.25 7.59 30.14
N PHE A 792 12.32 7.82 29.20
CA PHE A 792 11.00 7.22 29.30
C PHE A 792 10.78 6.22 28.16
N PRO A 793 10.06 5.14 28.40
CA PRO A 793 9.82 4.16 27.34
C PRO A 793 8.94 4.73 26.25
N GLU A 794 9.08 4.15 25.06
CA GLU A 794 8.29 4.59 23.91
C GLU A 794 6.80 4.53 24.27
N ALA A 795 6.11 5.67 24.15
CA ALA A 795 4.76 5.76 24.66
C ALA A 795 3.80 4.82 23.93
N GLU A 796 3.86 4.82 22.59
CA GLU A 796 2.90 4.07 21.79
C GLU A 796 3.36 2.67 21.43
N TRP A 797 4.51 2.23 21.95
CA TRP A 797 5.04 0.91 21.63
C TRP A 797 4.30 -0.18 22.39
N SER A 798 3.97 -1.26 21.69
CA SER A 798 3.40 -2.45 22.31
C SER A 798 3.97 -3.67 21.62
N GLN A 799 3.99 -4.78 22.34
CA GLN A 799 4.66 -5.98 21.86
C GLN A 799 3.74 -6.92 21.09
N GLY A 800 2.46 -6.99 21.46
CA GLY A 800 1.56 -7.88 20.78
C GLY A 800 1.81 -9.35 21.03
N VAL A 801 2.42 -9.69 22.17
CA VAL A 801 2.67 -11.07 22.57
C VAL A 801 1.98 -11.27 23.91
N GLN A 802 1.18 -12.33 24.01
CA GLN A 802 0.42 -12.60 25.22
C GLN A 802 1.27 -13.31 26.26
N GLY A 803 0.96 -13.05 27.52
CA GLY A 803 1.69 -13.65 28.62
C GLY A 803 0.83 -13.67 29.87
N THR A 804 1.42 -14.18 30.95
CA THR A 804 0.74 -14.32 32.23
C THR A 804 1.44 -13.49 33.28
N LEU A 805 0.66 -12.70 34.01
CA LEU A 805 1.13 -11.96 35.17
C LEU A 805 0.14 -12.18 36.31
N ARG A 806 0.60 -12.81 37.38
CA ARG A 806 -0.25 -13.10 38.53
C ARG A 806 0.50 -12.82 39.81
N ILE A 807 -0.12 -12.06 40.71
CA ILE A 807 0.43 -11.76 42.03
C ILE A 807 -0.37 -12.54 43.05
N LYS A 808 0.30 -13.41 43.80
CA LYS A 808 -0.33 -14.26 44.80
C LYS A 808 0.20 -13.87 46.18
N LYS A 809 -0.56 -13.05 46.89
CA LYS A 809 -0.11 -12.49 48.15
C LYS A 809 -0.73 -13.25 49.33
N TYR A 810 -0.23 -12.93 50.53
CA TYR A 810 -0.77 -13.45 51.78
C TYR A 810 -0.54 -14.95 51.93
N LEU A 811 0.17 -15.56 50.98
CA LEU A 811 0.46 -16.99 51.10
C LEU A 811 1.56 -17.21 52.12
N THR A 812 1.55 -18.40 52.72
CA THR A 812 2.68 -18.84 53.51
C THR A 812 3.75 -19.43 52.59
N VAL A 813 4.92 -19.70 53.16
CA VAL A 813 6.02 -20.22 52.36
C VAL A 813 5.70 -21.61 51.82
N GLU A 814 5.12 -22.47 52.66
CA GLU A 814 4.76 -23.81 52.21
C GLU A 814 3.70 -23.76 51.10
N GLN A 815 2.69 -22.89 51.26
CA GLN A 815 1.70 -22.72 50.19
C GLN A 815 2.36 -22.20 48.92
N ILE A 816 3.27 -21.23 49.04
CA ILE A 816 3.99 -20.72 47.88
C ILE A 816 4.67 -21.85 47.15
N MET A 817 5.36 -22.72 47.88
CA MET A 817 6.18 -23.72 47.20
C MET A 817 5.32 -24.84 46.63
N THR A 818 4.25 -25.21 47.32
CA THR A 818 3.32 -26.17 46.74
C THR A 818 2.71 -25.63 45.46
N CYS A 819 2.34 -24.34 45.44
CA CYS A 819 1.80 -23.73 44.24
C CYS A 819 2.82 -23.73 43.11
N VAL A 820 4.08 -23.41 43.44
CA VAL A 820 5.13 -23.40 42.41
C VAL A 820 5.28 -24.80 41.82
N ALA A 821 5.30 -25.82 42.68
CA ALA A 821 5.43 -27.18 42.19
C ALA A 821 4.24 -27.58 41.32
N ASP A 822 3.03 -27.21 41.74
CA ASP A 822 1.85 -27.55 40.96
C ASP A 822 1.88 -26.88 39.59
N THR A 823 2.22 -25.59 39.55
CA THR A 823 2.27 -24.88 38.28
C THR A 823 3.35 -25.46 37.37
N CYS A 824 4.51 -25.80 37.94
CA CYS A 824 5.55 -26.45 37.15
C CYS A 824 5.04 -27.77 36.58
N ARG A 825 4.29 -28.53 37.38
CA ARG A 825 3.75 -29.79 36.89
C ARG A 825 2.78 -29.56 35.74
N ARG A 826 1.91 -28.55 35.85
CA ARG A 826 0.96 -28.27 34.78
C ARG A 826 1.72 -27.90 33.50
N PHE A 827 2.73 -27.05 33.61
CA PHE A 827 3.49 -26.66 32.43
C PHE A 827 4.19 -27.87 31.80
N PHE A 828 4.82 -28.71 32.62
CA PHE A 828 5.54 -29.85 32.09
C PHE A 828 4.59 -30.86 31.46
N ASP A 829 3.40 -31.01 32.03
CA ASP A 829 2.38 -31.85 31.40
C ASP A 829 1.97 -31.30 30.04
N ARG A 830 1.75 -29.98 29.96
CA ARG A 830 1.37 -29.37 28.71
C ARG A 830 2.49 -29.41 27.67
N GLY A 831 3.74 -29.57 28.10
CA GLY A 831 4.84 -29.79 27.17
C GLY A 831 6.03 -28.87 27.35
N TYR A 832 6.01 -27.95 28.32
CA TYR A 832 7.15 -27.06 28.52
C TYR A 832 8.30 -27.82 29.13
N SER A 833 9.49 -27.66 28.59
CA SER A 833 10.68 -28.24 29.20
C SER A 833 10.97 -27.51 30.51
N PRO A 834 11.56 -28.18 31.50
CA PRO A 834 11.86 -27.50 32.77
C PRO A 834 12.79 -26.32 32.61
N LYS A 835 13.71 -26.36 31.65
CA LYS A 835 14.67 -25.27 31.48
C LYS A 835 14.02 -23.98 31.01
N ASP A 836 12.69 -23.96 30.83
CA ASP A 836 11.97 -22.72 30.61
C ASP A 836 11.54 -22.05 31.91
N VAL A 837 11.87 -22.65 33.05
CA VAL A 837 11.41 -22.19 34.36
C VAL A 837 12.61 -21.71 35.17
N ALA A 838 12.46 -20.55 35.80
CA ALA A 838 13.42 -20.04 36.75
C ALA A 838 12.70 -19.61 38.02
N VAL A 839 13.25 -20.00 39.16
CA VAL A 839 12.70 -19.63 40.46
C VAL A 839 13.68 -18.68 41.11
N LEU A 840 13.22 -17.46 41.40
CA LEU A 840 14.09 -16.40 41.87
C LEU A 840 13.68 -15.99 43.28
N VAL A 841 14.65 -15.92 44.18
CA VAL A 841 14.40 -15.56 45.56
C VAL A 841 15.00 -14.18 45.82
N SER A 842 14.72 -13.62 46.99
CA SER A 842 15.13 -12.25 47.29
C SER A 842 16.65 -12.12 47.29
N THR A 843 17.35 -13.02 47.99
CA THR A 843 18.79 -12.90 48.13
C THR A 843 19.42 -14.28 48.16
N ALA A 844 20.72 -14.33 47.89
CA ALA A 844 21.42 -15.59 47.71
C ALA A 844 21.47 -16.43 48.96
N LYS A 845 21.39 -15.82 50.15
CA LYS A 845 21.46 -16.61 51.38
C LYS A 845 20.25 -17.52 51.54
N GLU A 846 19.06 -17.07 51.16
CA GLU A 846 17.86 -17.90 51.27
C GLU A 846 17.76 -18.91 50.15
N VAL A 847 18.75 -18.95 49.23
CA VAL A 847 18.72 -19.89 48.12
C VAL A 847 18.61 -21.31 48.64
N GLU A 848 19.43 -21.67 49.63
CA GLU A 848 19.44 -23.05 50.09
C GLU A 848 18.17 -23.42 50.83
N HIS A 849 17.65 -22.53 51.66
CA HIS A 849 16.40 -22.79 52.35
C HIS A 849 15.26 -23.02 51.35
N TYR A 850 15.09 -22.07 50.42
CA TYR A 850 14.04 -22.22 49.43
C TYR A 850 14.29 -23.41 48.52
N LYS A 851 15.54 -23.80 48.31
CA LYS A 851 15.84 -24.97 47.49
C LYS A 851 15.41 -26.24 48.19
N TYR A 852 15.77 -26.40 49.46
CA TYR A 852 15.33 -27.58 50.20
C TYR A 852 13.80 -27.65 50.20
N GLU A 853 13.15 -26.53 50.49
CA GLU A 853 11.70 -26.53 50.50
C GLU A 853 11.13 -26.81 49.11
N LEU A 854 11.86 -26.42 48.06
CA LEU A 854 11.43 -26.72 46.70
C LEU A 854 11.47 -28.22 46.43
N LEU A 855 12.62 -28.85 46.68
CA LEU A 855 12.71 -30.29 46.47
C LEU A 855 11.66 -31.03 47.29
N LYS A 856 11.39 -30.55 48.50
CA LYS A 856 10.46 -31.25 49.38
C LYS A 856 9.10 -31.44 48.73
N ALA A 857 8.72 -30.57 47.80
CA ALA A 857 7.45 -30.71 47.08
C ALA A 857 7.65 -31.21 45.66
N MET A 858 8.75 -30.80 45.01
CA MET A 858 8.97 -31.14 43.62
C MET A 858 9.28 -32.62 43.45
N ARG A 859 9.85 -33.26 44.47
CA ARG A 859 10.13 -34.69 44.37
C ARG A 859 8.84 -35.51 44.33
N LYS A 860 7.70 -34.89 44.65
CA LYS A 860 6.42 -35.55 44.48
C LYS A 860 5.90 -35.45 43.05
N LYS A 861 6.47 -34.56 42.24
CA LYS A 861 6.05 -34.35 40.86
C LYS A 861 6.95 -35.07 39.86
N ARG A 862 7.85 -35.93 40.33
CA ARG A 862 8.65 -36.82 39.49
C ARG A 862 9.80 -36.09 38.78
N VAL A 863 10.23 -34.95 39.29
CA VAL A 863 11.47 -34.31 38.86
C VAL A 863 12.27 -33.93 40.09
N VAL A 864 13.55 -34.28 40.09
CA VAL A 864 14.36 -34.23 41.30
C VAL A 864 15.46 -33.18 41.16
N GLN A 865 16.10 -33.12 40.00
CA GLN A 865 17.29 -32.31 39.82
C GLN A 865 16.94 -30.84 39.59
N LEU A 866 17.79 -29.97 40.12
CA LEU A 866 17.69 -28.54 39.89
C LEU A 866 19.01 -28.07 39.29
N SER A 867 19.05 -26.78 38.96
CA SER A 867 20.22 -26.18 38.32
C SER A 867 20.57 -24.88 39.01
N ASP A 868 21.87 -24.58 39.07
CA ASP A 868 22.34 -23.29 39.54
C ASP A 868 22.32 -22.28 38.39
N ALA A 869 22.34 -21.00 38.75
CA ALA A 869 22.34 -19.96 37.73
C ALA A 869 23.62 -19.97 36.90
N CYS A 870 24.66 -20.68 37.36
CA CYS A 870 25.89 -20.79 36.59
C CYS A 870 25.84 -21.91 35.56
N ASP A 871 24.73 -22.65 35.48
CA ASP A 871 24.56 -23.76 34.54
C ASP A 871 23.28 -23.58 33.74
N MET A 872 23.09 -22.38 33.17
CA MET A 872 21.83 -22.05 32.51
C MET A 872 21.47 -23.03 31.41
N LEU A 873 22.48 -23.61 30.73
CA LEU A 873 22.19 -24.51 29.63
C LEU A 873 21.72 -25.89 30.08
N GLY A 874 21.54 -26.10 31.39
CA GLY A 874 21.05 -27.37 31.86
C GLY A 874 19.57 -27.57 31.52
N ASP A 875 19.13 -28.83 31.61
CA ASP A 875 17.76 -29.19 31.31
C ASP A 875 16.92 -29.21 32.58
N HIS A 876 17.29 -28.39 33.56
CA HIS A 876 16.64 -28.43 34.86
C HIS A 876 16.24 -27.01 35.27
N ILE A 877 15.33 -26.93 36.24
CA ILE A 877 14.83 -25.64 36.70
C ILE A 877 15.97 -24.90 37.39
N VAL A 878 15.99 -23.58 37.21
CA VAL A 878 17.03 -22.74 37.81
C VAL A 878 16.46 -22.05 39.04
N LEU A 879 17.05 -22.32 40.20
CA LEU A 879 16.72 -21.64 41.44
C LEU A 879 17.93 -20.80 41.84
N ASP A 880 17.70 -19.52 42.07
CA ASP A 880 18.76 -18.59 42.45
C ASP A 880 18.11 -17.30 42.94
N SER A 881 18.94 -16.27 43.16
CA SER A 881 18.48 -14.99 43.64
C SER A 881 18.28 -14.02 42.47
N VAL A 882 17.52 -12.97 42.72
CA VAL A 882 17.24 -11.98 41.68
C VAL A 882 18.53 -11.33 41.21
N ARG A 883 19.38 -10.93 42.15
CA ARG A 883 20.62 -10.23 41.80
C ARG A 883 21.52 -11.10 40.94
N ARG A 884 21.67 -12.37 41.31
CA ARG A 884 22.58 -13.24 40.58
C ARG A 884 22.04 -13.61 39.21
N PHE A 885 20.75 -13.41 38.98
CA PHE A 885 20.13 -13.75 37.70
C PHE A 885 20.10 -12.59 36.72
N SER A 886 20.57 -11.41 37.13
CA SER A 886 20.52 -10.25 36.25
C SER A 886 21.27 -10.53 34.94
N GLY A 887 20.68 -10.11 33.83
CA GLY A 887 21.22 -10.37 32.52
C GLY A 887 20.76 -11.66 31.87
N LEU A 888 19.93 -12.45 32.55
CA LEU A 888 19.45 -13.72 32.05
C LEU A 888 17.92 -13.71 31.96
N GLU A 889 17.39 -14.52 31.05
CA GLU A 889 15.97 -14.57 30.79
C GLU A 889 15.51 -16.02 30.73
N ARG A 890 14.24 -16.24 31.12
CA ARG A 890 13.59 -17.53 30.94
C ARG A 890 12.09 -17.29 30.80
N SER A 891 11.41 -18.25 30.17
CA SER A 891 10.03 -18.07 29.79
C SER A 891 9.12 -17.89 31.00
N ILE A 892 9.32 -18.71 32.04
CA ILE A 892 8.47 -18.71 33.23
C ILE A 892 9.36 -18.37 34.42
N VAL A 893 8.91 -17.40 35.23
CA VAL A 893 9.66 -16.94 36.38
C VAL A 893 8.75 -16.97 37.61
N PHE A 894 9.25 -17.55 38.69
CA PHE A 894 8.55 -17.58 39.97
C PHE A 894 9.29 -16.65 40.92
N GLY A 895 8.62 -15.56 41.32
CA GLY A 895 9.22 -14.61 42.24
C GLY A 895 8.77 -14.81 43.67
N ILE A 896 9.68 -15.19 44.55
CA ILE A 896 9.35 -15.53 45.93
C ILE A 896 9.83 -14.42 46.84
N HIS A 897 8.88 -13.77 47.53
CA HIS A 897 9.17 -12.85 48.61
C HIS A 897 10.26 -11.83 48.24
N PRO A 898 10.04 -11.02 47.20
CA PRO A 898 11.05 -10.01 46.84
C PRO A 898 11.21 -8.97 47.94
N ARG A 899 12.40 -8.91 48.55
CA ARG A 899 12.62 -8.02 49.68
C ARG A 899 14.11 -7.74 49.79
N THR A 900 14.45 -6.66 50.50
CA THR A 900 15.82 -6.25 50.71
C THR A 900 15.99 -5.74 52.14
N ALA A 901 17.21 -5.88 52.66
CA ALA A 901 17.49 -5.40 54.01
C ALA A 901 17.29 -3.90 54.12
N ASP A 902 17.74 -3.14 53.12
CA ASP A 902 17.52 -1.70 53.06
C ASP A 902 16.38 -1.42 52.10
N PRO A 903 15.21 -0.96 52.59
CA PRO A 903 14.07 -0.78 51.68
C PRO A 903 14.34 0.12 50.49
N ALA A 904 15.41 0.92 50.51
CA ALA A 904 15.70 1.82 49.40
C ALA A 904 15.91 1.07 48.09
N ILE A 905 16.38 -0.17 48.15
CA ILE A 905 16.54 -0.98 46.93
C ILE A 905 15.27 -1.74 46.58
N LEU A 906 14.30 -1.75 47.48
CA LEU A 906 13.05 -2.45 47.21
C LEU A 906 12.41 -2.03 45.89
N PRO A 907 12.36 -0.74 45.53
CA PRO A 907 11.84 -0.40 44.20
C PRO A 907 12.60 -1.08 43.07
N ASN A 908 13.92 -1.21 43.19
CA ASN A 908 14.71 -1.78 42.10
C ASN A 908 14.56 -3.28 42.00
N VAL A 909 14.39 -3.97 43.14
CA VAL A 909 14.41 -5.43 43.11
C VAL A 909 13.21 -5.97 42.33
N LEU A 910 12.04 -5.35 42.46
CA LEU A 910 10.87 -5.82 41.75
C LEU A 910 11.09 -5.80 40.23
N ILE A 911 11.67 -4.71 39.73
CA ILE A 911 11.93 -4.62 38.29
C ILE A 911 13.03 -5.60 37.88
N CYS A 912 14.10 -5.70 38.68
CA CYS A 912 15.14 -6.65 38.36
C CYS A 912 14.60 -8.06 38.28
N LEU A 913 13.52 -8.35 39.02
CA LEU A 913 12.86 -9.65 38.93
C LEU A 913 12.00 -9.74 37.67
N ALA A 914 11.08 -8.80 37.50
CA ALA A 914 10.08 -8.89 36.45
C ALA A 914 10.74 -8.92 35.07
N SER A 915 11.80 -8.14 34.88
CA SER A 915 12.43 -8.06 33.57
C SER A 915 13.02 -9.39 33.12
N ARG A 916 13.21 -10.35 34.02
CA ARG A 916 13.79 -11.63 33.65
C ARG A 916 12.79 -12.57 33.00
N ALA A 917 11.49 -12.32 33.17
CA ALA A 917 10.44 -13.23 32.70
C ALA A 917 10.02 -12.83 31.30
N LYS A 918 10.09 -13.77 30.36
CA LYS A 918 9.70 -13.46 28.99
C LYS A 918 8.18 -13.48 28.83
N GLN A 919 7.51 -14.53 29.35
CA GLN A 919 6.09 -14.68 29.08
C GLN A 919 5.25 -14.87 30.34
N HIS A 920 5.74 -15.62 31.32
CA HIS A 920 4.95 -15.99 32.49
C HIS A 920 5.69 -15.56 33.74
N LEU A 921 5.03 -14.75 34.58
CA LEU A 921 5.61 -14.25 35.81
C LEU A 921 4.63 -14.51 36.95
N TYR A 922 5.12 -15.11 38.04
CA TYR A 922 4.33 -15.33 39.24
C TYR A 922 5.10 -14.76 40.42
N ILE A 923 4.49 -13.78 41.09
CA ILE A 923 5.12 -13.06 42.19
C ILE A 923 4.46 -13.51 43.49
N PHE A 924 5.29 -13.81 44.49
CA PHE A 924 4.80 -14.18 45.81
C PHE A 924 5.33 -13.21 46.85
N PRO A 925 4.65 -12.09 47.08
CA PRO A 925 5.16 -11.12 48.06
C PRO A 925 4.93 -11.58 49.49
N TRP A 926 5.49 -10.81 50.42
CA TRP A 926 5.35 -11.11 51.84
C TRP A 926 3.90 -10.90 52.29
N GLY A 927 3.56 -11.53 53.40
CA GLY A 927 2.22 -11.41 53.97
C GLY A 927 1.87 -9.98 54.33
N PRO B 35 -15.20 7.11 -41.50
CA PRO B 35 -14.43 6.86 -40.28
C PRO B 35 -14.56 7.99 -39.26
N LEU B 36 -13.90 7.85 -38.12
CA LEU B 36 -13.94 8.82 -37.05
C LEU B 36 -12.62 9.57 -36.98
N VAL B 37 -12.70 10.90 -36.90
CA VAL B 37 -11.52 11.76 -36.78
C VAL B 37 -11.82 12.87 -35.78
N VAL B 38 -10.76 13.42 -35.20
CA VAL B 38 -10.91 14.47 -34.20
C VAL B 38 -11.10 15.82 -34.88
N GLU B 39 -12.10 16.56 -34.42
CA GLU B 39 -12.27 17.93 -34.88
C GLU B 39 -11.02 18.73 -34.53
N PRO B 40 -10.42 19.44 -35.48
CA PRO B 40 -9.10 20.04 -35.21
C PRO B 40 -9.14 21.38 -34.51
N SER B 41 -10.28 22.07 -34.51
CA SER B 41 -10.36 23.46 -34.07
C SER B 41 -10.86 23.59 -32.64
N TYR B 42 -10.59 22.62 -31.77
CA TYR B 42 -11.10 22.66 -30.42
C TYR B 42 -9.97 22.49 -29.40
N PRO B 43 -10.17 22.98 -28.18
CA PRO B 43 -9.14 22.82 -27.14
C PRO B 43 -9.22 21.47 -26.46
N ASP B 44 -9.93 20.53 -27.07
CA ASP B 44 -10.19 19.24 -26.43
C ASP B 44 -10.25 18.19 -27.53
N LEU B 45 -10.32 16.93 -27.12
CA LEU B 45 -10.55 15.83 -28.04
C LEU B 45 -12.05 15.78 -28.35
N VAL B 46 -12.42 16.29 -29.52
CA VAL B 46 -13.80 16.29 -29.97
C VAL B 46 -13.90 15.37 -31.17
N ILE B 47 -14.74 14.34 -31.06
CA ILE B 47 -14.92 13.36 -32.12
C ILE B 47 -16.34 13.53 -32.66
N ASN B 48 -16.45 13.70 -33.97
CA ASN B 48 -17.74 13.83 -34.64
C ASN B 48 -18.09 12.48 -35.24
N VAL B 49 -19.20 11.89 -34.77
CA VAL B 49 -19.63 10.59 -35.27
C VAL B 49 -20.72 10.70 -36.31
N GLY B 50 -21.24 11.90 -36.57
CA GLY B 50 -22.16 12.10 -37.67
C GLY B 50 -23.62 11.97 -37.24
N GLU B 51 -24.44 11.51 -38.18
CA GLU B 51 -25.86 11.33 -37.91
C GLU B 51 -26.08 10.11 -37.03
N VAL B 52 -26.86 10.29 -35.97
CA VAL B 52 -27.22 9.22 -35.06
C VAL B 52 -28.70 9.37 -34.70
N THR B 53 -29.42 8.26 -34.68
CA THR B 53 -30.82 8.28 -34.27
C THR B 53 -30.90 8.24 -32.76
N LEU B 54 -31.53 9.25 -32.18
CA LEU B 54 -31.61 9.37 -30.73
C LEU B 54 -33.07 9.31 -30.30
N GLY B 55 -33.29 8.73 -29.12
CA GLY B 55 -34.64 8.46 -28.66
C GLY B 55 -34.93 6.98 -28.69
N GLU B 56 -35.51 6.46 -27.61
CA GLU B 56 -35.76 5.02 -27.53
C GLU B 56 -36.71 4.57 -28.63
N GLU B 57 -37.82 5.30 -28.82
CA GLU B 57 -38.79 4.91 -29.85
C GLU B 57 -38.18 4.99 -31.24
N ASN B 58 -37.47 6.08 -31.53
CA ASN B 58 -36.86 6.24 -32.85
C ASN B 58 -35.86 5.13 -33.12
N ARG B 59 -35.03 4.78 -32.13
CA ARG B 59 -34.05 3.73 -32.32
C ARG B 59 -34.73 2.36 -32.47
N LYS B 60 -35.83 2.13 -31.75
CA LYS B 60 -36.56 0.88 -31.91
C LYS B 60 -37.15 0.76 -33.31
N LYS B 61 -37.67 1.86 -33.86
CA LYS B 61 -38.24 1.81 -35.21
C LYS B 61 -37.19 1.57 -36.28
N LEU B 62 -35.91 1.65 -35.95
CA LEU B 62 -34.86 1.39 -36.93
C LEU B 62 -34.77 -0.09 -37.23
N GLN B 63 -34.00 -0.40 -38.27
CA GLN B 63 -33.58 -1.77 -38.50
C GLN B 63 -32.36 -2.09 -37.65
N LYS B 64 -32.21 -3.38 -37.32
CA LYS B 64 -31.17 -3.77 -36.38
C LYS B 64 -29.78 -3.42 -36.92
N ILE B 65 -29.59 -3.52 -38.23
CA ILE B 65 -28.27 -3.24 -38.80
C ILE B 65 -27.89 -1.78 -38.56
N GLN B 66 -28.78 -0.86 -38.90
CA GLN B 66 -28.49 0.56 -38.69
C GLN B 66 -28.32 0.86 -37.21
N ARG B 67 -29.19 0.28 -36.38
CA ARG B 67 -29.08 0.50 -34.94
C ARG B 67 -27.72 0.09 -34.42
N ASP B 68 -27.27 -1.12 -34.77
CA ASP B 68 -26.00 -1.61 -34.27
C ASP B 68 -24.82 -0.84 -34.85
N GLN B 69 -24.91 -0.39 -36.10
CA GLN B 69 -23.81 0.37 -36.67
C GLN B 69 -23.67 1.74 -36.00
N GLU B 70 -24.78 2.44 -35.78
CA GLU B 70 -24.70 3.69 -35.03
C GLU B 70 -24.19 3.46 -33.62
N LYS B 71 -24.64 2.37 -32.98
CA LYS B 71 -24.15 2.05 -31.65
C LYS B 71 -22.64 1.83 -31.66
N GLU B 72 -22.14 1.11 -32.65
CA GLU B 72 -20.70 0.84 -32.71
C GLU B 72 -19.91 2.11 -32.94
N ARG B 73 -20.41 3.01 -33.79
CA ARG B 73 -19.75 4.30 -33.97
C ARG B 73 -19.66 5.06 -32.65
N VAL B 74 -20.78 5.18 -31.95
CA VAL B 74 -20.80 5.94 -30.71
C VAL B 74 -19.90 5.28 -29.67
N MET B 75 -19.89 3.94 -29.62
CA MET B 75 -19.08 3.25 -28.62
C MET B 75 -17.60 3.32 -28.95
N ARG B 76 -17.24 3.30 -30.24
CA ARG B 76 -15.85 3.53 -30.60
C ARG B 76 -15.40 4.90 -30.13
N ALA B 77 -16.22 5.92 -30.37
CA ALA B 77 -15.87 7.26 -29.91
C ALA B 77 -15.71 7.30 -28.39
N ALA B 78 -16.66 6.70 -27.67
CA ALA B 78 -16.64 6.76 -26.22
C ALA B 78 -15.42 6.02 -25.67
N CYS B 79 -15.12 4.85 -26.20
CA CYS B 79 -13.95 4.10 -25.72
C CYS B 79 -12.66 4.84 -26.03
N ALA B 80 -12.56 5.44 -27.21
CA ALA B 80 -11.36 6.21 -27.54
C ALA B 80 -11.19 7.38 -26.58
N LEU B 81 -12.27 8.10 -26.30
CA LEU B 81 -12.17 9.23 -25.38
C LEU B 81 -11.82 8.77 -23.98
N LEU B 82 -12.38 7.64 -23.55
CA LEU B 82 -12.05 7.13 -22.22
C LEU B 82 -10.58 6.78 -22.12
N ASN B 83 -10.04 6.15 -23.16
CA ASN B 83 -8.64 5.71 -23.14
C ASN B 83 -7.65 6.79 -23.56
N SER B 84 -8.14 7.97 -23.96
CA SER B 84 -7.26 9.03 -24.46
C SER B 84 -7.39 10.34 -23.68
N GLY B 85 -7.89 10.30 -22.45
CA GLY B 85 -7.97 11.48 -21.62
C GLY B 85 -9.30 12.19 -21.61
N GLY B 86 -10.33 11.60 -22.20
CA GLY B 86 -11.64 12.24 -22.23
C GLY B 86 -11.77 13.20 -23.38
N GLY B 87 -12.97 13.77 -23.49
CA GLY B 87 -13.26 14.68 -24.59
C GLY B 87 -14.75 14.86 -24.75
N VAL B 88 -15.17 15.02 -26.00
CA VAL B 88 -16.56 15.22 -26.35
C VAL B 88 -16.90 14.40 -27.58
N ILE B 89 -18.08 13.78 -27.57
CA ILE B 89 -18.64 13.14 -28.75
C ILE B 89 -19.72 14.04 -29.31
N ARG B 90 -19.63 14.36 -30.59
CA ARG B 90 -20.60 15.19 -31.27
C ARG B 90 -21.28 14.34 -32.33
N MET B 91 -22.60 14.45 -32.36
CA MET B 91 -23.42 13.73 -33.29
C MET B 91 -24.59 14.57 -33.69
N ALA B 92 -24.96 14.58 -34.96
CA ALA B 92 -26.17 15.28 -35.38
C ALA B 92 -27.41 14.41 -35.18
N LYS B 93 -28.47 15.02 -34.68
CA LYS B 93 -29.71 14.31 -34.43
C LYS B 93 -30.80 14.85 -35.35
N LYS B 94 -31.69 13.95 -35.77
CA LYS B 94 -32.64 14.23 -36.83
C LYS B 94 -33.81 15.10 -36.39
N VAL B 95 -33.91 15.42 -35.10
CA VAL B 95 -35.04 16.17 -34.57
C VAL B 95 -34.54 17.41 -33.86
N GLU B 96 -35.44 18.37 -33.67
CA GLU B 96 -35.06 19.63 -33.05
C GLU B 96 -35.34 19.65 -31.55
N HIS B 97 -36.30 18.85 -31.09
CA HIS B 97 -36.67 18.85 -29.68
C HIS B 97 -35.76 17.93 -28.88
N PRO B 98 -35.66 18.13 -27.57
CA PRO B 98 -34.81 17.26 -26.75
C PRO B 98 -35.27 15.81 -26.81
N VAL B 99 -34.31 14.89 -26.81
CA VAL B 99 -34.59 13.47 -26.85
C VAL B 99 -33.65 12.75 -25.91
N GLU B 100 -34.13 11.65 -25.33
CA GLU B 100 -33.28 10.79 -24.53
C GLU B 100 -32.28 10.00 -25.39
N MET B 101 -31.20 9.56 -24.75
CA MET B 101 -30.15 8.86 -25.48
C MET B 101 -30.69 7.61 -26.16
N GLY B 102 -31.31 6.72 -25.39
CA GLY B 102 -31.74 5.43 -25.90
C GLY B 102 -31.23 4.32 -25.02
N LEU B 103 -32.05 3.29 -24.80
CA LEU B 103 -31.69 2.26 -23.83
C LEU B 103 -30.47 1.46 -24.25
N ASP B 104 -30.33 1.15 -25.54
CA ASP B 104 -29.17 0.37 -25.97
C ASP B 104 -27.87 1.16 -25.86
N LEU B 105 -27.90 2.45 -26.20
CA LEU B 105 -26.73 3.29 -26.00
C LEU B 105 -26.39 3.38 -24.51
N GLU B 106 -27.41 3.58 -23.68
CA GLU B 106 -27.22 3.58 -22.23
C GLU B 106 -26.51 2.31 -21.77
N GLN B 107 -27.03 1.16 -22.20
CA GLN B 107 -26.49 -0.10 -21.75
C GLN B 107 -25.06 -0.29 -22.22
N SER B 108 -24.77 0.10 -23.46
CA SER B 108 -23.41 -0.03 -23.96
C SER B 108 -22.44 0.84 -23.18
N LEU B 109 -22.84 2.06 -22.82
CA LEU B 109 -21.99 2.87 -21.95
C LEU B 109 -21.78 2.20 -20.59
N ARG B 110 -22.85 1.60 -20.05
CA ARG B 110 -22.74 0.93 -18.77
C ARG B 110 -21.75 -0.23 -18.84
N GLU B 111 -21.81 -1.03 -19.90
CA GLU B 111 -20.83 -2.10 -20.04
C GLU B 111 -19.44 -1.56 -20.29
N LEU B 112 -19.32 -0.39 -20.91
CA LEU B 112 -18.02 0.22 -21.15
C LEU B 112 -17.34 0.60 -19.85
N ILE B 113 -18.08 1.21 -18.92
CA ILE B 113 -17.49 1.59 -17.63
C ILE B 113 -17.68 0.54 -16.54
N GLN B 114 -18.32 -0.59 -16.85
CA GLN B 114 -18.57 -1.64 -15.87
C GLN B 114 -19.26 -1.10 -14.63
N SER B 115 -20.31 -0.31 -14.83
CA SER B 115 -21.02 0.28 -13.71
C SER B 115 -22.28 0.96 -14.21
N SER B 116 -23.26 1.09 -13.31
CA SER B 116 -24.47 1.83 -13.62
C SER B 116 -24.32 3.32 -13.41
N ASP B 117 -23.15 3.78 -12.95
CA ASP B 117 -22.91 5.19 -12.68
C ASP B 117 -22.40 5.87 -13.96
N LEU B 118 -23.35 6.21 -14.81
CA LEU B 118 -23.01 6.92 -16.05
C LEU B 118 -22.63 8.36 -15.75
N GLN B 119 -23.26 8.96 -14.73
CA GLN B 119 -23.02 10.37 -14.43
C GLN B 119 -21.57 10.63 -14.09
N ALA B 120 -20.83 9.60 -13.68
CA ALA B 120 -19.44 9.80 -13.26
C ALA B 120 -18.51 9.98 -14.45
N PHE B 121 -18.86 9.43 -15.61
CA PHE B 121 -18.00 9.49 -16.78
C PHE B 121 -18.65 10.08 -18.01
N PHE B 122 -19.98 10.08 -18.11
CA PHE B 122 -20.68 10.58 -19.29
C PHE B 122 -21.71 11.61 -18.87
N GLU B 123 -21.68 12.77 -19.51
CA GLU B 123 -22.71 13.76 -19.37
C GLU B 123 -23.08 14.28 -20.75
N THR B 124 -24.36 14.58 -20.95
CA THR B 124 -24.88 14.90 -22.27
C THR B 124 -25.50 16.30 -22.27
N LYS B 125 -25.28 17.00 -23.38
CA LYS B 125 -25.99 18.24 -23.68
C LYS B 125 -26.48 18.16 -25.11
N GLN B 126 -27.52 18.93 -25.40
CA GLN B 126 -28.06 19.02 -26.75
C GLN B 126 -28.56 20.43 -27.00
N GLN B 127 -28.24 20.96 -28.19
CA GLN B 127 -28.63 22.29 -28.59
C GLN B 127 -29.09 22.23 -30.04
N GLY B 128 -30.39 22.39 -30.27
CA GLY B 128 -30.92 22.31 -31.60
C GLY B 128 -30.72 20.95 -32.25
N ARG B 129 -29.95 20.90 -33.32
CA ARG B 129 -29.73 19.67 -34.08
C ARG B 129 -28.49 18.91 -33.63
N CYS B 130 -27.77 19.38 -32.62
CA CYS B 130 -26.52 18.78 -32.20
C CYS B 130 -26.68 18.16 -30.81
N PHE B 131 -26.15 16.95 -30.65
CA PHE B 131 -26.22 16.21 -29.40
C PHE B 131 -24.80 15.90 -28.95
N TYR B 132 -24.47 16.32 -27.74
CA TYR B 132 -23.11 16.20 -27.21
C TYR B 132 -23.07 15.21 -26.05
N ILE B 133 -22.07 14.34 -26.05
CA ILE B 133 -21.73 13.51 -24.90
C ILE B 133 -20.33 13.89 -24.47
N PHE B 134 -20.19 14.30 -23.21
CA PHE B 134 -18.89 14.65 -22.65
C PHE B 134 -18.36 13.46 -21.85
N VAL B 135 -17.19 12.97 -22.23
CA VAL B 135 -16.60 11.77 -21.66
C VAL B 135 -15.46 12.19 -20.73
N LYS B 136 -15.39 11.55 -19.56
CA LYS B 136 -14.27 11.73 -18.67
C LYS B 136 -13.23 10.64 -18.90
N SER B 137 -11.99 10.92 -18.53
CA SER B 137 -10.93 9.94 -18.68
C SER B 137 -11.17 8.76 -17.75
N TRP B 138 -10.93 7.55 -18.27
CA TRP B 138 -11.07 6.37 -17.44
C TRP B 138 -10.05 6.37 -16.31
N SER B 139 -8.76 6.47 -16.65
CA SER B 139 -7.70 6.56 -15.67
C SER B 139 -6.77 7.69 -16.09
N SER B 140 -6.17 8.34 -15.09
CA SER B 140 -5.37 9.53 -15.31
C SER B 140 -3.99 9.34 -14.71
N GLY B 141 -2.99 9.93 -15.37
CA GLY B 141 -1.64 9.94 -14.86
C GLY B 141 -0.87 8.69 -15.22
N PRO B 142 0.46 8.74 -15.07
CA PRO B 142 1.25 7.53 -15.35
C PRO B 142 1.25 6.56 -14.19
N PHE B 143 1.01 7.03 -12.97
CA PHE B 143 1.02 6.20 -11.77
C PHE B 143 -0.26 6.46 -10.98
N PRO B 144 -1.40 5.97 -11.48
CA PRO B 144 -2.65 6.15 -10.74
C PRO B 144 -2.62 5.44 -9.40
N GLU B 145 -3.39 5.94 -8.43
CA GLU B 145 -3.48 5.25 -7.15
C GLU B 145 -3.96 3.83 -7.32
N ASP B 146 -4.71 3.55 -8.40
CA ASP B 146 -5.29 2.24 -8.65
C ASP B 146 -4.48 1.41 -9.63
N ARG B 147 -3.15 1.54 -9.62
CA ARG B 147 -2.30 0.86 -10.59
C ARG B 147 -2.60 -0.63 -10.66
N SER B 148 -2.67 -1.29 -9.50
CA SER B 148 -2.86 -2.72 -9.42
C SER B 148 -4.29 -3.11 -9.06
N VAL B 149 -5.24 -2.18 -9.13
CA VAL B 149 -6.62 -2.42 -8.74
C VAL B 149 -7.56 -2.38 -9.94
N LYS B 150 -7.49 -1.34 -10.76
CA LYS B 150 -8.40 -1.17 -11.88
C LYS B 150 -7.65 -1.24 -13.20
N PRO B 151 -8.30 -1.70 -14.27
CA PRO B 151 -7.60 -1.79 -15.56
C PRO B 151 -7.15 -0.49 -16.20
N ARG B 152 -6.11 -0.58 -17.01
CA ARG B 152 -5.60 0.58 -17.72
C ARG B 152 -6.58 1.14 -18.76
N LEU B 153 -7.29 0.26 -19.43
CA LEU B 153 -8.16 0.62 -20.55
C LEU B 153 -9.62 0.25 -20.37
N CYS B 154 -10.49 1.06 -20.97
CA CYS B 154 -11.84 0.61 -21.28
C CYS B 154 -11.83 -0.07 -22.65
N SER B 155 -12.76 -1.00 -22.85
CA SER B 155 -12.78 -1.76 -24.09
C SER B 155 -14.22 -2.12 -24.43
N LEU B 156 -14.46 -2.29 -25.73
CA LEU B 156 -15.73 -2.86 -26.16
C LEU B 156 -15.75 -4.36 -25.92
N SER B 157 -14.61 -5.02 -26.11
CA SER B 157 -14.46 -6.42 -25.78
C SER B 157 -12.98 -6.72 -25.61
N SER B 158 -12.68 -7.64 -24.69
CA SER B 158 -11.30 -8.04 -24.47
C SER B 158 -10.89 -9.24 -25.31
N SER B 159 -11.85 -9.93 -25.91
CA SER B 159 -11.60 -11.12 -26.73
C SER B 159 -10.97 -12.25 -25.93
N LEU B 160 -11.04 -12.20 -24.61
CA LEU B 160 -10.55 -13.28 -23.76
C LEU B 160 -11.72 -14.12 -23.27
N TYR B 161 -11.69 -15.41 -23.59
CA TYR B 161 -12.75 -16.34 -23.24
C TYR B 161 -12.20 -17.40 -22.29
N ARG B 162 -13.03 -17.79 -21.33
CA ARG B 162 -12.71 -18.90 -20.44
C ARG B 162 -13.94 -19.77 -20.25
N ARG B 163 -13.70 -21.07 -20.08
CA ARG B 163 -14.77 -22.00 -19.77
C ARG B 163 -15.27 -21.73 -18.35
N SER B 164 -16.55 -21.41 -18.22
CA SER B 164 -17.16 -21.12 -16.93
C SER B 164 -18.19 -22.23 -16.68
N GLU B 165 -17.73 -23.33 -16.09
CA GLU B 165 -18.54 -24.52 -15.96
C GLU B 165 -18.88 -25.07 -17.34
N THR B 166 -20.16 -25.22 -17.68
CA THR B 166 -20.55 -25.74 -18.98
C THR B 166 -20.78 -24.64 -20.01
N SER B 167 -20.12 -23.50 -19.89
CA SER B 167 -20.33 -22.39 -20.79
C SER B 167 -19.03 -21.64 -21.01
N VAL B 168 -19.00 -20.86 -22.09
CA VAL B 168 -17.85 -20.02 -22.44
C VAL B 168 -18.29 -18.57 -22.29
N ARG B 169 -17.54 -17.80 -21.51
CA ARG B 169 -17.90 -16.43 -21.19
C ARG B 169 -16.74 -15.49 -21.48
N SER B 170 -17.07 -14.26 -21.84
CA SER B 170 -16.07 -13.26 -22.14
C SER B 170 -15.68 -12.51 -20.88
N MET B 171 -14.39 -12.25 -20.72
CA MET B 171 -13.91 -11.50 -19.57
C MET B 171 -14.06 -10.01 -19.82
N ASP B 172 -14.74 -9.31 -18.92
CA ASP B 172 -14.81 -7.86 -18.99
C ASP B 172 -13.44 -7.28 -18.66
N SER B 173 -13.36 -5.96 -18.60
CA SER B 173 -12.06 -5.33 -18.36
C SER B 173 -11.48 -5.72 -17.02
N ARG B 174 -12.30 -5.73 -15.97
CA ARG B 174 -11.82 -6.10 -14.64
C ARG B 174 -11.38 -7.56 -14.60
N GLU B 175 -12.20 -8.46 -15.17
CA GLU B 175 -11.86 -9.87 -15.17
C GLU B 175 -10.58 -10.12 -15.95
N ALA B 176 -10.43 -9.48 -17.11
CA ALA B 176 -9.23 -9.66 -17.92
C ALA B 176 -8.01 -9.07 -17.22
N PHE B 177 -8.19 -7.95 -16.52
CA PHE B 177 -7.09 -7.38 -15.76
C PHE B 177 -6.59 -8.36 -14.71
N CYS B 178 -7.51 -8.93 -13.93
CA CYS B 178 -7.12 -9.90 -12.92
C CYS B 178 -6.49 -11.15 -13.56
N PHE B 179 -7.05 -11.61 -14.67
CA PHE B 179 -6.53 -12.80 -15.33
C PHE B 179 -5.10 -12.58 -15.82
N LEU B 180 -4.86 -11.45 -16.48
CA LEU B 180 -3.51 -11.15 -16.97
C LEU B 180 -2.55 -10.94 -15.82
N LYS B 181 -3.00 -10.28 -14.76
CA LYS B 181 -2.17 -10.11 -13.57
C LYS B 181 -1.75 -11.46 -13.01
N THR B 182 -2.67 -12.41 -12.93
CA THR B 182 -2.32 -13.75 -12.44
C THR B 182 -1.35 -14.43 -13.40
N LYS B 183 -1.64 -14.38 -14.70
CA LYS B 183 -0.79 -15.08 -15.67
C LYS B 183 0.61 -14.49 -15.75
N ARG B 184 0.78 -13.22 -15.39
CA ARG B 184 2.08 -12.59 -15.46
C ARG B 184 2.96 -12.86 -14.24
N LYS B 185 2.43 -13.55 -13.23
CA LYS B 185 3.21 -13.81 -12.04
C LYS B 185 4.36 -14.77 -12.38
N PRO B 186 5.54 -14.59 -11.77
CA PRO B 186 6.68 -15.47 -12.06
C PRO B 186 6.57 -16.82 -11.36
N ASP B 216 -9.53 -38.19 -15.15
CA ASP B 216 -10.88 -37.84 -15.57
C ASP B 216 -11.44 -38.89 -16.52
N PRO B 217 -12.76 -39.04 -16.56
CA PRO B 217 -13.36 -40.02 -17.48
C PRO B 217 -13.24 -39.62 -18.94
N ALA B 218 -13.13 -38.33 -19.25
CA ALA B 218 -13.07 -37.90 -20.64
C ALA B 218 -11.84 -38.44 -21.34
N ASP B 219 -10.70 -38.50 -20.64
CA ASP B 219 -9.48 -39.00 -21.26
C ASP B 219 -9.64 -40.45 -21.72
N LEU B 220 -10.42 -41.25 -20.98
CA LEU B 220 -10.63 -42.64 -21.38
C LEU B 220 -11.27 -42.73 -22.76
N ILE B 221 -12.31 -41.93 -23.00
CA ILE B 221 -12.88 -41.88 -24.34
C ILE B 221 -11.87 -41.31 -25.33
N PHE B 222 -11.08 -40.33 -24.90
CA PHE B 222 -10.11 -39.72 -25.79
C PHE B 222 -9.09 -40.74 -26.28
N GLN B 223 -8.78 -41.76 -25.48
CA GLN B 223 -7.76 -42.73 -25.87
C GLN B 223 -8.27 -43.73 -26.90
N LYS B 224 -9.58 -43.82 -27.10
CA LYS B 224 -10.12 -44.80 -28.03
C LYS B 224 -9.67 -44.49 -29.46
N ASP B 225 -9.44 -45.55 -30.23
CA ASP B 225 -9.06 -45.42 -31.63
C ASP B 225 -10.27 -45.24 -32.53
N TYR B 226 -11.44 -45.71 -32.12
CA TYR B 226 -12.66 -45.56 -32.90
C TYR B 226 -13.85 -45.56 -31.95
N LEU B 227 -14.97 -45.06 -32.44
CA LEU B 227 -16.20 -44.99 -31.66
C LEU B 227 -17.32 -45.72 -32.38
N GLU B 228 -18.25 -46.25 -31.59
CA GLU B 228 -19.42 -46.94 -32.12
C GLU B 228 -20.58 -45.97 -32.24
N TYR B 229 -21.24 -45.97 -33.40
CA TYR B 229 -22.41 -45.14 -33.58
C TYR B 229 -23.44 -45.47 -32.49
N GLY B 230 -23.99 -44.43 -31.89
CA GLY B 230 -24.94 -44.62 -30.81
C GLY B 230 -24.33 -44.90 -29.47
N GLU B 231 -23.01 -44.80 -29.34
CA GLU B 231 -22.35 -45.04 -28.06
C GLU B 231 -22.66 -43.92 -27.09
N ILE B 232 -23.18 -44.28 -25.91
CA ILE B 232 -23.49 -43.30 -24.88
C ILE B 232 -22.21 -42.99 -24.11
N LEU B 233 -21.86 -41.71 -24.04
CA LEU B 233 -20.73 -41.30 -23.21
C LEU B 233 -21.20 -41.15 -21.76
N PRO B 234 -20.40 -41.59 -20.79
CA PRO B 234 -20.89 -41.62 -19.40
C PRO B 234 -20.82 -40.30 -18.66
N PHE B 235 -20.31 -39.23 -19.28
CA PHE B 235 -20.12 -37.98 -18.56
C PHE B 235 -20.90 -36.85 -19.21
N PRO B 236 -21.28 -35.84 -18.44
CA PRO B 236 -22.00 -34.70 -19.02
C PRO B 236 -21.04 -33.62 -19.49
N GLU B 237 -21.61 -32.58 -20.07
CA GLU B 237 -20.85 -31.36 -20.32
C GLU B 237 -20.46 -30.74 -18.98
N SER B 238 -19.20 -30.34 -18.87
CA SER B 238 -18.66 -29.90 -17.60
C SER B 238 -17.54 -28.90 -17.84
N GLN B 239 -16.93 -28.46 -16.74
CA GLN B 239 -15.82 -27.51 -16.80
C GLN B 239 -14.74 -27.94 -17.78
N LEU B 240 -14.63 -29.22 -18.09
CA LEU B 240 -13.57 -29.73 -18.94
C LEU B 240 -14.06 -30.43 -20.20
N VAL B 241 -15.36 -30.45 -20.45
CA VAL B 241 -15.91 -31.20 -21.59
C VAL B 241 -16.96 -30.34 -22.29
N GLU B 242 -17.01 -30.44 -23.62
CA GLU B 242 -18.03 -29.80 -24.43
C GLU B 242 -18.38 -30.72 -25.59
N PHE B 243 -19.68 -30.82 -25.87
CA PHE B 243 -20.18 -31.64 -26.96
C PHE B 243 -20.75 -30.76 -28.06
N LYS B 244 -20.53 -31.17 -29.32
CA LYS B 244 -21.10 -30.49 -30.47
C LYS B 244 -21.51 -31.51 -31.52
N GLN B 245 -22.65 -31.26 -32.14
CA GLN B 245 -23.13 -32.03 -33.28
C GLN B 245 -23.54 -31.05 -34.38
N PHE B 246 -23.25 -31.40 -35.63
CA PHE B 246 -23.39 -30.44 -36.73
C PHE B 246 -24.05 -31.10 -37.92
N SER B 247 -24.49 -30.26 -38.85
CA SER B 247 -25.27 -30.71 -39.99
C SER B 247 -24.44 -31.52 -40.96
N THR B 248 -25.11 -32.33 -41.77
CA THR B 248 -24.43 -33.14 -42.78
C THR B 248 -23.86 -32.27 -43.89
N LYS B 249 -24.41 -31.08 -44.10
CA LYS B 249 -23.96 -30.23 -45.21
C LYS B 249 -22.86 -29.27 -44.78
N HIS B 250 -22.95 -28.71 -43.58
CA HIS B 250 -22.06 -27.63 -43.15
C HIS B 250 -21.13 -28.05 -42.02
N PHE B 251 -20.80 -29.34 -41.93
CA PHE B 251 -20.01 -29.82 -40.80
C PHE B 251 -18.66 -29.12 -40.70
N GLN B 252 -17.95 -29.04 -41.83
CA GLN B 252 -16.60 -28.45 -41.81
C GLN B 252 -16.67 -26.99 -41.40
N GLU B 253 -17.60 -26.24 -41.97
CA GLU B 253 -17.71 -24.82 -41.63
C GLU B 253 -18.09 -24.65 -40.17
N TYR B 254 -18.98 -25.48 -39.65
CA TYR B 254 -19.36 -25.38 -38.24
C TYR B 254 -18.18 -25.68 -37.34
N VAL B 255 -17.37 -26.69 -37.68
CA VAL B 255 -16.18 -26.98 -36.87
C VAL B 255 -15.22 -25.79 -36.90
N LYS B 256 -15.05 -25.20 -38.08
CA LYS B 256 -14.15 -24.06 -38.22
C LYS B 256 -14.61 -22.88 -37.36
N ARG B 257 -15.91 -22.58 -37.37
CA ARG B 257 -16.40 -21.48 -36.54
C ARG B 257 -16.44 -21.86 -35.07
N THR B 258 -16.43 -23.17 -34.76
CA THR B 258 -16.39 -23.63 -33.37
C THR B 258 -15.03 -23.40 -32.74
N ILE B 259 -13.96 -23.70 -33.46
CA ILE B 259 -12.62 -23.64 -32.86
C ILE B 259 -12.36 -22.31 -32.18
N PRO B 260 -12.55 -21.15 -32.82
CA PRO B 260 -12.15 -19.88 -32.21
C PRO B 260 -12.77 -19.61 -30.84
N GLU B 261 -13.96 -20.13 -30.60
CA GLU B 261 -14.71 -19.79 -29.39
C GLU B 261 -14.49 -20.76 -28.25
N TYR B 262 -14.12 -22.01 -28.54
CA TYR B 262 -13.92 -22.99 -27.49
C TYR B 262 -12.45 -23.27 -27.20
N VAL B 263 -11.60 -23.27 -28.21
CA VAL B 263 -10.19 -23.61 -27.98
C VAL B 263 -9.56 -22.59 -27.04
N PRO B 264 -9.73 -21.28 -27.27
CA PRO B 264 -9.20 -20.31 -26.30
C PRO B 264 -9.80 -20.45 -24.92
N ALA B 265 -11.09 -20.77 -24.82
CA ALA B 265 -11.71 -20.91 -23.51
C ALA B 265 -11.08 -22.05 -22.71
N PHE B 266 -10.85 -23.19 -23.36
CA PHE B 266 -10.16 -24.28 -22.68
C PHE B 266 -8.72 -23.91 -22.34
N ALA B 267 -8.04 -23.25 -23.27
CA ALA B 267 -6.63 -22.91 -23.06
C ALA B 267 -6.45 -21.98 -21.87
N ASN B 268 -7.33 -20.98 -21.74
CA ASN B 268 -7.12 -19.94 -20.74
C ASN B 268 -7.39 -20.42 -19.33
N THR B 269 -8.14 -21.50 -19.16
CA THR B 269 -8.73 -21.82 -17.87
C THR B 269 -8.32 -23.16 -17.28
N GLY B 270 -7.54 -23.96 -18.00
CA GLY B 270 -7.14 -25.25 -17.46
C GLY B 270 -7.28 -26.40 -18.43
N GLY B 271 -7.60 -26.10 -19.68
CA GLY B 271 -7.72 -27.14 -20.68
C GLY B 271 -9.11 -27.78 -20.67
N GLY B 272 -9.21 -28.83 -21.45
CA GLY B 272 -10.47 -29.56 -21.57
C GLY B 272 -10.51 -30.33 -22.86
N TYR B 273 -11.67 -30.95 -23.09
CA TYR B 273 -11.90 -31.79 -24.26
C TYR B 273 -13.07 -31.22 -25.05
N LEU B 274 -12.94 -31.19 -26.37
CA LEU B 274 -13.99 -30.72 -27.26
C LEU B 274 -14.34 -31.84 -28.23
N PHE B 275 -15.54 -32.40 -28.09
CA PHE B 275 -16.01 -33.49 -28.93
C PHE B 275 -17.01 -32.94 -29.93
N ILE B 276 -16.69 -33.09 -31.21
CA ILE B 276 -17.62 -32.79 -32.29
C ILE B 276 -18.02 -34.11 -32.93
N GLY B 277 -19.32 -34.35 -33.03
CA GLY B 277 -19.86 -35.62 -33.42
C GLY B 277 -20.64 -36.33 -32.32
N VAL B 278 -21.01 -35.62 -31.26
CA VAL B 278 -21.71 -36.19 -30.12
C VAL B 278 -22.98 -35.38 -29.88
N ASP B 279 -24.12 -36.05 -29.82
CA ASP B 279 -25.37 -35.38 -29.52
C ASP B 279 -25.31 -34.78 -28.12
N ASP B 280 -25.77 -33.54 -27.99
CA ASP B 280 -25.73 -32.87 -26.69
C ASP B 280 -26.69 -33.53 -25.71
N LYS B 281 -27.91 -33.81 -26.13
CA LYS B 281 -28.96 -34.24 -25.21
C LYS B 281 -28.78 -35.70 -24.80
N SER B 282 -28.63 -36.60 -25.77
CA SER B 282 -28.51 -38.02 -25.47
C SER B 282 -27.07 -38.46 -25.25
N ARG B 283 -26.10 -37.58 -25.46
CA ARG B 283 -24.69 -37.91 -25.32
C ARG B 283 -24.27 -39.07 -26.23
N GLU B 284 -25.03 -39.31 -27.30
CA GLU B 284 -24.72 -40.39 -28.21
C GLU B 284 -23.71 -39.92 -29.25
N VAL B 285 -22.77 -40.81 -29.60
CA VAL B 285 -21.82 -40.52 -30.66
C VAL B 285 -22.52 -40.66 -32.00
N LEU B 286 -22.43 -39.63 -32.83
CA LEU B 286 -23.05 -39.65 -34.15
C LEU B 286 -22.08 -39.33 -35.28
N GLY B 287 -21.15 -38.41 -35.05
CA GLY B 287 -20.20 -38.06 -36.08
C GLY B 287 -20.88 -37.41 -37.26
N CYS B 288 -20.18 -37.42 -38.39
CA CYS B 288 -20.70 -36.95 -39.66
C CYS B 288 -20.41 -37.99 -40.72
N ALA B 289 -21.33 -38.15 -41.67
CA ALA B 289 -21.25 -39.22 -42.64
C ALA B 289 -19.93 -39.15 -43.41
N LYS B 290 -19.37 -40.32 -43.70
CA LYS B 290 -18.11 -40.39 -44.44
C LYS B 290 -18.18 -39.66 -45.77
N GLU B 291 -19.36 -39.60 -46.39
CA GLU B 291 -19.48 -39.00 -47.71
C GLU B 291 -19.32 -37.49 -47.67
N ASN B 292 -19.33 -36.87 -46.49
CA ASN B 292 -19.38 -35.43 -46.36
C ASN B 292 -18.23 -34.83 -45.58
N VAL B 293 -17.19 -35.61 -45.27
CA VAL B 293 -16.02 -35.09 -44.56
C VAL B 293 -14.78 -35.77 -45.11
N ASP B 294 -13.74 -34.97 -45.37
CA ASP B 294 -12.42 -35.49 -45.69
C ASP B 294 -11.58 -35.37 -44.45
N PRO B 295 -11.18 -36.47 -43.79
CA PRO B 295 -10.46 -36.34 -42.52
C PRO B 295 -9.16 -35.56 -42.64
N ASP B 296 -8.41 -35.73 -43.72
CA ASP B 296 -7.15 -35.01 -43.87
C ASP B 296 -7.39 -33.51 -43.99
N SER B 297 -8.33 -33.11 -44.84
CA SER B 297 -8.66 -31.70 -44.97
C SER B 297 -9.18 -31.14 -43.66
N LEU B 298 -9.99 -31.91 -42.94
CA LEU B 298 -10.54 -31.44 -41.67
C LEU B 298 -9.42 -31.22 -40.66
N ARG B 299 -8.48 -32.15 -40.57
CA ARG B 299 -7.36 -31.99 -39.65
C ARG B 299 -6.52 -30.78 -40.03
N ARG B 300 -6.26 -30.60 -41.32
CA ARG B 300 -5.46 -29.46 -41.76
C ARG B 300 -6.15 -28.14 -41.41
N LYS B 301 -7.45 -28.05 -41.69
CA LYS B 301 -8.18 -26.83 -41.38
C LYS B 301 -8.24 -26.60 -39.89
N ILE B 302 -8.39 -27.66 -39.10
CA ILE B 302 -8.44 -27.52 -37.64
C ILE B 302 -7.13 -26.96 -37.13
N GLU B 303 -6.01 -27.50 -37.62
CA GLU B 303 -4.71 -27.03 -37.14
C GLU B 303 -4.46 -25.59 -37.54
N GLN B 304 -4.77 -25.24 -38.79
CA GLN B 304 -4.64 -23.84 -39.20
C GLN B 304 -5.54 -22.95 -38.35
N ALA B 305 -6.76 -23.41 -38.05
CA ALA B 305 -7.68 -22.64 -37.22
C ALA B 305 -7.10 -22.39 -35.84
N ILE B 306 -6.60 -23.43 -35.19
CA ILE B 306 -6.05 -23.27 -33.84
C ILE B 306 -4.85 -22.33 -33.88
N TYR B 307 -3.98 -22.50 -34.86
CA TYR B 307 -2.77 -21.70 -34.90
C TYR B 307 -3.01 -20.25 -35.34
N LYS B 308 -4.15 -19.93 -35.96
CA LYS B 308 -4.39 -18.52 -36.26
C LYS B 308 -4.55 -17.72 -34.97
N LEU B 309 -4.90 -18.39 -33.87
CA LEU B 309 -5.32 -17.72 -32.66
C LEU B 309 -4.20 -16.85 -32.10
N PRO B 310 -4.45 -15.57 -31.84
CA PRO B 310 -3.39 -14.73 -31.24
C PRO B 310 -3.08 -15.09 -29.80
N CYS B 311 -1.83 -15.46 -29.53
CA CYS B 311 -1.39 -15.79 -28.18
C CYS B 311 -0.35 -14.77 -27.73
N VAL B 312 -0.44 -14.39 -26.45
CA VAL B 312 0.47 -13.44 -25.84
C VAL B 312 1.17 -14.12 -24.68
N HIS B 313 2.46 -13.85 -24.53
CA HIS B 313 3.29 -14.54 -23.55
C HIS B 313 3.90 -13.56 -22.56
N PHE B 314 4.20 -14.07 -21.36
CA PHE B 314 4.92 -13.34 -20.33
C PHE B 314 6.08 -14.17 -19.80
N CYS B 315 6.51 -15.18 -20.53
CA CYS B 315 7.41 -16.20 -20.02
C CYS B 315 8.39 -16.63 -21.10
N GLN B 316 9.31 -17.50 -20.70
CA GLN B 316 10.18 -18.23 -21.62
C GLN B 316 10.20 -19.69 -21.21
N PRO B 317 10.14 -20.62 -22.16
CA PRO B 317 10.06 -20.45 -23.61
C PRO B 317 8.67 -20.01 -24.06
N GLN B 318 8.57 -19.35 -25.21
CA GLN B 318 7.28 -18.91 -25.73
C GLN B 318 6.76 -19.88 -26.77
N ARG B 319 6.32 -21.05 -26.33
CA ARG B 319 5.80 -22.05 -27.25
C ARG B 319 4.35 -21.72 -27.61
N PRO B 320 3.87 -22.18 -28.77
CA PRO B 320 2.50 -21.88 -29.17
C PRO B 320 1.51 -22.70 -28.35
N ILE B 321 0.23 -22.48 -28.66
CA ILE B 321 -0.84 -23.19 -27.96
C ILE B 321 -0.70 -24.68 -28.24
N THR B 322 -0.73 -25.48 -27.19
CA THR B 322 -0.47 -26.91 -27.27
C THR B 322 -1.78 -27.69 -27.16
N PHE B 323 -1.93 -28.70 -27.99
CA PHE B 323 -3.18 -29.47 -28.04
C PHE B 323 -2.90 -30.83 -28.68
N THR B 324 -3.87 -31.70 -28.58
CA THR B 324 -3.89 -32.99 -29.28
C THR B 324 -5.16 -33.08 -30.09
N LEU B 325 -5.05 -33.50 -31.35
CA LEU B 325 -6.18 -33.56 -32.27
C LEU B 325 -6.31 -34.97 -32.82
N LYS B 326 -7.52 -35.50 -32.81
CA LYS B 326 -7.80 -36.83 -33.32
C LYS B 326 -9.08 -36.81 -34.15
N ILE B 327 -9.01 -37.32 -35.36
CA ILE B 327 -10.18 -37.62 -36.18
C ILE B 327 -10.36 -39.13 -36.14
N VAL B 328 -11.46 -39.58 -35.52
CA VAL B 328 -11.65 -40.98 -35.20
C VAL B 328 -12.85 -41.52 -35.97
N ASN B 329 -12.68 -42.70 -36.55
CA ASN B 329 -13.77 -43.35 -37.26
C ASN B 329 -14.93 -43.66 -36.32
N VAL B 330 -16.14 -43.47 -36.82
CA VAL B 330 -17.35 -43.91 -36.14
C VAL B 330 -17.88 -45.12 -36.89
N LEU B 331 -17.91 -46.27 -36.22
CA LEU B 331 -18.31 -47.53 -36.84
C LEU B 331 -19.72 -47.90 -36.42
N LYS B 332 -20.53 -48.28 -37.39
CA LYS B 332 -21.91 -48.72 -37.16
C LYS B 332 -22.01 -50.18 -37.58
N ARG B 333 -22.19 -51.07 -36.59
CA ARG B 333 -22.31 -52.51 -36.86
C ARG B 333 -21.12 -53.04 -37.64
N GLY B 334 -19.92 -52.60 -37.25
CA GLY B 334 -18.70 -53.12 -37.83
C GLY B 334 -18.26 -52.48 -39.12
N GLU B 335 -18.96 -51.45 -39.59
CA GLU B 335 -18.57 -50.73 -40.79
C GLU B 335 -18.53 -49.23 -40.50
N LEU B 336 -17.73 -48.52 -41.29
CA LEU B 336 -17.51 -47.10 -41.07
C LEU B 336 -18.76 -46.30 -41.45
N TYR B 337 -19.38 -45.67 -40.45
CA TYR B 337 -20.49 -44.76 -40.72
C TYR B 337 -19.98 -43.36 -41.06
N GLY B 338 -19.00 -42.87 -40.32
CA GLY B 338 -18.53 -41.51 -40.51
C GLY B 338 -17.37 -41.21 -39.57
N TYR B 339 -17.15 -39.92 -39.36
CA TYR B 339 -16.03 -39.45 -38.56
C TYR B 339 -16.52 -38.55 -37.43
N ALA B 340 -15.81 -38.61 -36.31
CA ALA B 340 -16.04 -37.74 -35.17
C ALA B 340 -14.73 -37.04 -34.82
N CYS B 341 -14.82 -35.75 -34.53
CA CYS B 341 -13.64 -34.93 -34.26
C CYS B 341 -13.51 -34.73 -32.76
N MET B 342 -12.27 -34.84 -32.28
CA MET B 342 -11.98 -34.82 -30.84
C MET B 342 -10.72 -34.00 -30.62
N ILE B 343 -10.82 -32.97 -29.80
CA ILE B 343 -9.72 -32.05 -29.52
C ILE B 343 -9.50 -32.00 -28.03
N ARG B 344 -8.27 -32.26 -27.61
CA ARG B 344 -7.86 -32.09 -26.21
C ARG B 344 -6.94 -30.88 -26.14
N VAL B 345 -7.33 -29.88 -25.36
CA VAL B 345 -6.59 -28.63 -25.26
C VAL B 345 -5.90 -28.57 -23.90
N ASN B 346 -4.58 -28.51 -23.92
CA ASN B 346 -3.80 -28.42 -22.69
C ASN B 346 -3.90 -27.02 -22.11
N PRO B 347 -3.66 -26.86 -20.81
CA PRO B 347 -3.64 -25.52 -20.22
C PRO B 347 -2.49 -24.69 -20.78
N PHE B 348 -2.83 -23.57 -21.39
CA PHE B 348 -1.84 -22.70 -22.00
C PHE B 348 -1.15 -21.86 -20.93
N CYS B 349 0.16 -21.66 -21.10
CA CYS B 349 0.94 -20.97 -20.08
C CYS B 349 0.56 -19.50 -19.95
N CYS B 350 -0.10 -18.93 -20.95
CA CYS B 350 -0.41 -17.50 -20.95
C CYS B 350 -1.81 -17.24 -21.49
N ALA B 351 -2.09 -15.99 -21.85
CA ALA B 351 -3.40 -15.57 -22.33
C ALA B 351 -3.54 -15.87 -23.81
N VAL B 352 -4.71 -16.40 -24.19
CA VAL B 352 -5.05 -16.67 -25.59
C VAL B 352 -6.23 -15.79 -25.95
N PHE B 353 -6.08 -15.02 -27.01
CA PHE B 353 -7.16 -14.20 -27.54
C PHE B 353 -7.79 -14.88 -28.74
N SER B 354 -9.12 -14.88 -28.79
CA SER B 354 -9.80 -15.35 -29.99
C SER B 354 -9.52 -14.44 -31.18
N GLU B 355 -9.47 -13.13 -30.93
CA GLU B 355 -9.12 -12.15 -31.94
C GLU B 355 -8.56 -10.94 -31.22
N ALA B 356 -8.17 -9.93 -31.99
CA ALA B 356 -7.57 -8.74 -31.39
C ALA B 356 -8.56 -8.08 -30.45
N PRO B 357 -8.13 -7.53 -29.32
CA PRO B 357 -9.06 -6.84 -28.43
C PRO B 357 -9.71 -5.66 -29.14
N ASN B 358 -10.97 -5.41 -28.80
CA ASN B 358 -11.71 -4.29 -29.39
C ASN B 358 -11.63 -3.08 -28.47
N SER B 359 -10.43 -2.50 -28.42
CA SER B 359 -10.17 -1.30 -27.64
C SER B 359 -9.61 -0.23 -28.56
N TRP B 360 -9.98 1.02 -28.31
CA TRP B 360 -9.68 2.13 -29.20
C TRP B 360 -9.02 3.26 -28.45
N ILE B 361 -8.23 4.04 -29.18
CA ILE B 361 -7.44 5.14 -28.61
C ILE B 361 -7.25 6.21 -29.68
N VAL B 362 -7.13 7.45 -29.23
CA VAL B 362 -6.86 8.58 -30.11
C VAL B 362 -5.38 8.87 -30.08
N GLU B 363 -4.69 8.62 -31.19
CA GLU B 363 -3.26 8.90 -31.32
C GLU B 363 -3.05 9.82 -32.51
N ASP B 364 -2.19 10.82 -32.30
CA ASP B 364 -2.02 11.89 -33.27
C ASP B 364 -3.35 12.59 -33.50
N LYS B 365 -4.07 12.21 -34.55
CA LYS B 365 -5.35 12.83 -34.84
C LYS B 365 -6.42 11.85 -35.28
N TYR B 366 -6.21 10.54 -35.17
CA TYR B 366 -7.16 9.54 -35.63
C TYR B 366 -7.56 8.64 -34.48
N VAL B 367 -8.80 8.16 -34.52
CA VAL B 367 -9.25 7.13 -33.60
C VAL B 367 -8.72 5.79 -34.12
N CYS B 368 -7.82 5.18 -33.37
CA CYS B 368 -7.11 4.00 -33.82
C CYS B 368 -7.31 2.86 -32.83
N SER B 369 -7.40 1.64 -33.36
CA SER B 369 -7.57 0.47 -32.51
C SER B 369 -6.23 0.01 -31.97
N LEU B 370 -6.21 -0.40 -30.70
CA LEU B 370 -4.99 -0.92 -30.09
C LEU B 370 -4.74 -2.34 -30.57
N THR B 371 -3.48 -2.63 -30.91
CA THR B 371 -3.11 -3.98 -31.28
C THR B 371 -3.16 -4.88 -30.05
N THR B 372 -3.04 -6.19 -30.28
CA THR B 372 -3.12 -7.13 -29.17
C THR B 372 -1.98 -6.93 -28.19
N GLU B 373 -0.75 -6.83 -28.69
CA GLU B 373 0.40 -6.65 -27.82
C GLU B 373 0.33 -5.32 -27.07
N LYS B 374 -0.04 -4.25 -27.78
CA LYS B 374 -0.17 -2.95 -27.13
C LYS B 374 -1.25 -2.97 -26.05
N TRP B 375 -2.37 -3.63 -26.33
CA TRP B 375 -3.44 -3.75 -25.36
C TRP B 375 -2.97 -4.49 -24.12
N VAL B 376 -2.30 -5.62 -24.31
CA VAL B 376 -1.81 -6.40 -23.17
C VAL B 376 -0.78 -5.60 -22.39
N GLY B 377 0.07 -4.85 -23.08
CA GLY B 377 1.05 -4.01 -22.42
C GLY B 377 0.40 -2.98 -21.54
N MET B 378 -0.60 -2.26 -22.06
CA MET B 378 -1.27 -1.25 -21.24
C MET B 378 -2.06 -1.91 -20.10
N MET B 379 -2.60 -3.10 -20.34
CA MET B 379 -3.44 -3.73 -19.31
C MET B 379 -2.62 -4.39 -18.21
N THR B 380 -1.37 -4.73 -18.47
CA THR B 380 -0.49 -5.26 -17.43
C THR B 380 0.31 -4.16 -16.74
N ASP B 381 1.00 -3.32 -17.51
CA ASP B 381 1.73 -2.19 -16.94
C ASP B 381 0.76 -1.11 -16.50
N VAL B 409 8.70 15.15 -18.64
CA VAL B 409 9.18 14.11 -17.76
C VAL B 409 8.19 13.87 -16.63
N TYR B 410 7.97 12.60 -16.30
CA TYR B 410 7.10 12.24 -15.17
C TYR B 410 7.92 12.36 -13.89
N SER B 411 7.65 13.44 -13.16
CA SER B 411 8.43 13.80 -11.98
C SER B 411 7.87 13.07 -10.77
N LYS B 412 8.59 12.04 -10.30
CA LYS B 412 8.10 11.27 -9.16
C LYS B 412 8.17 12.09 -7.88
N LYS B 413 9.23 12.88 -7.70
CA LYS B 413 9.28 13.74 -6.53
C LYS B 413 8.15 14.76 -6.55
N GLY B 414 7.81 15.31 -7.72
CA GLY B 414 6.66 16.17 -7.81
C GLY B 414 5.37 15.45 -7.45
N LEU B 415 5.21 14.21 -7.92
CA LEU B 415 4.03 13.44 -7.56
C LEU B 415 3.97 13.23 -6.05
N GLU B 416 5.12 13.02 -5.42
CA GLU B 416 5.17 12.77 -3.98
C GLU B 416 4.82 14.02 -3.20
N HIS B 417 5.34 15.18 -3.60
CA HIS B 417 5.22 16.41 -2.83
C HIS B 417 4.16 17.36 -3.38
N LYS B 418 3.31 16.89 -4.31
CA LYS B 418 2.39 17.79 -5.01
C LYS B 418 1.61 18.67 -4.06
N LYS B 419 1.17 18.15 -2.92
CA LYS B 419 0.38 18.98 -2.02
C LYS B 419 1.21 20.11 -1.42
N GLU B 420 2.41 19.81 -0.94
CA GLU B 420 3.27 20.84 -0.38
C GLU B 420 3.64 21.87 -1.44
N LEU B 421 3.97 21.40 -2.65
CA LEU B 421 4.38 22.31 -3.72
C LEU B 421 3.22 23.21 -4.12
N GLN B 422 2.02 22.65 -4.22
CA GLN B 422 0.85 23.47 -4.54
C GLN B 422 0.59 24.50 -3.45
N GLN B 423 0.68 24.10 -2.18
CA GLN B 423 0.44 25.05 -1.11
C GLN B 423 1.53 26.11 -1.04
N LEU B 424 2.73 25.81 -1.55
CA LEU B 424 3.80 26.80 -1.56
C LEU B 424 3.63 27.80 -2.69
N LEU B 425 3.41 27.31 -3.91
CA LEU B 425 3.41 28.18 -5.08
C LEU B 425 2.02 28.67 -5.46
N PHE B 426 1.05 27.77 -5.55
CA PHE B 426 -0.28 28.07 -6.07
C PHE B 426 -1.33 28.04 -4.95
N SER B 427 -0.97 28.56 -3.78
CA SER B 427 -1.93 28.61 -2.69
C SER B 427 -3.16 29.40 -3.10
N VAL B 428 -4.32 28.74 -3.06
CA VAL B 428 -5.58 29.38 -3.46
C VAL B 428 -5.99 30.34 -2.36
N PRO B 429 -6.19 31.62 -2.65
CA PRO B 429 -6.55 32.58 -1.61
C PRO B 429 -8.04 32.54 -1.34
N PRO B 430 -8.48 32.96 -0.15
CA PRO B 430 -9.91 33.17 0.08
C PRO B 430 -10.31 34.61 -0.24
N GLY B 431 -11.33 34.76 -1.09
CA GLY B 431 -11.99 36.02 -1.28
C GLY B 431 -11.36 36.99 -2.25
N TYR B 432 -10.23 36.65 -2.89
CA TYR B 432 -9.65 37.55 -3.87
C TYR B 432 -8.90 36.73 -4.91
N LEU B 433 -8.69 37.35 -6.07
CA LEU B 433 -8.03 36.72 -7.21
C LEU B 433 -6.54 37.08 -7.18
N ARG B 434 -5.70 36.07 -7.30
CA ARG B 434 -4.25 36.25 -7.19
C ARG B 434 -3.61 36.14 -8.57
N TYR B 435 -2.57 36.96 -8.78
CA TYR B 435 -1.79 36.95 -10.02
C TYR B 435 -0.40 36.44 -9.71
N THR B 436 0.04 35.41 -10.42
CA THR B 436 1.35 34.82 -10.21
C THR B 436 2.01 34.56 -11.56
N PRO B 437 3.35 34.64 -11.63
CA PRO B 437 4.28 35.16 -10.61
C PRO B 437 4.29 36.68 -10.60
N GLU B 438 4.42 37.27 -9.41
CA GLU B 438 4.26 38.71 -9.28
C GLU B 438 5.32 39.48 -10.03
N SER B 439 6.57 39.01 -10.01
CA SER B 439 7.62 39.72 -10.73
C SER B 439 7.30 39.83 -12.21
N LEU B 440 6.91 38.71 -12.83
CA LEU B 440 6.58 38.72 -14.25
C LEU B 440 5.35 39.56 -14.51
N TRP B 441 4.36 39.51 -13.61
CA TRP B 441 3.15 40.32 -13.80
C TRP B 441 3.48 41.81 -13.79
N ARG B 442 4.28 42.25 -12.81
CA ARG B 442 4.69 43.64 -12.76
C ARG B 442 5.48 44.03 -13.99
N ASP B 443 6.42 43.16 -14.41
CA ASP B 443 7.19 43.45 -15.61
C ASP B 443 6.28 43.65 -16.81
N LEU B 444 5.31 42.75 -17.00
CA LEU B 444 4.44 42.83 -18.16
C LEU B 444 3.61 44.10 -18.14
N ILE B 445 2.98 44.41 -17.00
CA ILE B 445 2.16 45.62 -16.94
C ILE B 445 2.99 46.89 -17.04
N SER B 446 4.29 46.82 -16.73
CA SER B 446 5.15 47.97 -16.98
C SER B 446 5.47 48.09 -18.47
N GLU B 447 5.79 46.98 -19.14
CA GLU B 447 6.18 47.07 -20.54
C GLU B 447 5.00 47.47 -21.43
N HIS B 448 3.81 46.94 -21.15
CA HIS B 448 2.66 47.10 -22.05
C HIS B 448 1.61 47.96 -21.35
N ARG B 449 1.46 49.20 -21.82
CA ARG B 449 0.48 50.11 -21.24
C ARG B 449 -0.93 49.63 -21.54
N GLY B 450 -1.79 49.66 -20.52
CA GLY B 450 -3.17 49.23 -20.66
C GLY B 450 -3.41 47.75 -20.41
N LEU B 451 -2.35 46.95 -20.28
CA LEU B 451 -2.54 45.52 -20.00
C LEU B 451 -3.18 45.31 -18.63
N GLU B 452 -2.78 46.11 -17.64
CA GLU B 452 -3.40 46.01 -16.32
C GLU B 452 -4.90 46.22 -16.42
N GLU B 453 -5.32 47.28 -17.11
CA GLU B 453 -6.74 47.56 -17.25
C GLU B 453 -7.45 46.45 -18.03
N LEU B 454 -6.83 45.96 -19.10
CA LEU B 454 -7.43 44.88 -19.87
C LEU B 454 -7.69 43.67 -18.99
N ILE B 455 -6.68 43.21 -18.26
CA ILE B 455 -6.84 42.01 -17.45
C ILE B 455 -7.82 42.25 -16.32
N ASN B 456 -7.77 43.43 -15.69
CA ASN B 456 -8.68 43.69 -14.59
C ASN B 456 -10.14 43.73 -15.05
N LYS B 457 -10.41 44.31 -16.22
CA LYS B 457 -11.77 44.30 -16.73
C LYS B 457 -12.18 42.89 -17.17
N GLN B 458 -11.22 42.10 -17.63
CA GLN B 458 -11.55 40.74 -18.07
C GLN B 458 -11.81 39.81 -16.88
N MET B 459 -11.22 40.10 -15.72
CA MET B 459 -11.34 39.23 -14.56
C MET B 459 -12.45 39.64 -13.60
N GLN B 460 -13.29 40.59 -13.99
CA GLN B 460 -14.38 41.01 -13.10
C GLN B 460 -15.24 39.85 -12.64
N PRO B 461 -15.65 38.91 -13.48
CA PRO B 461 -16.56 37.85 -13.01
C PRO B 461 -15.99 37.02 -11.87
N PHE B 462 -14.69 36.79 -11.84
CA PHE B 462 -14.07 35.80 -10.94
C PHE B 462 -13.65 36.51 -9.66
N PHE B 463 -14.20 36.02 -8.56
CA PHE B 463 -13.96 36.63 -7.26
C PHE B 463 -12.87 35.98 -6.48
N ARG B 464 -12.56 34.75 -6.78
CA ARG B 464 -11.59 33.97 -6.01
C ARG B 464 -10.91 32.96 -6.92
N GLY B 465 -9.59 32.91 -6.86
CA GLY B 465 -8.84 31.98 -7.69
C GLY B 465 -7.40 32.44 -7.83
N ILE B 466 -6.75 31.92 -8.87
CA ILE B 466 -5.37 32.25 -9.18
C ILE B 466 -5.23 32.39 -10.70
N LEU B 467 -4.48 33.41 -11.12
CA LEU B 467 -4.19 33.64 -12.54
C LEU B 467 -2.69 33.52 -12.74
N ILE B 468 -2.28 32.55 -13.53
CA ILE B 468 -0.87 32.15 -13.64
C ILE B 468 -0.35 32.69 -14.97
N PHE B 469 0.57 33.63 -14.91
CA PHE B 469 1.08 34.28 -16.11
C PHE B 469 2.32 33.59 -16.63
N SER B 470 2.68 33.91 -17.88
CA SER B 470 3.86 33.38 -18.52
C SER B 470 4.12 34.20 -19.78
N ARG B 471 5.40 34.26 -20.16
CA ARG B 471 5.72 34.89 -21.44
C ARG B 471 5.06 34.15 -22.59
N SER B 472 5.09 32.82 -22.56
CA SER B 472 4.33 32.03 -23.51
C SER B 472 4.17 30.61 -22.97
N TRP B 473 2.93 30.27 -22.60
CA TRP B 473 2.63 28.91 -22.16
C TRP B 473 2.98 27.88 -23.23
N ALA B 474 2.95 28.28 -24.51
CA ALA B 474 3.29 27.35 -25.58
C ALA B 474 4.74 26.92 -25.47
N VAL B 475 5.65 27.87 -25.24
CA VAL B 475 7.05 27.51 -25.00
C VAL B 475 7.20 26.79 -23.68
N ASP B 476 6.45 27.21 -22.66
CA ASP B 476 6.48 26.49 -21.40
C ASP B 476 6.18 25.01 -21.57
N LEU B 477 5.27 24.67 -22.49
CA LEU B 477 4.84 23.29 -22.70
C LEU B 477 5.53 22.65 -23.92
N ASN B 478 6.71 23.14 -24.30
CA ASN B 478 7.49 22.57 -25.39
C ASN B 478 6.85 22.78 -26.75
N LEU B 479 5.93 23.72 -26.87
CA LEU B 479 5.36 24.05 -28.17
C LEU B 479 6.14 25.19 -28.80
N GLN B 480 5.79 25.51 -30.05
CA GLN B 480 6.50 26.56 -30.77
C GLN B 480 6.11 27.95 -30.27
N GLU B 481 7.05 28.88 -30.38
CA GLU B 481 6.79 30.26 -29.98
C GLU B 481 6.11 31.01 -31.11
N LYS B 482 5.16 31.87 -30.75
CA LYS B 482 4.44 32.68 -31.72
C LYS B 482 4.78 34.15 -31.52
N PRO B 483 5.44 34.81 -32.47
CA PRO B 483 5.66 36.25 -32.33
C PRO B 483 4.35 37.01 -32.26
N GLY B 484 4.36 38.11 -31.52
CA GLY B 484 3.17 38.91 -31.32
C GLY B 484 2.37 38.55 -30.09
N VAL B 485 2.77 37.51 -29.37
CA VAL B 485 2.07 37.15 -28.13
C VAL B 485 2.69 37.91 -26.97
N ILE B 486 1.91 38.80 -26.37
CA ILE B 486 2.39 39.51 -25.19
C ILE B 486 2.62 38.54 -24.04
N CYS B 487 1.56 37.87 -23.60
CA CYS B 487 1.67 36.90 -22.52
C CYS B 487 0.49 35.96 -22.60
N ASP B 488 0.65 34.78 -21.99
CA ASP B 488 -0.42 33.83 -21.80
C ASP B 488 -0.71 33.71 -20.30
N ALA B 489 -1.98 33.58 -19.96
CA ALA B 489 -2.39 33.44 -18.58
C ALA B 489 -3.34 32.27 -18.46
N LEU B 490 -3.20 31.51 -17.36
CA LEU B 490 -4.09 30.40 -17.06
C LEU B 490 -4.92 30.78 -15.84
N LEU B 491 -6.24 30.79 -15.99
CA LEU B 491 -7.14 31.16 -14.91
C LEU B 491 -7.74 29.90 -14.31
N ILE B 492 -7.62 29.77 -12.99
CA ILE B 492 -8.18 28.66 -12.24
C ILE B 492 -8.92 29.29 -11.06
N ALA B 493 -10.23 29.53 -11.24
CA ALA B 493 -11.00 30.29 -10.27
C ALA B 493 -12.30 29.55 -9.95
N GLN B 494 -12.91 29.93 -8.84
CA GLN B 494 -14.11 29.26 -8.38
C GLN B 494 -15.29 29.59 -9.31
N ASN B 495 -16.19 28.62 -9.45
CA ASN B 495 -17.40 28.77 -10.26
C ASN B 495 -17.07 29.04 -11.72
N SER B 496 -15.97 28.47 -12.21
CA SER B 496 -15.56 28.67 -13.59
C SER B 496 -14.69 27.51 -14.04
N THR B 497 -14.71 27.24 -15.33
CA THR B 497 -13.79 26.28 -15.90
C THR B 497 -12.40 26.92 -16.03
N PRO B 498 -11.36 26.11 -16.13
CA PRO B 498 -10.05 26.67 -16.48
C PRO B 498 -10.12 27.41 -17.82
N ILE B 499 -9.48 28.57 -17.87
CA ILE B 499 -9.43 29.39 -19.07
C ILE B 499 -7.98 29.76 -19.34
N LEU B 500 -7.51 29.49 -20.55
CA LEU B 500 -6.18 29.88 -20.98
C LEU B 500 -6.30 31.10 -21.88
N TYR B 501 -5.79 32.23 -21.42
CA TYR B 501 -5.83 33.46 -22.20
C TYR B 501 -4.55 33.62 -23.00
N THR B 502 -4.67 34.22 -24.18
CA THR B 502 -3.53 34.64 -24.97
C THR B 502 -3.73 36.11 -25.30
N ILE B 503 -2.81 36.95 -24.83
CA ILE B 503 -2.89 38.40 -25.02
C ILE B 503 -2.02 38.76 -26.20
N LEU B 504 -2.61 39.42 -27.19
CA LEU B 504 -1.93 39.79 -28.42
C LEU B 504 -1.71 41.29 -28.45
N ARG B 505 -0.55 41.70 -28.97
CA ARG B 505 -0.28 43.13 -29.13
C ARG B 505 -1.13 43.73 -30.24
N GLU B 506 -1.43 42.94 -31.28
CA GLU B 506 -2.32 43.37 -32.35
C GLU B 506 -3.18 42.18 -32.78
N GLN B 507 -4.34 42.48 -33.34
CA GLN B 507 -5.28 41.43 -33.70
C GLN B 507 -4.67 40.50 -34.73
N ASP B 508 -5.00 39.21 -34.62
CA ASP B 508 -4.49 38.20 -35.53
C ASP B 508 -5.48 37.06 -35.61
N ALA B 509 -5.63 36.49 -36.81
CA ALA B 509 -6.55 35.36 -36.96
C ALA B 509 -5.95 34.08 -36.42
N GLU B 510 -4.65 33.89 -36.56
CA GLU B 510 -3.98 32.68 -36.08
C GLU B 510 -3.79 32.68 -34.57
N GLY B 511 -4.08 33.79 -33.90
CA GLY B 511 -3.97 33.81 -32.45
C GLY B 511 -4.92 32.83 -31.78
N GLN B 512 -6.15 32.73 -32.30
CA GLN B 512 -7.10 31.77 -31.74
C GLN B 512 -6.62 30.34 -31.94
N ASP B 513 -6.04 30.02 -33.09
CA ASP B 513 -5.50 28.69 -33.30
C ASP B 513 -4.35 28.42 -32.33
N TYR B 514 -3.47 29.39 -32.12
CA TYR B 514 -2.37 29.21 -31.19
C TYR B 514 -2.88 28.97 -29.77
N CYS B 515 -3.86 29.77 -29.34
CA CYS B 515 -4.41 29.60 -28.01
C CYS B 515 -5.11 28.25 -27.87
N THR B 516 -5.84 27.82 -28.92
CA THR B 516 -6.52 26.53 -28.87
C THR B 516 -5.53 25.38 -28.77
N ARG B 517 -4.44 25.44 -29.54
CA ARG B 517 -3.42 24.41 -29.44
C ARG B 517 -2.83 24.37 -28.04
N THR B 518 -2.53 25.55 -27.48
CA THR B 518 -1.96 25.60 -26.15
C THR B 518 -2.93 25.03 -25.11
N ALA B 519 -4.21 25.37 -25.22
CA ALA B 519 -5.19 24.87 -24.25
C ALA B 519 -5.38 23.37 -24.38
N PHE B 520 -5.42 22.85 -25.60
CA PHE B 520 -5.53 21.40 -25.78
C PHE B 520 -4.34 20.69 -25.17
N THR B 521 -3.13 21.20 -25.41
CA THR B 521 -1.96 20.59 -24.82
C THR B 521 -2.00 20.67 -23.30
N LEU B 522 -2.41 21.81 -22.75
CA LEU B 522 -2.44 21.95 -21.30
C LEU B 522 -3.42 20.98 -20.66
N LYS B 523 -4.61 20.84 -21.25
CA LYS B 523 -5.60 19.92 -20.70
C LYS B 523 -5.14 18.48 -20.82
N GLN B 524 -4.62 18.10 -21.98
CA GLN B 524 -4.13 16.73 -22.15
C GLN B 524 -3.01 16.43 -21.19
N LYS B 525 -2.16 17.41 -20.89
CA LYS B 525 -1.09 17.18 -19.92
C LYS B 525 -1.63 17.11 -18.51
N LEU B 526 -2.57 17.99 -18.16
CA LEU B 526 -3.17 17.92 -16.83
C LEU B 526 -3.76 16.55 -16.57
N VAL B 527 -4.31 15.92 -17.60
CA VAL B 527 -4.89 14.59 -17.40
C VAL B 527 -3.82 13.51 -17.46
N ASN B 528 -3.16 13.37 -18.61
CA ASN B 528 -2.24 12.25 -18.83
C ASN B 528 -1.00 12.31 -17.97
N MET B 529 -0.43 13.49 -17.76
CA MET B 529 0.81 13.66 -17.02
C MET B 529 0.59 14.13 -15.60
N GLY B 530 -0.32 15.10 -15.40
CA GLY B 530 -0.59 15.57 -14.06
C GLY B 530 -1.50 14.67 -13.25
N GLY B 531 -2.11 13.68 -13.89
CA GLY B 531 -2.90 12.70 -13.18
C GLY B 531 -4.20 13.22 -12.59
N TYR B 532 -4.81 14.22 -13.21
CA TYR B 532 -6.10 14.71 -12.73
C TYR B 532 -7.19 13.69 -13.03
N THR B 533 -8.02 13.39 -12.03
CA THR B 533 -9.05 12.38 -12.16
C THR B 533 -10.46 12.96 -12.22
N GLY B 534 -10.60 14.27 -12.10
CA GLY B 534 -11.91 14.89 -12.21
C GLY B 534 -12.27 15.22 -13.64
N LYS B 535 -13.31 16.02 -13.78
CA LYS B 535 -13.73 16.50 -15.09
C LYS B 535 -13.08 17.85 -15.36
N VAL B 536 -12.29 17.94 -16.42
CA VAL B 536 -11.46 19.10 -16.69
C VAL B 536 -11.63 19.52 -18.14
N CYS B 537 -11.68 20.83 -18.36
CA CYS B 537 -11.67 21.43 -19.69
C CYS B 537 -10.97 22.77 -19.60
N VAL B 538 -10.22 23.12 -20.64
CA VAL B 538 -9.49 24.38 -20.70
C VAL B 538 -10.10 25.19 -21.84
N ARG B 539 -10.67 26.34 -21.52
CA ARG B 539 -11.27 27.20 -22.53
C ARG B 539 -10.22 28.17 -23.08
N ALA B 540 -10.04 28.15 -24.39
CA ALA B 540 -9.06 28.99 -25.05
C ALA B 540 -9.72 30.31 -25.45
N LYS B 541 -9.24 31.41 -24.88
CA LYS B 541 -9.82 32.73 -25.14
C LYS B 541 -8.70 33.72 -25.47
N VAL B 542 -8.70 34.23 -26.69
CA VAL B 542 -7.68 35.19 -27.10
C VAL B 542 -8.10 36.60 -26.69
N LEU B 543 -7.14 37.39 -26.24
CA LEU B 543 -7.34 38.80 -25.95
C LEU B 543 -6.35 39.61 -26.77
N CYS B 544 -6.77 40.83 -27.13
CA CYS B 544 -5.92 41.74 -27.89
C CYS B 544 -5.86 43.07 -27.15
N LEU B 545 -4.66 43.62 -27.02
CA LEU B 545 -4.50 44.91 -26.36
C LEU B 545 -4.92 46.06 -27.27
N SER B 546 -4.50 46.01 -28.54
CA SER B 546 -4.90 47.04 -29.48
C SER B 546 -6.39 46.89 -29.81
N PRO B 547 -7.11 48.00 -30.00
CA PRO B 547 -8.55 47.90 -30.28
C PRO B 547 -8.84 47.39 -31.69
N VAL B 558 -16.58 29.27 -35.48
CA VAL B 558 -17.08 28.16 -34.69
C VAL B 558 -17.12 28.55 -33.22
N SER B 559 -18.30 28.43 -32.62
CA SER B 559 -18.53 28.92 -31.28
C SER B 559 -17.78 28.07 -30.24
N PRO B 560 -17.54 28.61 -29.05
CA PRO B 560 -16.91 27.80 -28.00
C PRO B 560 -17.92 26.86 -27.38
N MET B 561 -17.55 25.58 -27.33
CA MET B 561 -18.45 24.55 -26.81
C MET B 561 -18.79 24.83 -25.36
N ASP B 562 -20.07 24.66 -25.01
CA ASP B 562 -20.54 24.87 -23.65
C ASP B 562 -20.54 23.54 -22.91
N TYR B 563 -19.70 23.45 -21.87
CA TYR B 563 -19.57 22.23 -21.11
C TYR B 563 -20.65 22.16 -20.02
N PRO B 564 -20.88 20.97 -19.46
CA PRO B 564 -21.84 20.87 -18.36
C PRO B 564 -21.42 21.70 -17.16
N ALA B 565 -22.29 21.74 -16.15
CA ALA B 565 -21.98 22.49 -14.94
C ALA B 565 -20.99 21.75 -14.06
N SER B 566 -20.81 20.43 -14.26
CA SER B 566 -19.89 19.68 -13.42
C SER B 566 -18.43 19.98 -13.76
N TYR B 567 -18.17 20.53 -14.94
CA TYR B 567 -16.80 20.84 -15.34
C TYR B 567 -16.29 22.14 -14.70
N SER B 568 -17.15 22.89 -14.03
CA SER B 568 -16.73 24.09 -13.32
C SER B 568 -16.08 23.71 -12.00
N LEU B 569 -15.10 24.50 -11.60
CA LEU B 569 -14.38 24.28 -10.34
C LEU B 569 -15.30 24.69 -9.20
N ALA B 570 -15.97 23.70 -8.60
CA ALA B 570 -16.98 24.01 -7.60
C ALA B 570 -16.40 24.73 -6.39
N GLY B 571 -15.23 24.31 -5.92
CA GLY B 571 -14.70 24.91 -4.71
C GLY B 571 -13.25 24.53 -4.48
N THR B 572 -12.85 24.69 -3.22
CA THR B 572 -11.45 24.61 -2.85
C THR B 572 -10.84 23.26 -3.19
N GLN B 573 -11.59 22.18 -2.95
CA GLN B 573 -11.03 20.85 -3.22
C GLN B 573 -10.70 20.69 -4.70
N HIS B 574 -11.62 21.08 -5.58
CA HIS B 574 -11.35 20.95 -7.02
C HIS B 574 -10.23 21.87 -7.45
N MET B 575 -10.22 23.11 -6.97
CA MET B 575 -9.13 24.02 -7.34
C MET B 575 -7.79 23.48 -6.89
N GLU B 576 -7.72 22.93 -5.67
CA GLU B 576 -6.47 22.44 -5.13
C GLU B 576 -6.00 21.20 -5.87
N ALA B 577 -6.92 20.29 -6.19
CA ALA B 577 -6.55 19.11 -6.96
C ALA B 577 -6.05 19.48 -8.35
N LEU B 578 -6.72 20.42 -9.00
CA LEU B 578 -6.28 20.84 -10.34
C LEU B 578 -4.91 21.51 -10.26
N LEU B 579 -4.68 22.34 -9.25
CA LEU B 579 -3.38 22.99 -9.13
C LEU B 579 -2.29 21.99 -8.76
N GLN B 580 -2.63 20.96 -8.00
CA GLN B 580 -1.65 19.92 -7.68
C GLN B 580 -1.32 19.07 -8.90
N SER B 581 -2.25 18.92 -9.84
CA SER B 581 -1.91 18.31 -11.12
C SER B 581 -1.09 19.25 -12.00
N LEU B 582 -1.39 20.55 -11.95
CA LEU B 582 -0.59 21.53 -12.68
C LEU B 582 0.84 21.55 -12.18
N VAL B 583 1.04 21.35 -10.88
CA VAL B 583 2.40 21.28 -10.34
C VAL B 583 3.16 20.14 -10.99
N ILE B 584 2.54 18.96 -11.06
CA ILE B 584 3.21 17.81 -11.65
C ILE B 584 3.45 18.04 -13.13
N VAL B 585 2.54 18.71 -13.81
CA VAL B 585 2.73 19.01 -15.23
C VAL B 585 3.92 19.96 -15.42
N LEU B 586 3.98 21.01 -14.61
CA LEU B 586 5.05 21.98 -14.74
C LEU B 586 6.41 21.37 -14.43
N LEU B 587 6.47 20.49 -13.43
CA LEU B 587 7.74 19.89 -13.06
C LEU B 587 8.30 18.96 -14.13
N GLY B 588 7.56 18.73 -15.21
CA GLY B 588 8.05 17.94 -16.32
C GLY B 588 8.65 18.74 -17.46
N PHE B 589 8.55 20.06 -17.41
CA PHE B 589 9.03 20.94 -18.46
C PHE B 589 10.02 21.94 -17.86
N ARG B 590 10.59 22.78 -18.71
CA ARG B 590 11.49 23.84 -18.30
C ARG B 590 10.74 25.17 -18.41
N SER B 591 10.67 25.90 -17.30
CA SER B 591 10.02 27.21 -17.30
C SER B 591 10.29 27.85 -15.94
N LEU B 592 9.81 29.09 -15.80
CA LEU B 592 10.04 29.81 -14.54
C LEU B 592 9.36 29.11 -13.38
N LEU B 593 8.07 28.77 -13.53
CA LEU B 593 7.36 28.10 -12.46
C LEU B 593 7.88 26.69 -12.25
N SER B 594 8.29 26.01 -13.33
CA SER B 594 8.89 24.69 -13.17
C SER B 594 10.16 24.77 -12.35
N ASP B 595 10.99 25.79 -12.57
CA ASP B 595 12.21 25.94 -11.80
C ASP B 595 11.94 26.35 -10.36
N GLN B 596 10.93 27.18 -10.12
CA GLN B 596 10.56 27.48 -8.74
C GLN B 596 10.09 26.23 -8.02
N LEU B 597 9.31 25.40 -8.70
CA LEU B 597 8.90 24.12 -8.12
C LEU B 597 10.09 23.23 -7.85
N GLY B 598 11.07 23.22 -8.75
CA GLY B 598 12.28 22.44 -8.50
C GLY B 598 13.05 22.94 -7.28
N CYS B 599 13.13 24.26 -7.12
CA CYS B 599 13.77 24.81 -5.92
C CYS B 599 13.06 24.35 -4.67
N GLU B 600 11.72 24.43 -4.66
CA GLU B 600 10.99 23.99 -3.47
C GLU B 600 11.13 22.49 -3.25
N VAL B 601 11.23 21.70 -4.32
CA VAL B 601 11.47 20.27 -4.17
C VAL B 601 12.82 20.03 -3.48
N LEU B 602 13.85 20.75 -3.93
CA LEU B 602 15.16 20.61 -3.29
C LEU B 602 15.08 20.99 -1.82
N ASN B 603 14.34 22.04 -1.50
CA ASN B 603 14.17 22.44 -0.11
C ASN B 603 13.48 21.34 0.69
N LEU B 604 12.49 20.68 0.10
CA LEU B 604 11.78 19.62 0.81
C LEU B 604 12.69 18.41 1.05
N LEU B 605 13.50 18.03 0.06
CA LEU B 605 14.49 16.98 0.28
C LEU B 605 15.46 17.36 1.39
N THR B 606 15.92 18.61 1.40
CA THR B 606 16.80 19.05 2.47
C THR B 606 16.11 18.97 3.82
N ALA B 607 14.83 19.34 3.89
CA ALA B 607 14.09 19.26 5.14
C ALA B 607 13.97 17.82 5.62
N GLN B 608 13.71 16.88 4.71
CA GLN B 608 13.63 15.49 5.09
C GLN B 608 14.95 14.99 5.64
N GLN B 609 16.04 15.26 4.92
CA GLN B 609 17.34 14.79 5.40
C GLN B 609 17.73 15.47 6.71
N TYR B 610 17.34 16.72 6.91
CA TYR B 610 17.61 17.37 8.19
C TYR B 610 16.78 16.75 9.31
N GLU B 611 15.54 16.36 9.02
CA GLU B 611 14.77 15.68 10.04
C GLU B 611 15.42 14.37 10.43
N ILE B 612 15.98 13.64 9.47
CA ILE B 612 16.73 12.44 9.79
C ILE B 612 17.97 12.78 10.60
N PHE B 613 18.66 13.87 10.25
CA PHE B 613 19.97 14.16 10.80
C PHE B 613 19.89 14.77 12.21
N SER B 614 18.83 15.51 12.50
CA SER B 614 18.75 16.29 13.72
C SER B 614 18.54 15.44 14.96
N ARG B 615 18.25 14.15 14.80
CA ARG B 615 18.09 13.29 15.97
C ARG B 615 19.41 13.07 16.69
N SER B 616 20.53 13.44 16.08
CA SER B 616 21.83 13.28 16.71
C SER B 616 22.14 14.35 17.74
N LEU B 617 21.29 15.37 17.87
CA LEU B 617 21.56 16.42 18.85
C LEU B 617 21.41 15.90 20.27
N ARG B 618 20.50 14.96 20.50
CA ARG B 618 20.34 14.37 21.83
C ARG B 618 21.41 13.33 22.14
N LYS B 619 22.14 12.87 21.13
CA LYS B 619 23.03 11.73 21.29
C LYS B 619 24.51 12.09 21.20
N ASN B 620 24.85 13.37 20.99
CA ASN B 620 26.25 13.76 20.86
C ASN B 620 26.45 15.15 21.45
N ARG B 621 27.68 15.41 21.87
CA ARG B 621 28.12 16.76 22.21
C ARG B 621 29.23 17.18 21.25
N GLU B 622 30.27 16.36 21.16
CA GLU B 622 31.23 16.50 20.08
C GLU B 622 30.76 15.66 18.89
N LEU B 623 30.80 16.25 17.70
CA LEU B 623 30.37 15.54 16.51
C LEU B 623 31.11 16.09 15.30
N PHE B 624 31.64 15.18 14.48
CA PHE B 624 32.34 15.54 13.26
C PHE B 624 31.50 15.11 12.07
N VAL B 625 30.85 16.08 11.43
CA VAL B 625 29.90 15.81 10.35
C VAL B 625 30.68 15.83 9.04
N HIS B 626 30.79 14.68 8.39
CA HIS B 626 31.49 14.56 7.11
C HIS B 626 30.46 14.61 5.99
N GLY B 627 30.36 15.76 5.34
CA GLY B 627 29.42 15.94 4.25
C GLY B 627 30.07 15.81 2.88
N LEU B 628 29.26 15.48 1.90
CA LEU B 628 29.69 15.40 0.51
C LEU B 628 29.23 16.65 -0.24
N PRO B 629 29.81 16.93 -1.40
CA PRO B 629 29.41 18.12 -2.15
C PRO B 629 27.92 18.13 -2.42
N GLY B 630 27.29 19.26 -2.19
CA GLY B 630 25.86 19.40 -2.37
C GLY B 630 25.02 18.58 -1.41
N SER B 631 25.55 18.25 -0.23
CA SER B 631 24.81 17.46 0.74
C SER B 631 24.03 18.30 1.73
N GLY B 632 23.98 19.62 1.57
CA GLY B 632 23.24 20.46 2.47
C GLY B 632 23.96 20.83 3.74
N LYS B 633 25.26 20.55 3.84
CA LYS B 633 26.03 20.73 5.06
C LYS B 633 25.69 22.04 5.77
N THR B 634 25.71 23.16 5.04
CA THR B 634 25.49 24.46 5.67
C THR B 634 24.04 24.63 6.13
N ILE B 635 23.07 24.15 5.34
CA ILE B 635 21.68 24.23 5.77
C ILE B 635 21.46 23.40 7.01
N MET B 636 22.06 22.21 7.06
CA MET B 636 21.98 21.39 8.26
C MET B 636 22.59 22.11 9.45
N ALA B 637 23.74 22.77 9.24
CA ALA B 637 24.35 23.52 10.32
C ALA B 637 23.38 24.57 10.86
N MET B 638 22.83 25.40 9.97
CA MET B 638 21.95 26.48 10.42
C MET B 638 20.73 25.92 11.16
N LYS B 639 20.12 24.88 10.61
CA LYS B 639 18.96 24.30 11.26
C LYS B 639 19.33 23.68 12.61
N ILE B 640 20.53 23.11 12.71
CA ILE B 640 20.96 22.54 13.99
C ILE B 640 21.13 23.63 15.03
N MET B 641 21.63 24.80 14.63
CA MET B 641 21.78 25.87 15.63
C MET B 641 20.42 26.43 16.02
N GLU B 642 19.47 26.51 15.08
CA GLU B 642 18.10 26.83 15.48
C GLU B 642 17.57 25.80 16.48
N LYS B 643 17.83 24.52 16.22
CA LYS B 643 17.36 23.47 17.13
C LYS B 643 18.03 23.56 18.49
N ILE B 644 19.31 23.92 18.52
CA ILE B 644 20.00 24.10 19.80
C ILE B 644 19.34 25.23 20.58
N ARG B 645 19.06 26.35 19.92
CA ARG B 645 18.30 27.40 20.58
C ARG B 645 17.01 26.84 21.16
N ASN B 646 16.24 26.12 20.34
CA ASN B 646 14.94 25.63 20.79
C ASN B 646 15.07 24.69 21.99
N VAL B 647 16.08 23.81 21.97
CA VAL B 647 16.18 22.76 22.97
C VAL B 647 16.77 23.29 24.27
N PHE B 648 17.92 23.96 24.20
CA PHE B 648 18.61 24.41 25.39
C PHE B 648 18.11 25.77 25.88
N HIS B 649 17.20 26.41 25.16
CA HIS B 649 16.63 27.68 25.61
C HIS B 649 17.68 28.77 25.74
N CYS B 650 18.87 28.54 25.19
CA CYS B 650 19.92 29.54 25.22
C CYS B 650 19.75 30.53 24.08
N GLU B 651 20.10 31.80 24.32
CA GLU B 651 19.84 32.84 23.33
C GLU B 651 20.92 32.82 22.25
N ALA B 652 20.65 33.54 21.16
CA ALA B 652 21.48 33.45 19.97
C ALA B 652 22.90 33.92 20.22
N HIS B 653 23.07 34.97 21.03
CA HIS B 653 24.41 35.44 21.34
C HIS B 653 25.24 34.40 22.07
N ARG B 654 24.61 33.38 22.66
CA ARG B 654 25.32 32.34 23.36
C ARG B 654 25.73 31.18 22.46
N ILE B 655 25.38 31.22 21.19
CA ILE B 655 25.76 30.21 20.21
C ILE B 655 26.71 30.84 19.21
N LEU B 656 27.83 30.18 18.96
CA LEU B 656 28.88 30.71 18.10
C LEU B 656 29.02 29.89 16.84
N TYR B 657 29.18 30.59 15.72
CA TYR B 657 29.44 29.97 14.42
C TYR B 657 30.77 30.46 13.89
N VAL B 658 31.63 29.52 13.50
CA VAL B 658 32.98 29.83 13.05
C VAL B 658 33.19 29.20 11.68
N CYS B 659 33.66 29.99 10.72
CA CYS B 659 33.91 29.53 9.37
C CYS B 659 35.15 30.24 8.83
N GLU B 660 35.55 29.83 7.62
CA GLU B 660 36.80 30.31 7.04
C GLU B 660 36.61 31.56 6.18
N ASN B 661 35.45 31.74 5.56
CA ASN B 661 35.27 32.75 4.52
C ASN B 661 34.32 33.85 4.97
N GLN B 662 34.72 35.09 4.69
CA GLN B 662 33.92 36.26 5.06
C GLN B 662 32.54 36.23 4.42
N PRO B 663 32.39 35.93 3.14
CA PRO B 663 31.03 35.85 2.57
C PRO B 663 30.13 34.86 3.29
N LEU B 664 30.66 33.70 3.67
CA LEU B 664 29.84 32.71 4.37
C LEU B 664 29.47 33.20 5.76
N ARG B 665 30.37 33.84 6.48
CA ARG B 665 29.96 34.38 7.78
C ARG B 665 28.90 35.37 7.57
N ASN B 666 29.16 36.27 6.64
CA ASN B 666 28.20 37.35 6.47
C ASN B 666 26.81 36.81 6.14
N PHE B 667 26.74 35.77 5.31
CA PHE B 667 25.46 35.13 5.04
C PHE B 667 24.86 34.58 6.33
N ILE B 668 25.66 33.89 7.12
CA ILE B 668 25.14 33.24 8.33
C ILE B 668 24.70 34.29 9.34
N SER B 669 25.42 35.41 9.43
CA SER B 669 25.13 36.40 10.45
C SER B 669 23.72 36.96 10.32
N ASP B 670 23.32 37.34 9.10
CA ASP B 670 22.02 37.95 8.91
C ASP B 670 20.87 37.06 9.35
N ARG B 671 21.07 35.75 9.40
CA ARG B 671 20.02 34.86 9.89
C ARG B 671 19.66 35.15 11.35
N ASN B 672 20.56 35.78 12.10
CA ASN B 672 20.35 36.12 13.50
C ASN B 672 20.21 34.89 14.39
N ILE B 673 20.54 33.71 13.87
CA ILE B 673 20.48 32.50 14.68
C ILE B 673 21.73 32.28 15.51
N CYS B 674 22.64 33.26 15.57
CA CYS B 674 23.92 33.03 16.22
C CYS B 674 24.71 34.32 16.29
N ARG B 675 25.87 34.23 16.93
CA ARG B 675 26.99 35.08 16.58
C ARG B 675 27.91 34.31 15.65
N ALA B 676 28.26 34.93 14.52
CA ALA B 676 29.06 34.28 13.49
C ALA B 676 30.38 35.01 13.32
N GLU B 677 31.46 34.25 13.29
CA GLU B 677 32.80 34.81 13.21
C GLU B 677 33.66 34.00 12.26
N THR B 678 34.77 34.61 11.85
CA THR B 678 35.76 33.93 11.04
C THR B 678 36.79 33.24 11.94
N ARG B 679 37.55 32.30 11.38
CA ARG B 679 38.56 31.60 12.15
C ARG B 679 39.49 32.57 12.85
N LYS B 680 40.00 33.56 12.11
CA LYS B 680 40.95 34.50 12.70
C LYS B 680 40.31 35.31 13.81
N THR B 681 39.08 35.82 13.58
CA THR B 681 38.41 36.58 14.61
C THR B 681 38.14 35.72 15.84
N PHE B 682 37.77 34.45 15.63
CA PHE B 682 37.55 33.54 16.74
C PHE B 682 38.83 33.34 17.55
N LEU B 683 39.96 33.13 16.86
CA LEU B 683 41.22 32.96 17.55
C LEU B 683 41.63 34.22 18.30
N ARG B 684 41.31 35.40 17.76
CA ARG B 684 41.71 36.64 18.39
C ARG B 684 40.86 36.94 19.62
N GLU B 685 39.56 37.11 19.43
CA GLU B 685 38.72 37.72 20.46
C GLU B 685 38.36 36.72 21.55
N ASN B 686 37.62 37.19 22.54
CA ASN B 686 37.20 36.39 23.68
C ASN B 686 35.75 35.94 23.51
N PHE B 687 35.49 34.68 23.84
CA PHE B 687 34.15 34.11 23.72
C PHE B 687 33.80 33.26 24.94
N GLU B 688 34.19 33.72 26.13
CA GLU B 688 34.01 32.92 27.33
C GLU B 688 32.54 32.72 27.70
N HIS B 689 31.64 33.59 27.24
CA HIS B 689 30.22 33.42 27.52
C HIS B 689 29.54 32.43 26.58
N ILE B 690 30.23 32.00 25.52
CA ILE B 690 29.63 31.09 24.56
C ILE B 690 29.46 29.71 25.20
N GLN B 691 28.28 29.13 25.05
CA GLN B 691 28.03 27.77 25.53
C GLN B 691 28.18 26.73 24.44
N HIS B 692 27.69 27.03 23.24
CA HIS B 692 27.70 26.09 22.13
C HIS B 692 28.48 26.69 20.97
N ILE B 693 29.22 25.84 20.25
CA ILE B 693 30.05 26.26 19.13
C ILE B 693 29.77 25.34 17.95
N VAL B 694 29.54 25.94 16.78
CA VAL B 694 29.37 25.21 15.53
C VAL B 694 30.43 25.72 14.56
N ILE B 695 31.12 24.81 13.89
CA ILE B 695 32.22 25.13 12.99
C ILE B 695 31.92 24.54 11.63
N ASP B 696 32.10 25.34 10.58
CA ASP B 696 31.76 24.95 9.22
C ASP B 696 33.00 25.04 8.33
N GLU B 697 32.96 24.32 7.22
CA GLU B 697 34.07 24.21 6.27
C GLU B 697 35.40 24.14 7.02
N ALA B 698 35.46 23.27 8.03
CA ALA B 698 36.67 23.15 8.83
C ALA B 698 37.87 22.72 8.00
N GLN B 699 37.67 22.00 6.90
CA GLN B 699 38.79 21.58 6.07
C GLN B 699 39.51 22.77 5.44
N ASN B 700 38.89 23.95 5.44
CA ASN B 700 39.52 25.14 4.90
C ASN B 700 40.25 25.95 5.95
N PHE B 701 40.23 25.53 7.21
CA PHE B 701 40.91 26.28 8.25
C PHE B 701 42.42 26.13 8.11
N ARG B 702 43.15 26.87 8.93
CA ARG B 702 44.62 26.83 8.91
C ARG B 702 45.15 26.90 10.33
N THR B 703 46.34 26.33 10.53
CA THR B 703 46.93 26.22 11.85
C THR B 703 47.82 27.40 12.23
N GLU B 704 48.13 28.28 11.28
CA GLU B 704 49.14 29.31 11.53
C GLU B 704 48.71 30.26 12.65
N ASP B 705 47.45 30.68 12.65
CA ASP B 705 47.01 31.75 13.53
C ASP B 705 46.72 31.28 14.95
N GLY B 706 46.57 29.99 15.19
CA GLY B 706 46.34 29.48 16.52
C GLY B 706 45.59 28.17 16.50
N ASP B 707 45.46 27.57 17.68
CA ASP B 707 44.79 26.28 17.84
C ASP B 707 43.30 26.52 18.04
N TRP B 708 42.60 26.70 16.92
CA TRP B 708 41.16 26.95 16.98
C TRP B 708 40.41 25.76 17.57
N TYR B 709 40.86 24.53 17.27
CA TYR B 709 40.22 23.36 17.85
C TYR B 709 40.30 23.43 19.37
N GLY B 710 41.51 23.66 19.90
CA GLY B 710 41.68 23.71 21.33
C GLY B 710 40.88 24.83 21.96
N LYS B 711 40.83 25.99 21.30
CA LYS B 711 40.02 27.09 21.80
C LYS B 711 38.56 26.69 21.90
N ALA B 712 38.04 26.03 20.86
CA ALA B 712 36.64 25.60 20.89
C ALA B 712 36.40 24.59 22.00
N LYS B 713 37.31 23.63 22.17
CA LYS B 713 37.15 22.65 23.24
C LYS B 713 37.16 23.33 24.60
N SER B 714 38.09 24.26 24.82
CA SER B 714 38.17 24.94 26.10
C SER B 714 36.89 25.71 26.38
N ILE B 715 36.36 26.40 25.38
CA ILE B 715 35.13 27.18 25.59
C ILE B 715 33.96 26.26 25.89
N THR B 716 33.83 25.17 25.13
CA THR B 716 32.64 24.33 25.25
C THR B 716 32.65 23.49 26.52
N ARG B 717 33.81 22.95 26.91
CA ARG B 717 33.88 22.07 28.06
C ARG B 717 33.62 22.80 29.36
N ARG B 718 33.60 24.14 29.35
CA ARG B 718 33.38 24.93 30.55
C ARG B 718 31.90 25.21 30.82
N ALA B 719 31.01 24.80 29.92
CA ALA B 719 29.61 25.18 30.05
C ALA B 719 29.02 24.61 31.35
N LYS B 720 28.17 25.41 31.99
CA LYS B 720 27.64 25.05 33.29
C LYS B 720 26.82 23.77 33.24
N GLY B 721 25.85 23.69 32.32
CA GLY B 721 25.01 22.52 32.22
C GLY B 721 25.70 21.37 31.51
N GLY B 722 26.90 21.02 31.98
CA GLY B 722 27.70 20.02 31.32
C GLY B 722 28.39 20.60 30.11
N PRO B 723 29.20 19.81 29.43
CA PRO B 723 29.86 20.30 28.22
C PRO B 723 28.85 20.73 27.17
N GLY B 724 29.18 21.80 26.46
CA GLY B 724 28.29 22.31 25.43
C GLY B 724 28.48 21.60 24.11
N ILE B 725 27.64 21.98 23.15
CA ILE B 725 27.70 21.42 21.81
C ILE B 725 28.96 21.91 21.12
N LEU B 726 29.68 20.98 20.47
CA LEU B 726 30.82 21.32 19.63
C LEU B 726 30.74 20.44 18.38
N TRP B 727 30.05 20.94 17.35
CA TRP B 727 29.89 20.23 16.09
C TRP B 727 30.76 20.88 15.03
N ILE B 728 31.53 20.06 14.32
CA ILE B 728 32.52 20.54 13.36
C ILE B 728 32.17 19.92 12.01
N PHE B 729 31.53 20.72 11.16
CA PHE B 729 31.20 20.29 9.80
C PHE B 729 32.42 20.45 8.91
N LEU B 730 32.54 19.58 7.92
CA LEU B 730 33.67 19.64 7.01
C LEU B 730 33.35 18.81 5.78
N ASP B 731 34.12 19.04 4.71
CA ASP B 731 33.98 18.30 3.47
C ASP B 731 35.34 18.25 2.80
N TYR B 732 35.94 17.07 2.75
CA TYR B 732 37.28 16.94 2.20
C TYR B 732 37.32 17.04 0.68
N PHE B 733 36.21 16.73 0.00
CA PHE B 733 36.17 16.95 -1.44
C PHE B 733 36.29 18.42 -1.79
N GLN B 734 35.96 19.32 -0.86
CA GLN B 734 36.03 20.76 -1.09
C GLN B 734 37.23 21.40 -0.40
N THR B 735 38.34 20.67 -0.34
CA THR B 735 39.57 21.24 0.20
C THR B 735 40.08 22.32 -0.74
N SER B 736 40.71 23.35 -0.15
CA SER B 736 41.16 24.50 -0.90
C SER B 736 42.62 24.86 -0.70
N HIS B 737 43.39 24.04 0.03
CA HIS B 737 44.81 24.31 0.20
C HIS B 737 45.50 23.01 0.61
N LEU B 738 46.82 23.01 0.46
CA LEU B 738 47.63 21.81 0.62
C LEU B 738 48.22 21.66 2.02
N ASP B 739 47.79 22.45 2.98
CA ASP B 739 48.32 22.43 4.33
C ASP B 739 47.32 21.82 5.29
N CYS B 740 47.82 21.45 6.47
CA CYS B 740 46.95 20.93 7.52
C CYS B 740 46.04 22.02 8.04
N SER B 741 44.80 21.65 8.36
CA SER B 741 43.78 22.60 8.77
C SER B 741 43.60 22.71 10.27
N GLY B 742 44.40 21.99 11.06
CA GLY B 742 44.24 21.99 12.49
C GLY B 742 43.22 21.01 13.00
N LEU B 743 42.59 20.24 12.12
CA LEU B 743 41.66 19.22 12.56
C LEU B 743 42.44 18.07 13.21
N PRO B 744 41.79 17.31 14.08
CA PRO B 744 42.46 16.16 14.69
C PRO B 744 42.69 15.08 13.66
N PRO B 745 43.61 14.15 13.91
CA PRO B 745 43.82 13.07 12.93
C PRO B 745 42.52 12.39 12.58
N LEU B 746 42.48 11.68 11.46
CA LEU B 746 41.22 11.09 11.00
C LEU B 746 40.65 10.15 12.04
N SER B 747 41.48 9.29 12.62
CA SER B 747 41.01 8.33 13.61
C SER B 747 40.46 8.99 14.87
N ASP B 748 40.81 10.26 15.11
CA ASP B 748 40.37 10.96 16.30
C ASP B 748 39.11 11.79 16.09
N GLN B 749 38.54 11.78 14.89
CA GLN B 749 37.33 12.55 14.59
C GLN B 749 36.10 11.67 14.82
N TYR B 750 35.77 11.48 16.10
CA TYR B 750 34.59 10.72 16.48
C TYR B 750 33.91 11.40 17.65
N PRO B 751 32.58 11.25 17.78
CA PRO B 751 31.66 10.51 16.90
C PRO B 751 31.45 11.23 15.57
N ARG B 752 30.92 10.53 14.56
CA ARG B 752 30.77 11.09 13.23
C ARG B 752 29.33 11.02 12.79
N GLU B 753 29.00 11.86 11.81
CA GLU B 753 27.78 11.75 11.03
C GLU B 753 28.13 12.03 9.58
N GLU B 754 27.56 11.23 8.67
CA GLU B 754 27.87 11.33 7.25
C GLU B 754 26.64 11.81 6.51
N LEU B 755 26.78 12.93 5.81
CA LEU B 755 25.73 13.46 4.95
C LEU B 755 26.10 13.08 3.52
N THR B 756 25.51 11.98 3.05
CA THR B 756 25.86 11.40 1.77
C THR B 756 24.83 11.66 0.67
N ARG B 757 23.65 12.15 1.02
CA ARG B 757 22.60 12.37 0.04
C ARG B 757 22.72 13.77 -0.52
N ILE B 758 22.82 13.88 -1.84
CA ILE B 758 22.86 15.19 -2.49
C ILE B 758 21.44 15.72 -2.60
N VAL B 759 21.19 16.86 -1.97
CA VAL B 759 19.83 17.38 -1.85
C VAL B 759 19.76 18.85 -2.24
N ARG B 760 20.88 19.42 -2.68
CA ARG B 760 20.95 20.84 -2.99
C ARG B 760 21.25 21.14 -4.45
N ASN B 761 21.29 20.14 -5.32
CA ASN B 761 21.59 20.34 -6.72
C ASN B 761 20.65 19.52 -7.58
N ALA B 762 20.31 20.05 -8.76
CA ALA B 762 19.45 19.34 -9.69
C ALA B 762 20.18 18.15 -10.30
N ASP B 763 19.40 17.24 -10.88
CA ASP B 763 19.96 15.96 -11.32
C ASP B 763 21.18 16.08 -12.20
N PRO B 764 21.22 16.95 -13.23
CA PRO B 764 22.45 17.04 -14.03
C PRO B 764 23.67 17.44 -13.21
N ILE B 765 23.52 18.42 -12.33
CA ILE B 765 24.66 18.85 -11.52
C ILE B 765 25.05 17.77 -10.52
N ALA B 766 24.07 17.06 -9.98
CA ALA B 766 24.37 15.97 -9.05
C ALA B 766 25.16 14.87 -9.74
N LYS B 767 24.76 14.49 -10.95
CA LYS B 767 25.51 13.50 -11.69
C LYS B 767 26.90 14.01 -12.05
N TYR B 768 27.01 15.31 -12.35
CA TYR B 768 28.33 15.90 -12.60
C TYR B 768 29.23 15.79 -11.38
N LEU B 769 28.69 16.10 -10.21
CA LEU B 769 29.47 15.99 -8.97
C LEU B 769 29.87 14.54 -8.72
N GLN B 770 28.94 13.61 -8.94
CA GLN B 770 29.27 12.20 -8.74
C GLN B 770 30.37 11.75 -9.68
N LYS B 771 30.34 12.21 -10.93
CA LYS B 771 31.40 11.86 -11.87
C LYS B 771 32.74 12.46 -11.45
N GLU B 772 32.74 13.73 -11.03
CA GLU B 772 33.98 14.40 -10.69
C GLU B 772 34.61 13.88 -9.41
N MET B 773 33.80 13.48 -8.43
CA MET B 773 34.37 13.01 -7.16
C MET B 773 35.29 11.82 -7.38
N GLN B 774 35.04 11.03 -8.43
CA GLN B 774 35.97 9.95 -8.78
C GLN B 774 37.34 10.50 -9.15
N VAL B 775 37.38 11.69 -9.78
CA VAL B 775 38.67 12.29 -10.12
C VAL B 775 39.45 12.61 -8.85
N ILE B 776 38.78 13.08 -7.80
CA ILE B 776 39.47 13.36 -6.55
C ILE B 776 39.90 12.06 -5.88
N ARG B 777 39.04 11.05 -5.90
CA ARG B 777 39.39 9.77 -5.31
C ARG B 777 40.59 9.14 -6.00
N SER B 778 40.73 9.37 -7.31
CA SER B 778 41.85 8.80 -8.05
C SER B 778 43.18 9.46 -7.71
N ASN B 779 43.17 10.69 -7.20
CA ASN B 779 44.40 11.42 -6.95
C ASN B 779 44.20 12.45 -5.85
N PRO B 780 44.06 12.03 -4.59
CA PRO B 780 43.91 12.99 -3.50
C PRO B 780 45.21 13.70 -3.17
N SER B 781 45.10 14.90 -2.62
CA SER B 781 46.28 15.66 -2.24
C SER B 781 46.99 14.98 -1.08
N PHE B 782 48.28 15.28 -0.93
CA PHE B 782 49.08 14.63 0.10
C PHE B 782 48.66 15.02 1.51
N ASN B 783 48.18 16.26 1.70
CA ASN B 783 47.77 16.70 3.02
C ASN B 783 46.43 16.12 3.47
N ILE B 784 45.59 15.71 2.53
CA ILE B 784 44.29 15.13 2.85
C ILE B 784 44.53 13.81 3.59
N PRO B 785 43.78 13.51 4.64
CA PRO B 785 43.95 12.21 5.31
C PRO B 785 43.79 11.06 4.32
N THR B 786 44.43 9.93 4.63
CA THR B 786 44.50 8.83 3.68
C THR B 786 43.11 8.27 3.37
N GLY B 787 42.34 7.96 4.41
CA GLY B 787 41.09 7.25 4.26
C GLY B 787 39.82 8.07 4.39
N CYS B 788 39.90 9.39 4.25
CA CYS B 788 38.73 10.23 4.45
C CYS B 788 37.90 10.42 3.18
N LEU B 789 38.35 9.89 2.03
CA LEU B 789 37.57 9.97 0.80
C LEU B 789 36.78 8.70 0.54
N GLU B 790 36.75 7.76 1.50
CA GLU B 790 36.02 6.51 1.31
C GLU B 790 34.51 6.68 1.43
N VAL B 791 34.03 7.88 1.73
CA VAL B 791 32.59 8.12 1.81
C VAL B 791 32.01 8.13 0.40
N PHE B 792 30.88 7.45 0.23
CA PHE B 792 30.21 7.38 -1.07
C PHE B 792 28.76 7.80 -0.94
N PRO B 793 28.16 8.37 -1.98
CA PRO B 793 26.75 8.77 -1.90
C PRO B 793 25.84 7.55 -1.84
N GLU B 794 24.61 7.79 -1.38
CA GLU B 794 23.61 6.73 -1.38
C GLU B 794 23.40 6.23 -2.81
N ALA B 795 23.31 4.91 -2.96
CA ALA B 795 23.42 4.31 -4.29
C ALA B 795 22.29 4.76 -5.20
N GLU B 796 21.05 4.63 -4.76
CA GLU B 796 19.88 4.87 -5.60
C GLU B 796 19.24 6.23 -5.34
N TRP B 797 19.90 7.11 -4.60
CA TRP B 797 19.33 8.41 -4.31
C TRP B 797 19.40 9.30 -5.55
N SER B 798 18.27 9.89 -5.91
CA SER B 798 18.20 10.85 -7.00
C SER B 798 17.19 11.93 -6.63
N GLN B 799 17.33 13.09 -7.26
CA GLN B 799 16.52 14.24 -6.89
C GLN B 799 15.28 14.37 -7.78
N GLY B 800 15.37 13.89 -9.02
CA GLY B 800 14.26 14.08 -9.93
C GLY B 800 13.94 15.54 -10.20
N VAL B 801 14.93 16.41 -10.12
CA VAL B 801 14.76 17.84 -10.38
C VAL B 801 15.60 18.17 -11.60
N GLN B 802 14.96 18.83 -12.58
CA GLN B 802 15.62 19.12 -13.84
C GLN B 802 16.51 20.35 -13.71
N GLY B 803 17.62 20.33 -14.44
CA GLY B 803 18.54 21.44 -14.45
C GLY B 803 19.27 21.51 -15.77
N THR B 804 20.22 22.44 -15.85
CA THR B 804 21.01 22.67 -17.04
C THR B 804 22.49 22.56 -16.70
N LEU B 805 23.22 21.77 -17.48
CA LEU B 805 24.67 21.71 -17.42
C LEU B 805 25.23 21.82 -18.83
N ARG B 806 26.14 22.76 -19.04
CA ARG B 806 26.72 23.00 -20.35
C ARG B 806 28.18 23.38 -20.19
N ILE B 807 29.03 22.85 -21.08
CA ILE B 807 30.44 23.19 -21.15
C ILE B 807 30.72 23.74 -22.54
N LYS B 808 31.25 24.96 -22.59
CA LYS B 808 31.61 25.61 -23.85
C LYS B 808 33.08 26.02 -23.78
N LYS B 809 33.86 25.58 -24.77
CA LYS B 809 35.30 25.81 -24.76
C LYS B 809 35.77 26.20 -26.15
N TYR B 810 37.04 26.57 -26.24
CA TYR B 810 37.69 27.14 -27.42
C TYR B 810 37.27 28.58 -27.66
N LEU B 811 36.47 29.17 -26.77
CA LEU B 811 35.96 30.51 -26.97
C LEU B 811 36.84 31.54 -26.27
N THR B 812 36.90 32.73 -26.85
CA THR B 812 37.64 33.83 -26.27
C THR B 812 36.86 34.46 -25.11
N VAL B 813 37.53 35.34 -24.38
CA VAL B 813 36.90 35.96 -23.21
C VAL B 813 35.71 36.81 -23.64
N GLU B 814 35.84 37.55 -24.74
CA GLU B 814 34.73 38.34 -25.24
C GLU B 814 33.53 37.45 -25.58
N GLN B 815 33.78 36.31 -26.21
CA GLN B 815 32.68 35.41 -26.55
C GLN B 815 32.04 34.81 -25.31
N ILE B 816 32.86 34.39 -24.34
CA ILE B 816 32.32 33.94 -23.06
C ILE B 816 31.41 34.99 -22.47
N MET B 817 31.87 36.25 -22.52
CA MET B 817 31.17 37.27 -21.76
C MET B 817 29.87 37.65 -22.45
N THR B 818 29.89 37.69 -23.78
CA THR B 818 28.65 37.91 -24.53
C THR B 818 27.68 36.77 -24.33
N CYS B 819 28.17 35.53 -24.26
CA CYS B 819 27.27 34.40 -24.02
C CYS B 819 26.64 34.49 -22.64
N VAL B 820 27.43 34.89 -21.64
CA VAL B 820 26.87 35.08 -20.29
C VAL B 820 25.80 36.16 -20.32
N ALA B 821 26.08 37.27 -21.00
CA ALA B 821 25.11 38.35 -21.08
C ALA B 821 23.83 37.89 -21.77
N ASP B 822 23.96 37.12 -22.85
CA ASP B 822 22.79 36.65 -23.59
C ASP B 822 21.95 35.71 -22.73
N THR B 823 22.61 34.77 -22.03
CA THR B 823 21.86 33.83 -21.19
C THR B 823 21.15 34.57 -20.07
N CYS B 824 21.82 35.52 -19.43
CA CYS B 824 21.18 36.30 -18.38
C CYS B 824 20.00 37.09 -18.93
N ARG B 825 20.15 37.67 -20.12
CA ARG B 825 19.06 38.43 -20.74
C ARG B 825 17.86 37.53 -20.98
N ARG B 826 18.10 36.34 -21.52
CA ARG B 826 16.99 35.42 -21.78
C ARG B 826 16.31 35.03 -20.47
N PHE B 827 17.08 34.72 -19.44
CA PHE B 827 16.48 34.34 -18.17
C PHE B 827 15.64 35.47 -17.61
N PHE B 828 16.16 36.70 -17.65
CA PHE B 828 15.42 37.83 -17.10
C PHE B 828 14.16 38.12 -17.92
N ASP B 829 14.23 37.94 -19.23
CA ASP B 829 13.02 38.07 -20.05
C ASP B 829 11.98 37.03 -19.68
N ARG B 830 12.42 35.78 -19.47
CA ARG B 830 11.50 34.74 -19.03
C ARG B 830 10.92 35.03 -17.65
N GLY B 831 11.63 35.75 -16.81
CA GLY B 831 11.12 36.14 -15.51
C GLY B 831 12.02 35.83 -14.33
N TYR B 832 13.22 35.31 -14.57
CA TYR B 832 14.13 35.02 -13.48
C TYR B 832 14.67 36.30 -12.89
N SER B 833 14.78 36.33 -11.57
CA SER B 833 15.35 37.49 -10.91
C SER B 833 16.87 37.49 -11.02
N PRO B 834 17.50 38.66 -10.98
CA PRO B 834 18.97 38.69 -11.02
C PRO B 834 19.62 37.97 -9.85
N LYS B 835 18.94 37.88 -8.70
CA LYS B 835 19.52 37.26 -7.52
C LYS B 835 19.56 35.74 -7.66
N ASP B 836 19.17 35.21 -8.82
CA ASP B 836 19.33 33.80 -9.11
C ASP B 836 20.62 33.49 -9.86
N VAL B 837 21.44 34.50 -10.14
CA VAL B 837 22.62 34.36 -10.98
C VAL B 837 23.86 34.73 -10.18
N ALA B 838 24.95 33.99 -10.42
CA ALA B 838 26.24 34.29 -9.84
C ALA B 838 27.32 33.87 -10.81
N VAL B 839 28.33 34.72 -10.97
CA VAL B 839 29.45 34.47 -11.87
C VAL B 839 30.67 34.19 -11.02
N LEU B 840 31.27 33.01 -11.20
CA LEU B 840 32.36 32.55 -10.36
C LEU B 840 33.62 32.41 -11.20
N VAL B 841 34.70 33.02 -10.73
CA VAL B 841 35.97 33.00 -11.44
C VAL B 841 37.01 32.26 -10.61
N SER B 842 38.21 32.11 -11.18
CA SER B 842 39.23 31.27 -10.56
C SER B 842 39.77 31.90 -9.29
N THR B 843 40.10 33.20 -9.34
CA THR B 843 40.74 33.85 -8.20
C THR B 843 40.36 35.33 -8.19
N ALA B 844 40.48 35.95 -7.01
CA ALA B 844 40.10 37.35 -6.86
C ALA B 844 40.89 38.25 -7.78
N LYS B 845 42.15 37.90 -8.07
CA LYS B 845 42.97 38.75 -8.92
C LYS B 845 42.41 38.88 -10.33
N GLU B 846 41.52 37.99 -10.74
CA GLU B 846 40.81 38.12 -12.01
C GLU B 846 39.41 38.72 -11.85
N VAL B 847 38.93 38.87 -10.62
CA VAL B 847 37.57 39.34 -10.40
C VAL B 847 37.41 40.77 -10.92
N GLU B 848 38.38 41.63 -10.63
CA GLU B 848 38.27 43.03 -11.06
C GLU B 848 38.36 43.17 -12.57
N HIS B 849 39.11 42.30 -13.24
CA HIS B 849 39.13 42.30 -14.71
C HIS B 849 37.79 41.84 -15.27
N TYR B 850 37.28 40.71 -14.75
CA TYR B 850 36.04 40.17 -15.28
C TYR B 850 34.85 41.07 -14.99
N LYS B 851 34.90 41.83 -13.89
CA LYS B 851 33.79 42.74 -13.60
C LYS B 851 33.66 43.80 -14.69
N TYR B 852 34.78 44.42 -15.08
CA TYR B 852 34.75 45.39 -16.15
C TYR B 852 34.38 44.74 -17.47
N GLU B 853 34.96 43.57 -17.76
CA GLU B 853 34.66 42.89 -19.02
C GLU B 853 33.19 42.46 -19.07
N LEU B 854 32.54 42.33 -17.91
CA LEU B 854 31.14 41.93 -17.88
C LEU B 854 30.21 43.11 -17.96
N LEU B 855 30.56 44.23 -17.33
CA LEU B 855 29.75 45.43 -17.53
C LEU B 855 29.84 45.89 -18.98
N LYS B 856 30.99 45.67 -19.63
CA LYS B 856 31.12 45.99 -21.04
C LYS B 856 30.08 45.25 -21.88
N ALA B 857 29.99 43.93 -21.71
CA ALA B 857 29.10 43.13 -22.55
C ALA B 857 27.66 43.11 -22.05
N MET B 858 27.42 43.55 -20.82
CA MET B 858 26.07 43.54 -20.27
C MET B 858 25.40 44.91 -20.38
N ARG B 859 26.18 45.97 -20.62
CA ARG B 859 25.55 47.26 -20.91
C ARG B 859 24.69 47.17 -22.15
N LYS B 860 25.02 46.25 -23.06
CA LYS B 860 24.21 46.01 -24.24
C LYS B 860 22.98 45.15 -23.95
N LYS B 861 22.88 44.57 -22.75
CA LYS B 861 21.73 43.77 -22.34
C LYS B 861 20.94 44.44 -21.22
N ARG B 862 21.24 45.70 -20.91
CA ARG B 862 20.40 46.58 -20.11
C ARG B 862 20.43 46.29 -18.62
N VAL B 863 21.49 45.67 -18.10
CA VAL B 863 21.71 45.57 -16.66
C VAL B 863 23.19 45.84 -16.39
N VAL B 864 23.45 46.76 -15.47
CA VAL B 864 24.81 47.26 -15.25
C VAL B 864 25.19 47.21 -13.78
N GLN B 865 24.60 46.28 -13.02
CA GLN B 865 24.81 46.24 -11.58
C GLN B 865 25.31 44.85 -11.18
N LEU B 866 26.42 44.82 -10.43
CA LEU B 866 26.99 43.59 -9.90
C LEU B 866 27.41 43.83 -8.46
N SER B 867 28.06 42.82 -7.87
CA SER B 867 28.63 42.94 -6.54
C SER B 867 29.42 41.69 -6.20
N ASP B 868 30.16 41.79 -5.10
CA ASP B 868 30.89 40.63 -4.57
C ASP B 868 29.97 39.80 -3.68
N ALA B 869 30.50 38.68 -3.20
CA ALA B 869 29.70 37.72 -2.44
C ALA B 869 29.36 38.19 -1.03
N CYS B 870 29.69 39.43 -0.66
CA CYS B 870 29.41 39.93 0.67
C CYS B 870 28.07 40.67 0.77
N ASP B 871 27.31 40.77 -0.33
CA ASP B 871 26.05 41.48 -0.35
C ASP B 871 25.00 40.63 -1.08
N MET B 872 24.91 39.35 -0.69
CA MET B 872 24.03 38.41 -1.36
C MET B 872 22.60 38.93 -1.48
N LEU B 873 22.06 39.56 -0.44
CA LEU B 873 20.65 39.94 -0.42
C LEU B 873 20.27 40.89 -1.54
N GLY B 874 21.22 41.67 -2.06
CA GLY B 874 20.89 42.60 -3.12
C GLY B 874 20.43 41.88 -4.38
N ASP B 875 19.48 42.51 -5.07
CA ASP B 875 18.93 41.95 -6.31
C ASP B 875 19.87 42.28 -7.47
N HIS B 876 20.94 41.50 -7.57
CA HIS B 876 22.01 41.78 -8.50
C HIS B 876 22.91 40.57 -8.64
N ILE B 877 23.54 40.44 -9.80
CA ILE B 877 24.38 39.28 -10.09
C ILE B 877 25.66 39.34 -9.29
N VAL B 878 26.00 38.24 -8.63
CA VAL B 878 27.21 38.18 -7.81
C VAL B 878 28.35 37.68 -8.68
N LEU B 879 29.40 38.49 -8.78
CA LEU B 879 30.64 38.10 -9.44
C LEU B 879 31.72 37.99 -8.36
N ASP B 880 32.30 36.80 -8.22
CA ASP B 880 33.29 36.57 -7.18
C ASP B 880 34.14 35.37 -7.58
N SER B 881 35.08 35.03 -6.71
CA SER B 881 35.92 33.86 -6.93
C SER B 881 35.20 32.60 -6.45
N VAL B 882 35.62 31.47 -6.99
CA VAL B 882 35.00 30.19 -6.60
C VAL B 882 35.20 29.95 -5.12
N ARG B 883 36.43 30.17 -4.63
CA ARG B 883 36.72 29.88 -3.22
C ARG B 883 35.93 30.80 -2.29
N ARG B 884 35.84 32.09 -2.63
CA ARG B 884 35.14 33.02 -1.75
C ARG B 884 33.65 32.74 -1.67
N PHE B 885 33.12 31.95 -2.60
CA PHE B 885 31.71 31.58 -2.58
C PHE B 885 31.44 30.32 -1.79
N SER B 886 32.42 29.82 -1.03
CA SER B 886 32.24 28.59 -0.28
C SER B 886 31.07 28.73 0.68
N GLY B 887 30.22 27.70 0.72
CA GLY B 887 29.06 27.70 1.57
C GLY B 887 27.86 28.44 1.02
N LEU B 888 28.02 29.17 -0.08
CA LEU B 888 26.92 29.86 -0.72
C LEU B 888 26.45 29.09 -1.95
N GLU B 889 25.28 29.45 -2.44
CA GLU B 889 24.69 28.76 -3.58
C GLU B 889 23.69 29.67 -4.28
N ARG B 890 23.63 29.53 -5.60
CA ARG B 890 22.71 30.32 -6.42
C ARG B 890 22.10 29.41 -7.48
N SER B 891 20.89 29.79 -7.94
CA SER B 891 20.17 28.95 -8.89
C SER B 891 20.91 28.82 -10.21
N ILE B 892 21.45 29.93 -10.72
CA ILE B 892 22.15 29.95 -12.00
C ILE B 892 23.59 30.38 -11.72
N VAL B 893 24.54 29.64 -12.29
CA VAL B 893 25.96 29.87 -12.07
C VAL B 893 26.68 29.89 -13.40
N PHE B 894 27.60 30.82 -13.56
CA PHE B 894 28.46 30.91 -14.73
C PHE B 894 29.90 30.72 -14.27
N GLY B 895 30.45 29.54 -14.50
CA GLY B 895 31.82 29.26 -14.14
C GLY B 895 32.78 29.60 -15.26
N ILE B 896 33.71 30.52 -15.01
CA ILE B 896 34.58 31.07 -16.03
C ILE B 896 36.02 30.64 -15.74
N HIS B 897 36.61 29.90 -16.68
CA HIS B 897 38.02 29.53 -16.67
C HIS B 897 38.47 29.03 -15.29
N PRO B 898 38.08 27.83 -14.89
CA PRO B 898 38.66 27.23 -13.68
C PRO B 898 40.16 27.15 -13.82
N ARG B 899 40.87 27.51 -12.75
CA ARG B 899 42.31 27.73 -12.86
C ARG B 899 42.93 27.82 -11.48
N THR B 900 44.15 27.30 -11.36
CA THR B 900 44.95 27.45 -10.15
C THR B 900 46.41 27.26 -10.53
N ALA B 901 47.29 27.72 -9.65
CA ALA B 901 48.73 27.71 -9.96
C ALA B 901 49.33 26.31 -9.92
N ASP B 902 48.78 25.40 -9.13
CA ASP B 902 49.39 24.09 -8.91
C ASP B 902 48.39 23.01 -9.28
N PRO B 903 48.76 22.04 -10.14
CA PRO B 903 47.84 20.93 -10.43
C PRO B 903 47.50 20.11 -9.20
N ALA B 904 48.31 20.21 -8.15
CA ALA B 904 48.00 19.53 -6.90
C ALA B 904 46.70 20.02 -6.28
N ILE B 905 46.32 21.26 -6.56
CA ILE B 905 45.09 21.84 -6.02
C ILE B 905 43.97 21.86 -7.05
N LEU B 906 44.33 21.77 -8.33
CA LEU B 906 43.38 21.97 -9.41
C LEU B 906 42.16 21.06 -9.34
N PRO B 907 42.27 19.77 -9.01
CA PRO B 907 41.09 18.88 -9.12
C PRO B 907 39.86 19.36 -8.35
N ASN B 908 40.05 19.93 -7.15
CA ASN B 908 38.91 20.25 -6.30
C ASN B 908 38.16 21.50 -6.75
N VAL B 909 38.76 22.32 -7.61
CA VAL B 909 38.12 23.57 -8.00
C VAL B 909 36.83 23.31 -8.75
N LEU B 910 36.82 22.34 -9.67
CA LEU B 910 35.63 22.10 -10.46
C LEU B 910 34.46 21.64 -9.59
N ILE B 911 34.73 20.76 -8.62
CA ILE B 911 33.67 20.33 -7.70
C ILE B 911 33.21 21.51 -6.84
N CYS B 912 34.16 22.24 -6.27
CA CYS B 912 33.79 23.38 -5.43
C CYS B 912 32.97 24.40 -6.20
N LEU B 913 33.13 24.43 -7.53
CA LEU B 913 32.33 25.32 -8.35
C LEU B 913 30.94 24.73 -8.61
N ALA B 914 30.90 23.52 -9.16
CA ALA B 914 29.62 22.93 -9.55
C ALA B 914 28.69 22.75 -8.36
N SER B 915 29.24 22.60 -7.16
CA SER B 915 28.39 22.45 -5.98
C SER B 915 27.61 23.72 -5.67
N ARG B 916 28.05 24.87 -6.18
CA ARG B 916 27.38 26.13 -5.88
C ARG B 916 26.09 26.32 -6.67
N ALA B 917 25.95 25.62 -7.79
CA ALA B 917 24.83 25.83 -8.71
C ALA B 917 23.71 24.87 -8.35
N LYS B 918 22.52 25.43 -8.09
CA LYS B 918 21.38 24.58 -7.72
C LYS B 918 20.79 23.93 -8.97
N GLN B 919 20.49 24.71 -10.01
CA GLN B 919 19.77 24.20 -11.16
C GLN B 919 20.55 24.32 -12.47
N HIS B 920 21.07 25.51 -12.76
CA HIS B 920 21.64 25.82 -14.07
C HIS B 920 23.13 26.13 -13.91
N LEU B 921 23.96 25.41 -14.66
CA LEU B 921 25.40 25.54 -14.56
C LEU B 921 26.00 25.67 -15.95
N TYR B 922 26.82 26.71 -16.14
CA TYR B 922 27.55 26.92 -17.38
C TYR B 922 29.03 27.07 -17.05
N ILE B 923 29.85 26.23 -17.66
CA ILE B 923 31.29 26.18 -17.40
C ILE B 923 32.01 26.57 -18.68
N PHE B 924 33.10 27.34 -18.54
CA PHE B 924 33.89 27.83 -19.66
C PHE B 924 35.36 27.50 -19.41
N PRO B 925 35.80 26.28 -19.70
CA PRO B 925 37.19 25.92 -19.47
C PRO B 925 38.12 26.45 -20.55
N TRP B 926 39.41 26.43 -20.24
CA TRP B 926 40.42 26.86 -21.20
C TRP B 926 40.42 25.95 -22.43
N GLY B 927 40.74 26.53 -23.58
CA GLY B 927 40.79 25.78 -24.82
C GLY B 927 41.14 26.65 -26.01
ZN ZN D . -27.70 10.53 6.68
MN MN E . -40.97 5.12 -17.71
ZN ZN F . 3.83 -18.43 -22.05
MN MN G . -22.53 -28.38 -26.55
MN MN H . -23.13 -27.03 -24.10
MG MG I . -39.89 -18.35 -21.90
MG MG J . -46.98 -18.59 -34.44
MG MG K . -46.57 -27.09 -32.55
MG MG L . -47.52 -13.10 -18.70
#